data_8AEJ
# 
_entry.id   8AEJ 
# 
_audit_conform.dict_name       mmcif_pdbx.dic 
_audit_conform.dict_version    5.397 
_audit_conform.dict_location   http://mmcif.pdb.org/dictionaries/ascii/mmcif_pdbx.dic 
# 
loop_
_database_2.database_id 
_database_2.database_code 
_database_2.pdbx_database_accession 
_database_2.pdbx_DOI 
PDB   8AEJ         pdb_00008aej 10.2210/pdb8aej/pdb 
WWPDB D_1292124230 ?            ?                   
# 
loop_
_pdbx_audit_revision_history.ordinal 
_pdbx_audit_revision_history.data_content_type 
_pdbx_audit_revision_history.major_revision 
_pdbx_audit_revision_history.minor_revision 
_pdbx_audit_revision_history.revision_date 
1 'Structure model' 1 0 2023-08-16 
2 'Structure model' 1 1 2024-10-23 
# 
_pdbx_audit_revision_details.ordinal             1 
_pdbx_audit_revision_details.revision_ordinal    1 
_pdbx_audit_revision_details.data_content_type   'Structure model' 
_pdbx_audit_revision_details.provider            repository 
_pdbx_audit_revision_details.type                'Initial release' 
_pdbx_audit_revision_details.description         ? 
_pdbx_audit_revision_details.details             ? 
# 
_pdbx_audit_revision_group.ordinal             1 
_pdbx_audit_revision_group.revision_ordinal    2 
_pdbx_audit_revision_group.data_content_type   'Structure model' 
_pdbx_audit_revision_group.group               'Structure summary' 
# 
loop_
_pdbx_audit_revision_category.ordinal 
_pdbx_audit_revision_category.revision_ordinal 
_pdbx_audit_revision_category.data_content_type 
_pdbx_audit_revision_category.category 
1 2 'Structure model' pdbx_entry_details        
2 2 'Structure model' pdbx_modification_feature 
# 
_pdbx_audit_revision_item.ordinal             1 
_pdbx_audit_revision_item.revision_ordinal    2 
_pdbx_audit_revision_item.data_content_type   'Structure model' 
_pdbx_audit_revision_item.item                '_pdbx_entry_details.has_protein_modification' 
# 
_pdbx_database_status.status_code                     REL 
_pdbx_database_status.status_code_sf                  REL 
_pdbx_database_status.status_code_mr                  ? 
_pdbx_database_status.entry_id                        8AEJ 
_pdbx_database_status.recvd_initial_deposition_date   2022-07-13 
_pdbx_database_status.SG_entry                        N 
_pdbx_database_status.deposit_site                    PDBE 
_pdbx_database_status.process_site                    PDBE 
_pdbx_database_status.status_code_cs                  ? 
_pdbx_database_status.status_code_nmr_data            ? 
_pdbx_database_status.methods_development_category    ? 
_pdbx_database_status.pdb_format_compatible           Y 
# 
_pdbx_contact_author.id                 2 
_pdbx_contact_author.email              loic.briand@inrae.fr 
_pdbx_contact_author.name_first         Loic 
_pdbx_contact_author.name_last          Briand 
_pdbx_contact_author.name_mi            ? 
_pdbx_contact_author.role               'principal investigator/group leader' 
_pdbx_contact_author.identifier_ORCID   0000-0002-8175-5936 
# 
loop_
_audit_author.name 
_audit_author.pdbx_ordinal 
_audit_author.identifier_ORCID 
'Schwartz, M.' 1 ? 
'Briand, L.'   2 ? 
# 
_citation.abstract                  ? 
_citation.abstract_id_CAS           ? 
_citation.book_id_ISBN              ? 
_citation.book_publisher            ? 
_citation.book_publisher_city       ? 
_citation.book_title                ? 
_citation.coordinate_linkage        ? 
_citation.country                   ? 
_citation.database_id_Medline       ? 
_citation.details                   ? 
_citation.id                        primary 
_citation.journal_abbrev            'To Be Published' 
_citation.journal_id_ASTM           ? 
_citation.journal_id_CSD            0353 
_citation.journal_id_ISSN           ? 
_citation.journal_full              ? 
_citation.journal_issue             ? 
_citation.journal_volume            ? 
_citation.language                  ? 
_citation.page_first                ? 
_citation.page_last                 ? 
_citation.title                     'Structure of dog odorant binding protein' 
_citation.year                      ? 
_citation.database_id_CSD           ? 
_citation.pdbx_database_id_DOI      ? 
_citation.pdbx_database_id_PubMed   ? 
_citation.pdbx_database_id_patent   ? 
_citation.unpublished_flag          ? 
# 
loop_
_citation_author.citation_id 
_citation_author.name 
_citation_author.ordinal 
_citation_author.identifier_ORCID 
primary 'Glaz, M.'     1 ? 
primary 'Schwartz, M.' 2 ? 
primary 'Briand, L.'   3 ? 
# 
loop_
_entity.id 
_entity.type 
_entity.src_method 
_entity.pdbx_description 
_entity.formula_weight 
_entity.pdbx_number_of_molecules 
_entity.pdbx_ec 
_entity.pdbx_mutation 
_entity.pdbx_fragment 
_entity.details 
1 polymer     man 'Lipocalin Can f 6.0101' 21792.520 1  ? ? ? ? 
2 non-polymer syn '(+)-menthone'           154.249   1  ? ? ? ? 
3 water       nat water                    18.015    62 ? ? ? ? 
# 
_entity_name_com.entity_id   1 
_entity_name_com.name        'Allergen Can f 6' 
# 
_entity_poly.entity_id                      1 
_entity_poly.type                           'polypeptide(L)' 
_entity_poly.nstd_linkage                   no 
_entity_poly.nstd_monomer                   no 
_entity_poly.pdbx_seq_one_letter_code       
;MRGSHHHHHHTDPHEEENDVVKGNFDISKISGDWYSILLASDIKEKIEENGSMRVFVKDIEVLSNSSLIFTMHTKVNGKC
TKISLICNKTEKDGEYDVVHDGYNLFRIIETAYEDYIIFHLNNVNQEQEFQLMELYGRKPDVSPKVKEKFVRYCQGMEIP
KENILDLTQVDRCLQARQSEAAQVSSAE
;
_entity_poly.pdbx_seq_one_letter_code_can   
;MRGSHHHHHHTDPHEEENDVVKGNFDISKISGDWYSILLASDIKEKIEENGSMRVFVKDIEVLSNSSLIFTMHTKVNGKC
TKISLICNKTEKDGEYDVVHDGYNLFRIIETAYEDYIIFHLNNVNQEQEFQLMELYGRKPDVSPKVKEKFVRYCQGMEIP
KENILDLTQVDRCLQARQSEAAQVSSAE
;
_entity_poly.pdbx_strand_id                 A 
_entity_poly.pdbx_target_identifier         ? 
# 
loop_
_pdbx_entity_nonpoly.entity_id 
_pdbx_entity_nonpoly.name 
_pdbx_entity_nonpoly.comp_id 
2 '(+)-menthone' LWE 
3 water          HOH 
# 
loop_
_entity_poly_seq.entity_id 
_entity_poly_seq.num 
_entity_poly_seq.mon_id 
_entity_poly_seq.hetero 
1 1   MET n 
1 2   ARG n 
1 3   GLY n 
1 4   SER n 
1 5   HIS n 
1 6   HIS n 
1 7   HIS n 
1 8   HIS n 
1 9   HIS n 
1 10  HIS n 
1 11  THR n 
1 12  ASP n 
1 13  PRO n 
1 14  HIS n 
1 15  GLU n 
1 16  GLU n 
1 17  GLU n 
1 18  ASN n 
1 19  ASP n 
1 20  VAL n 
1 21  VAL n 
1 22  LYS n 
1 23  GLY n 
1 24  ASN n 
1 25  PHE n 
1 26  ASP n 
1 27  ILE n 
1 28  SER n 
1 29  LYS n 
1 30  ILE n 
1 31  SER n 
1 32  GLY n 
1 33  ASP n 
1 34  TRP n 
1 35  TYR n 
1 36  SER n 
1 37  ILE n 
1 38  LEU n 
1 39  LEU n 
1 40  ALA n 
1 41  SER n 
1 42  ASP n 
1 43  ILE n 
1 44  LYS n 
1 45  GLU n 
1 46  LYS n 
1 47  ILE n 
1 48  GLU n 
1 49  GLU n 
1 50  ASN n 
1 51  GLY n 
1 52  SER n 
1 53  MET n 
1 54  ARG n 
1 55  VAL n 
1 56  PHE n 
1 57  VAL n 
1 58  LYS n 
1 59  ASP n 
1 60  ILE n 
1 61  GLU n 
1 62  VAL n 
1 63  LEU n 
1 64  SER n 
1 65  ASN n 
1 66  SER n 
1 67  SER n 
1 68  LEU n 
1 69  ILE n 
1 70  PHE n 
1 71  THR n 
1 72  MET n 
1 73  HIS n 
1 74  THR n 
1 75  LYS n 
1 76  VAL n 
1 77  ASN n 
1 78  GLY n 
1 79  LYS n 
1 80  CYS n 
1 81  THR n 
1 82  LYS n 
1 83  ILE n 
1 84  SER n 
1 85  LEU n 
1 86  ILE n 
1 87  CYS n 
1 88  ASN n 
1 89  LYS n 
1 90  THR n 
1 91  GLU n 
1 92  LYS n 
1 93  ASP n 
1 94  GLY n 
1 95  GLU n 
1 96  TYR n 
1 97  ASP n 
1 98  VAL n 
1 99  VAL n 
1 100 HIS n 
1 101 ASP n 
1 102 GLY n 
1 103 TYR n 
1 104 ASN n 
1 105 LEU n 
1 106 PHE n 
1 107 ARG n 
1 108 ILE n 
1 109 ILE n 
1 110 GLU n 
1 111 THR n 
1 112 ALA n 
1 113 TYR n 
1 114 GLU n 
1 115 ASP n 
1 116 TYR n 
1 117 ILE n 
1 118 ILE n 
1 119 PHE n 
1 120 HIS n 
1 121 LEU n 
1 122 ASN n 
1 123 ASN n 
1 124 VAL n 
1 125 ASN n 
1 126 GLN n 
1 127 GLU n 
1 128 GLN n 
1 129 GLU n 
1 130 PHE n 
1 131 GLN n 
1 132 LEU n 
1 133 MET n 
1 134 GLU n 
1 135 LEU n 
1 136 TYR n 
1 137 GLY n 
1 138 ARG n 
1 139 LYS n 
1 140 PRO n 
1 141 ASP n 
1 142 VAL n 
1 143 SER n 
1 144 PRO n 
1 145 LYS n 
1 146 VAL n 
1 147 LYS n 
1 148 GLU n 
1 149 LYS n 
1 150 PHE n 
1 151 VAL n 
1 152 ARG n 
1 153 TYR n 
1 154 CYS n 
1 155 GLN n 
1 156 GLY n 
1 157 MET n 
1 158 GLU n 
1 159 ILE n 
1 160 PRO n 
1 161 LYS n 
1 162 GLU n 
1 163 ASN n 
1 164 ILE n 
1 165 LEU n 
1 166 ASP n 
1 167 LEU n 
1 168 THR n 
1 169 GLN n 
1 170 VAL n 
1 171 ASP n 
1 172 ARG n 
1 173 CYS n 
1 174 LEU n 
1 175 GLN n 
1 176 ALA n 
1 177 ARG n 
1 178 GLN n 
1 179 SER n 
1 180 GLU n 
1 181 ALA n 
1 182 ALA n 
1 183 GLN n 
1 184 VAL n 
1 185 SER n 
1 186 SER n 
1 187 ALA n 
1 188 GLU n 
# 
_entity_src_gen.entity_id                          1 
_entity_src_gen.pdbx_src_id                        1 
_entity_src_gen.pdbx_alt_source_flag               sample 
_entity_src_gen.pdbx_seq_type                      'Biological sequence' 
_entity_src_gen.pdbx_beg_seq_num                   1 
_entity_src_gen.pdbx_end_seq_num                   188 
_entity_src_gen.gene_src_common_name               dog 
_entity_src_gen.gene_src_genus                     ? 
_entity_src_gen.pdbx_gene_src_gene                 ? 
_entity_src_gen.gene_src_species                   ? 
_entity_src_gen.gene_src_strain                    ? 
_entity_src_gen.gene_src_tissue                    ? 
_entity_src_gen.gene_src_tissue_fraction           ? 
_entity_src_gen.gene_src_details                   ? 
_entity_src_gen.pdbx_gene_src_fragment             ? 
_entity_src_gen.pdbx_gene_src_scientific_name      'Canis lupus familiaris' 
_entity_src_gen.pdbx_gene_src_ncbi_taxonomy_id     9615 
_entity_src_gen.pdbx_gene_src_variant              ? 
_entity_src_gen.pdbx_gene_src_cell_line            ? 
_entity_src_gen.pdbx_gene_src_atcc                 ? 
_entity_src_gen.pdbx_gene_src_organ                ? 
_entity_src_gen.pdbx_gene_src_organelle            ? 
_entity_src_gen.pdbx_gene_src_cell                 ? 
_entity_src_gen.pdbx_gene_src_cellular_location    ? 
_entity_src_gen.host_org_common_name               ? 
_entity_src_gen.pdbx_host_org_scientific_name      'Escherichia coli' 
_entity_src_gen.pdbx_host_org_ncbi_taxonomy_id     562 
_entity_src_gen.host_org_genus                     ? 
_entity_src_gen.pdbx_host_org_gene                 ? 
_entity_src_gen.pdbx_host_org_organ                ? 
_entity_src_gen.host_org_species                   ? 
_entity_src_gen.pdbx_host_org_tissue               ? 
_entity_src_gen.pdbx_host_org_tissue_fraction      ? 
_entity_src_gen.pdbx_host_org_strain               ? 
_entity_src_gen.pdbx_host_org_variant              ? 
_entity_src_gen.pdbx_host_org_cell_line            ? 
_entity_src_gen.pdbx_host_org_atcc                 ? 
_entity_src_gen.pdbx_host_org_culture_collection   ? 
_entity_src_gen.pdbx_host_org_cell                 ? 
_entity_src_gen.pdbx_host_org_organelle            ? 
_entity_src_gen.pdbx_host_org_cellular_location    ? 
_entity_src_gen.pdbx_host_org_vector_type          ? 
_entity_src_gen.pdbx_host_org_vector               ? 
_entity_src_gen.host_org_details                   ? 
_entity_src_gen.expression_system_id               ? 
_entity_src_gen.plasmid_name                       ? 
_entity_src_gen.plasmid_details                    ? 
_entity_src_gen.pdbx_description                   ? 
# 
loop_
_chem_comp.id 
_chem_comp.type 
_chem_comp.mon_nstd_flag 
_chem_comp.name 
_chem_comp.pdbx_synonyms 
_chem_comp.formula 
_chem_comp.formula_weight 
ALA 'L-peptide linking' y ALANINE         ? 'C3 H7 N O2'     89.093  
ARG 'L-peptide linking' y ARGININE        ? 'C6 H15 N4 O2 1' 175.209 
ASN 'L-peptide linking' y ASPARAGINE      ? 'C4 H8 N2 O3'    132.118 
ASP 'L-peptide linking' y 'ASPARTIC ACID' ? 'C4 H7 N O4'     133.103 
CYS 'L-peptide linking' y CYSTEINE        ? 'C3 H7 N O2 S'   121.158 
GLN 'L-peptide linking' y GLUTAMINE       ? 'C5 H10 N2 O3'   146.144 
GLU 'L-peptide linking' y 'GLUTAMIC ACID' ? 'C5 H9 N O4'     147.129 
GLY 'peptide linking'   y GLYCINE         ? 'C2 H5 N O2'     75.067  
HIS 'L-peptide linking' y HISTIDINE       ? 'C6 H10 N3 O2 1' 156.162 
HOH non-polymer         . WATER           ? 'H2 O'           18.015  
ILE 'L-peptide linking' y ISOLEUCINE      ? 'C6 H13 N O2'    131.173 
LEU 'L-peptide linking' y LEUCINE         ? 'C6 H13 N O2'    131.173 
LWE non-polymer         . '(+)-menthone'  ? 'C10 H18 O'      154.249 
LYS 'L-peptide linking' y LYSINE          ? 'C6 H15 N2 O2 1' 147.195 
MET 'L-peptide linking' y METHIONINE      ? 'C5 H11 N O2 S'  149.211 
PHE 'L-peptide linking' y PHENYLALANINE   ? 'C9 H11 N O2'    165.189 
PRO 'L-peptide linking' y PROLINE         ? 'C5 H9 N O2'     115.130 
SER 'L-peptide linking' y SERINE          ? 'C3 H7 N O3'     105.093 
THR 'L-peptide linking' y THREONINE       ? 'C4 H9 N O3'     119.119 
TRP 'L-peptide linking' y TRYPTOPHAN      ? 'C11 H12 N2 O2'  204.225 
TYR 'L-peptide linking' y TYROSINE        ? 'C9 H11 N O3'    181.189 
VAL 'L-peptide linking' y VALINE          ? 'C5 H11 N O2'    117.146 
# 
loop_
_pdbx_poly_seq_scheme.asym_id 
_pdbx_poly_seq_scheme.entity_id 
_pdbx_poly_seq_scheme.seq_id 
_pdbx_poly_seq_scheme.mon_id 
_pdbx_poly_seq_scheme.ndb_seq_num 
_pdbx_poly_seq_scheme.pdb_seq_num 
_pdbx_poly_seq_scheme.auth_seq_num 
_pdbx_poly_seq_scheme.pdb_mon_id 
_pdbx_poly_seq_scheme.auth_mon_id 
_pdbx_poly_seq_scheme.pdb_strand_id 
_pdbx_poly_seq_scheme.pdb_ins_code 
_pdbx_poly_seq_scheme.hetero 
A 1 1   MET 1   -12 ?   ?   ?   A . n 
A 1 2   ARG 2   -11 ?   ?   ?   A . n 
A 1 3   GLY 3   -10 ?   ?   ?   A . n 
A 1 4   SER 4   -9  ?   ?   ?   A . n 
A 1 5   HIS 5   -8  ?   ?   ?   A . n 
A 1 6   HIS 6   -7  ?   ?   ?   A . n 
A 1 7   HIS 7   -6  ?   ?   ?   A . n 
A 1 8   HIS 8   -5  ?   ?   ?   A . n 
A 1 9   HIS 9   -4  ?   ?   ?   A . n 
A 1 10  HIS 10  -3  ?   ?   ?   A . n 
A 1 11  THR 11  -2  ?   ?   ?   A . n 
A 1 12  ASP 12  -1  ?   ?   ?   A . n 
A 1 13  PRO 13  0   ?   ?   ?   A . n 
A 1 14  HIS 14  1   ?   ?   ?   A . n 
A 1 15  GLU 15  2   ?   ?   ?   A . n 
A 1 16  GLU 16  3   ?   ?   ?   A . n 
A 1 17  GLU 17  4   ?   ?   ?   A . n 
A 1 18  ASN 18  5   ?   ?   ?   A . n 
A 1 19  ASP 19  6   6   ASP ASP A . n 
A 1 20  VAL 20  7   7   VAL VAL A . n 
A 1 21  VAL 21  8   8   VAL VAL A . n 
A 1 22  LYS 22  9   9   LYS LYS A . n 
A 1 23  GLY 23  10  10  GLY GLY A . n 
A 1 24  ASN 24  11  11  ASN ASN A . n 
A 1 25  PHE 25  12  12  PHE PHE A . n 
A 1 26  ASP 26  13  13  ASP ASP A . n 
A 1 27  ILE 27  14  14  ILE ILE A . n 
A 1 28  SER 28  15  15  SER SER A . n 
A 1 29  LYS 29  16  16  LYS LYS A . n 
A 1 30  ILE 30  17  17  ILE ILE A . n 
A 1 31  SER 31  18  18  SER SER A . n 
A 1 32  GLY 32  19  19  GLY GLY A . n 
A 1 33  ASP 33  20  20  ASP ASP A . n 
A 1 34  TRP 34  21  21  TRP TRP A . n 
A 1 35  TYR 35  22  22  TYR TYR A . n 
A 1 36  SER 36  23  23  SER SER A . n 
A 1 37  ILE 37  24  24  ILE ILE A . n 
A 1 38  LEU 38  25  25  LEU LEU A . n 
A 1 39  LEU 39  26  26  LEU LEU A . n 
A 1 40  ALA 40  27  27  ALA ALA A . n 
A 1 41  SER 41  28  28  SER SER A . n 
A 1 42  ASP 42  29  29  ASP ASP A . n 
A 1 43  ILE 43  30  30  ILE ILE A . n 
A 1 44  LYS 44  31  31  LYS LYS A . n 
A 1 45  GLU 45  32  32  GLU GLU A . n 
A 1 46  LYS 46  33  33  LYS LYS A . n 
A 1 47  ILE 47  34  34  ILE ILE A . n 
A 1 48  GLU 48  35  35  GLU GLU A . n 
A 1 49  GLU 49  36  36  GLU GLU A . n 
A 1 50  ASN 50  37  37  ASN ASN A . n 
A 1 51  GLY 51  38  38  GLY GLY A . n 
A 1 52  SER 52  39  39  SER SER A . n 
A 1 53  MET 53  40  40  MET MET A . n 
A 1 54  ARG 54  41  41  ARG ARG A . n 
A 1 55  VAL 55  42  42  VAL VAL A . n 
A 1 56  PHE 56  43  43  PHE PHE A . n 
A 1 57  VAL 57  44  44  VAL VAL A . n 
A 1 58  LYS 58  45  45  LYS LYS A . n 
A 1 59  ASP 59  46  46  ASP ASP A . n 
A 1 60  ILE 60  47  47  ILE ILE A . n 
A 1 61  GLU 61  48  48  GLU GLU A . n 
A 1 62  VAL 62  49  49  VAL VAL A . n 
A 1 63  LEU 63  50  50  LEU LEU A . n 
A 1 64  SER 64  51  51  SER SER A . n 
A 1 65  ASN 65  52  52  ASN ASN A . n 
A 1 66  SER 66  53  53  SER SER A . n 
A 1 67  SER 67  54  54  SER SER A . n 
A 1 68  LEU 68  55  55  LEU LEU A . n 
A 1 69  ILE 69  56  56  ILE ILE A . n 
A 1 70  PHE 70  57  57  PHE PHE A . n 
A 1 71  THR 71  58  58  THR THR A . n 
A 1 72  MET 72  59  59  MET MET A . n 
A 1 73  HIS 73  60  60  HIS HIS A . n 
A 1 74  THR 74  61  61  THR THR A . n 
A 1 75  LYS 75  62  62  LYS LYS A . n 
A 1 76  VAL 76  63  63  VAL VAL A . n 
A 1 77  ASN 77  64  64  ASN ASN A . n 
A 1 78  GLY 78  65  65  GLY GLY A . n 
A 1 79  LYS 79  66  66  LYS LYS A . n 
A 1 80  CYS 80  67  67  CYS CYS A . n 
A 1 81  THR 81  68  68  THR THR A . n 
A 1 82  LYS 82  69  69  LYS LYS A . n 
A 1 83  ILE 83  70  70  ILE ILE A . n 
A 1 84  SER 84  71  71  SER SER A . n 
A 1 85  LEU 85  72  72  LEU LEU A . n 
A 1 86  ILE 86  73  73  ILE ILE A . n 
A 1 87  CYS 87  74  74  CYS CYS A . n 
A 1 88  ASN 88  75  75  ASN ASN A . n 
A 1 89  LYS 89  76  76  LYS LYS A . n 
A 1 90  THR 90  77  77  THR THR A . n 
A 1 91  GLU 91  78  78  GLU GLU A . n 
A 1 92  LYS 92  79  79  LYS LYS A . n 
A 1 93  ASP 93  80  80  ASP ASP A . n 
A 1 94  GLY 94  81  81  GLY GLY A . n 
A 1 95  GLU 95  82  82  GLU GLU A . n 
A 1 96  TYR 96  83  83  TYR TYR A . n 
A 1 97  ASP 97  84  84  ASP ASP A . n 
A 1 98  VAL 98  85  85  VAL VAL A . n 
A 1 99  VAL 99  86  86  VAL VAL A . n 
A 1 100 HIS 100 87  87  HIS HIS A . n 
A 1 101 ASP 101 88  88  ASP ASP A . n 
A 1 102 GLY 102 89  89  GLY GLY A . n 
A 1 103 TYR 103 90  90  TYR TYR A . n 
A 1 104 ASN 104 91  91  ASN ASN A . n 
A 1 105 LEU 105 92  92  LEU LEU A . n 
A 1 106 PHE 106 93  93  PHE PHE A . n 
A 1 107 ARG 107 94  94  ARG ARG A . n 
A 1 108 ILE 108 95  95  ILE ILE A . n 
A 1 109 ILE 109 96  96  ILE ILE A . n 
A 1 110 GLU 110 97  97  GLU GLU A . n 
A 1 111 THR 111 98  98  THR THR A . n 
A 1 112 ALA 112 99  99  ALA ALA A . n 
A 1 113 TYR 113 100 100 TYR TYR A . n 
A 1 114 GLU 114 101 101 GLU GLU A . n 
A 1 115 ASP 115 102 102 ASP ASP A . n 
A 1 116 TYR 116 103 103 TYR TYR A . n 
A 1 117 ILE 117 104 104 ILE ILE A . n 
A 1 118 ILE 118 105 105 ILE ILE A . n 
A 1 119 PHE 119 106 106 PHE PHE A . n 
A 1 120 HIS 120 107 107 HIS HIS A . n 
A 1 121 LEU 121 108 108 LEU LEU A . n 
A 1 122 ASN 122 109 109 ASN ASN A . n 
A 1 123 ASN 123 110 110 ASN ASN A . n 
A 1 124 VAL 124 111 111 VAL VAL A . n 
A 1 125 ASN 125 112 112 ASN ASN A . n 
A 1 126 GLN 126 113 113 GLN GLN A . n 
A 1 127 GLU 127 114 114 GLU GLU A . n 
A 1 128 GLN 128 115 115 GLN GLN A . n 
A 1 129 GLU 129 116 116 GLU GLU A . n 
A 1 130 PHE 130 117 117 PHE PHE A . n 
A 1 131 GLN 131 118 118 GLN GLN A . n 
A 1 132 LEU 132 119 119 LEU LEU A . n 
A 1 133 MET 133 120 120 MET MET A . n 
A 1 134 GLU 134 121 121 GLU GLU A . n 
A 1 135 LEU 135 122 122 LEU LEU A . n 
A 1 136 TYR 136 123 123 TYR TYR A . n 
A 1 137 GLY 137 124 124 GLY GLY A . n 
A 1 138 ARG 138 125 125 ARG ARG A . n 
A 1 139 LYS 139 126 126 LYS LYS A . n 
A 1 140 PRO 140 127 127 PRO PRO A . n 
A 1 141 ASP 141 128 128 ASP ASP A . n 
A 1 142 VAL 142 129 129 VAL VAL A . n 
A 1 143 SER 143 130 130 SER SER A . n 
A 1 144 PRO 144 131 131 PRO PRO A . n 
A 1 145 LYS 145 132 132 LYS LYS A . n 
A 1 146 VAL 146 133 133 VAL VAL A . n 
A 1 147 LYS 147 134 134 LYS LYS A . n 
A 1 148 GLU 148 135 135 GLU GLU A . n 
A 1 149 LYS 149 136 136 LYS LYS A . n 
A 1 150 PHE 150 137 137 PHE PHE A . n 
A 1 151 VAL 151 138 138 VAL VAL A . n 
A 1 152 ARG 152 139 139 ARG ARG A . n 
A 1 153 TYR 153 140 140 TYR TYR A . n 
A 1 154 CYS 154 141 141 CYS CYS A . n 
A 1 155 GLN 155 142 142 GLN GLN A . n 
A 1 156 GLY 156 143 143 GLY GLY A . n 
A 1 157 MET 157 144 144 MET MET A . n 
A 1 158 GLU 158 145 145 GLU GLU A . n 
A 1 159 ILE 159 146 146 ILE ILE A . n 
A 1 160 PRO 160 147 147 PRO PRO A . n 
A 1 161 LYS 161 148 148 LYS LYS A . n 
A 1 162 GLU 162 149 149 GLU GLU A . n 
A 1 163 ASN 163 150 150 ASN ASN A . n 
A 1 164 ILE 164 151 151 ILE ILE A . n 
A 1 165 LEU 165 152 152 LEU LEU A . n 
A 1 166 ASP 166 153 153 ASP ASP A . n 
A 1 167 LEU 167 154 154 LEU LEU A . n 
A 1 168 THR 168 155 155 THR THR A . n 
A 1 169 GLN 169 156 156 GLN GLN A . n 
A 1 170 VAL 170 157 157 VAL VAL A . n 
A 1 171 ASP 171 158 158 ASP ASP A . n 
A 1 172 ARG 172 159 159 ARG ARG A . n 
A 1 173 CYS 173 160 160 CYS CYS A . n 
A 1 174 LEU 174 161 161 LEU LEU A . n 
A 1 175 GLN 175 162 162 GLN GLN A . n 
A 1 176 ALA 176 163 163 ALA ALA A . n 
A 1 177 ARG 177 164 164 ARG ARG A . n 
A 1 178 GLN 178 165 165 GLN GLN A . n 
A 1 179 SER 179 166 ?   ?   ?   A . n 
A 1 180 GLU 180 167 ?   ?   ?   A . n 
A 1 181 ALA 181 168 ?   ?   ?   A . n 
A 1 182 ALA 182 169 ?   ?   ?   A . n 
A 1 183 GLN 183 170 ?   ?   ?   A . n 
A 1 184 VAL 184 171 ?   ?   ?   A . n 
A 1 185 SER 185 172 ?   ?   ?   A . n 
A 1 186 SER 186 173 ?   ?   ?   A . n 
A 1 187 ALA 187 174 ?   ?   ?   A . n 
A 1 188 GLU 188 175 ?   ?   ?   A . n 
# 
_pdbx_entity_instance_feature.ordinal        1 
_pdbx_entity_instance_feature.comp_id        LWE 
_pdbx_entity_instance_feature.asym_id        ? 
_pdbx_entity_instance_feature.seq_num        ? 
_pdbx_entity_instance_feature.auth_comp_id   LWE 
_pdbx_entity_instance_feature.auth_asym_id   ? 
_pdbx_entity_instance_feature.auth_seq_num   ? 
_pdbx_entity_instance_feature.feature_type   'SUBJECT OF INVESTIGATION' 
_pdbx_entity_instance_feature.details        ? 
# 
loop_
_pdbx_nonpoly_scheme.asym_id 
_pdbx_nonpoly_scheme.entity_id 
_pdbx_nonpoly_scheme.mon_id 
_pdbx_nonpoly_scheme.ndb_seq_num 
_pdbx_nonpoly_scheme.pdb_seq_num 
_pdbx_nonpoly_scheme.auth_seq_num 
_pdbx_nonpoly_scheme.pdb_mon_id 
_pdbx_nonpoly_scheme.auth_mon_id 
_pdbx_nonpoly_scheme.pdb_strand_id 
_pdbx_nonpoly_scheme.pdb_ins_code 
B 2 LWE 1  201 201 LWE XXX A . 
C 3 HOH 1  301 22  HOH HOH A . 
C 3 HOH 2  302 23  HOH HOH A . 
C 3 HOH 3  303 3   HOH HOH A . 
C 3 HOH 4  304 5   HOH HOH A . 
C 3 HOH 5  305 17  HOH HOH A . 
C 3 HOH 6  306 11  HOH HOH A . 
C 3 HOH 7  307 56  HOH HOH A . 
C 3 HOH 8  308 57  HOH HOH A . 
C 3 HOH 9  309 47  HOH HOH A . 
C 3 HOH 10 310 25  HOH HOH A . 
C 3 HOH 11 311 32  HOH HOH A . 
C 3 HOH 12 312 61  HOH HOH A . 
C 3 HOH 13 313 6   HOH HOH A . 
C 3 HOH 14 314 37  HOH HOH A . 
C 3 HOH 15 315 48  HOH HOH A . 
C 3 HOH 16 316 66  HOH HOH A . 
C 3 HOH 17 317 39  HOH HOH A . 
C 3 HOH 18 318 70  HOH HOH A . 
C 3 HOH 19 319 7   HOH HOH A . 
C 3 HOH 20 320 10  HOH HOH A . 
C 3 HOH 21 321 49  HOH HOH A . 
C 3 HOH 22 322 16  HOH HOH A . 
C 3 HOH 23 323 27  HOH HOH A . 
C 3 HOH 24 324 36  HOH HOH A . 
C 3 HOH 25 325 4   HOH HOH A . 
C 3 HOH 26 326 41  HOH HOH A . 
C 3 HOH 27 327 26  HOH HOH A . 
C 3 HOH 28 328 43  HOH HOH A . 
C 3 HOH 29 329 51  HOH HOH A . 
C 3 HOH 30 330 60  HOH HOH A . 
C 3 HOH 31 331 67  HOH HOH A . 
C 3 HOH 32 332 14  HOH HOH A . 
C 3 HOH 33 333 29  HOH HOH A . 
C 3 HOH 34 334 12  HOH HOH A . 
C 3 HOH 35 335 69  HOH HOH A . 
C 3 HOH 36 336 31  HOH HOH A . 
C 3 HOH 37 337 34  HOH HOH A . 
C 3 HOH 38 338 15  HOH HOH A . 
C 3 HOH 39 339 18  HOH HOH A . 
C 3 HOH 40 340 59  HOH HOH A . 
C 3 HOH 41 341 9   HOH HOH A . 
C 3 HOH 42 342 55  HOH HOH A . 
C 3 HOH 43 343 33  HOH HOH A . 
C 3 HOH 44 344 68  HOH HOH A . 
C 3 HOH 45 345 38  HOH HOH A . 
C 3 HOH 46 346 24  HOH HOH A . 
C 3 HOH 47 347 8   HOH HOH A . 
C 3 HOH 48 348 52  HOH HOH A . 
C 3 HOH 49 349 35  HOH HOH A . 
C 3 HOH 50 350 72  HOH HOH A . 
C 3 HOH 51 351 44  HOH HOH A . 
C 3 HOH 52 352 73  HOH HOH A . 
C 3 HOH 53 353 42  HOH HOH A . 
C 3 HOH 54 354 71  HOH HOH A . 
C 3 HOH 55 355 65  HOH HOH A . 
C 3 HOH 56 356 40  HOH HOH A . 
C 3 HOH 57 357 30  HOH HOH A . 
C 3 HOH 58 358 64  HOH HOH A . 
C 3 HOH 59 359 46  HOH HOH A . 
C 3 HOH 60 360 74  HOH HOH A . 
C 3 HOH 61 361 62  HOH HOH A . 
C 3 HOH 62 362 28  HOH HOH A . 
# 
loop_
_software.citation_id 
_software.classification 
_software.compiler_name 
_software.compiler_version 
_software.contact_author 
_software.contact_author_email 
_software.date 
_software.description 
_software.dependencies 
_software.hardware 
_software.language 
_software.location 
_software.mods 
_software.name 
_software.os 
_software.os_version 
_software.type 
_software.version 
_software.pdbx_ordinal 
? refinement       ? ? ? ? ? ? ? ? ? ? ? PHENIX  ? ? ? 1.17_3644 1 
? 'data reduction' ? ? ? ? ? ? ? ? ? ? ? XDS     ? ? ? .         2 
? 'data scaling'   ? ? ? ? ? ? ? ? ? ? ? Aimless ? ? ? .         3 
? phasing          ? ? ? ? ? ? ? ? ? ? ? MOLREP  ? ? ? .         4 
# 
_cell.angle_alpha                  90.000 
_cell.angle_alpha_esd              ? 
_cell.angle_beta                   90.000 
_cell.angle_beta_esd               ? 
_cell.angle_gamma                  120.000 
_cell.angle_gamma_esd              ? 
_cell.entry_id                     8AEJ 
_cell.details                      ? 
_cell.formula_units_Z              ? 
_cell.length_a                     67.075 
_cell.length_a_esd                 ? 
_cell.length_b                     67.075 
_cell.length_b_esd                 ? 
_cell.length_c                     71.985 
_cell.length_c_esd                 ? 
_cell.volume                       280474.901 
_cell.volume_esd                   ? 
_cell.Z_PDB                        6 
_cell.reciprocal_angle_alpha       ? 
_cell.reciprocal_angle_beta        ? 
_cell.reciprocal_angle_gamma       ? 
_cell.reciprocal_angle_alpha_esd   ? 
_cell.reciprocal_angle_beta_esd    ? 
_cell.reciprocal_angle_gamma_esd   ? 
_cell.reciprocal_length_a          ? 
_cell.reciprocal_length_b          ? 
_cell.reciprocal_length_c          ? 
_cell.reciprocal_length_a_esd      ? 
_cell.reciprocal_length_b_esd      ? 
_cell.reciprocal_length_c_esd      ? 
_cell.pdbx_unique_axis             ? 
_cell.pdbx_esd_method              ? 
# 
_symmetry.entry_id                         8AEJ 
_symmetry.cell_setting                     ? 
_symmetry.Int_Tables_number                152 
_symmetry.space_group_name_Hall            
;P 31 2"
;
_symmetry.space_group_name_H-M             'P 31 2 1' 
_symmetry.pdbx_full_space_group_name_H-M   ? 
# 
_exptl.absorpt_coefficient_mu     ? 
_exptl.absorpt_correction_T_max   ? 
_exptl.absorpt_correction_T_min   ? 
_exptl.absorpt_correction_type    ? 
_exptl.absorpt_process_details    ? 
_exptl.entry_id                   8AEJ 
_exptl.crystals_number            1 
_exptl.details                    ? 
_exptl.method                     'X-RAY DIFFRACTION' 
_exptl.method_details             ? 
# 
_exptl_crystal.colour                       ? 
_exptl_crystal.density_diffrn               ? 
_exptl_crystal.density_Matthews             2.15 
_exptl_crystal.density_method               ? 
_exptl_crystal.density_percent_sol          42.66 
_exptl_crystal.description                  ? 
_exptl_crystal.F_000                        ? 
_exptl_crystal.id                           1 
_exptl_crystal.preparation                  ? 
_exptl_crystal.size_max                     ? 
_exptl_crystal.size_mid                     ? 
_exptl_crystal.size_min                     ? 
_exptl_crystal.size_rad                     ? 
_exptl_crystal.colour_lustre                ? 
_exptl_crystal.colour_modifier              ? 
_exptl_crystal.colour_primary               ? 
_exptl_crystal.density_meas                 ? 
_exptl_crystal.density_meas_esd             ? 
_exptl_crystal.density_meas_gt              ? 
_exptl_crystal.density_meas_lt              ? 
_exptl_crystal.density_meas_temp            ? 
_exptl_crystal.density_meas_temp_esd        ? 
_exptl_crystal.density_meas_temp_gt         ? 
_exptl_crystal.density_meas_temp_lt         ? 
_exptl_crystal.pdbx_crystal_image_url       ? 
_exptl_crystal.pdbx_crystal_image_format    ? 
_exptl_crystal.pdbx_mosaicity               ? 
_exptl_crystal.pdbx_mosaicity_esd           ? 
_exptl_crystal.pdbx_mosaic_method           ? 
_exptl_crystal.pdbx_mosaic_block_size       ? 
_exptl_crystal.pdbx_mosaic_block_size_esd   ? 
# 
_exptl_crystal_grow.apparatus       ? 
_exptl_crystal_grow.atmosphere      ? 
_exptl_crystal_grow.crystal_id      1 
_exptl_crystal_grow.details         ? 
_exptl_crystal_grow.method          'VAPOR DIFFUSION, SITTING DROP' 
_exptl_crystal_grow.method_ref      ? 
_exptl_crystal_grow.pH              ? 
_exptl_crystal_grow.pressure        ? 
_exptl_crystal_grow.pressure_esd    ? 
_exptl_crystal_grow.seeding         ? 
_exptl_crystal_grow.seeding_ref     ? 
_exptl_crystal_grow.temp            293 
_exptl_crystal_grow.temp_details    ? 
_exptl_crystal_grow.temp_esd        ? 
_exptl_crystal_grow.time            ? 
_exptl_crystal_grow.pdbx_details    '30% PEG 550, 6% 2-propanol in 0.1 M pH 4.6 sodium acetate' 
_exptl_crystal_grow.pdbx_pH_range   ? 
# 
_diffrn.ambient_environment              ? 
_diffrn.ambient_temp                     100 
_diffrn.ambient_temp_details             ? 
_diffrn.ambient_temp_esd                 ? 
_diffrn.crystal_id                       1 
_diffrn.crystal_support                  ? 
_diffrn.crystal_treatment                ? 
_diffrn.details                          ? 
_diffrn.id                               1 
_diffrn.ambient_pressure                 ? 
_diffrn.ambient_pressure_esd             ? 
_diffrn.ambient_pressure_gt              ? 
_diffrn.ambient_pressure_lt              ? 
_diffrn.ambient_temp_gt                  ? 
_diffrn.ambient_temp_lt                  ? 
_diffrn.pdbx_serial_crystal_experiment   N 
# 
_diffrn_detector.details                      ? 
_diffrn_detector.detector                     PIXEL 
_diffrn_detector.diffrn_id                    1 
_diffrn_detector.type                         'DECTRIS EIGER X 16M' 
_diffrn_detector.area_resol_mean              ? 
_diffrn_detector.dtime                        ? 
_diffrn_detector.pdbx_frames_total            ? 
_diffrn_detector.pdbx_collection_time_total   ? 
_diffrn_detector.pdbx_collection_date         2020-10-09 
_diffrn_detector.pdbx_frequency               ? 
# 
_diffrn_radiation.collimation                      ? 
_diffrn_radiation.diffrn_id                        1 
_diffrn_radiation.filter_edge                      ? 
_diffrn_radiation.inhomogeneity                    ? 
_diffrn_radiation.monochromator                    ? 
_diffrn_radiation.polarisn_norm                    ? 
_diffrn_radiation.polarisn_ratio                   ? 
_diffrn_radiation.probe                            ? 
_diffrn_radiation.type                             ? 
_diffrn_radiation.xray_symbol                      ? 
_diffrn_radiation.wavelength_id                    1 
_diffrn_radiation.pdbx_monochromatic_or_laue_m_l   M 
_diffrn_radiation.pdbx_wavelength_list             ? 
_diffrn_radiation.pdbx_wavelength                  ? 
_diffrn_radiation.pdbx_diffrn_protocol             'SINGLE WAVELENGTH' 
_diffrn_radiation.pdbx_analyzer                    ? 
_diffrn_radiation.pdbx_scattering_type             x-ray 
# 
_diffrn_radiation_wavelength.id           1 
_diffrn_radiation_wavelength.wavelength   0.978564 
_diffrn_radiation_wavelength.wt           1.0 
# 
_diffrn_source.current                     ? 
_diffrn_source.details                     ? 
_diffrn_source.diffrn_id                   1 
_diffrn_source.power                       ? 
_diffrn_source.size                        ? 
_diffrn_source.source                      SYNCHROTRON 
_diffrn_source.target                      ? 
_diffrn_source.type                        'SOLEIL BEAMLINE PROXIMA 1' 
_diffrn_source.voltage                     ? 
_diffrn_source.take-off_angle              ? 
_diffrn_source.pdbx_wavelength_list        0.978564 
_diffrn_source.pdbx_wavelength             ? 
_diffrn_source.pdbx_synchrotron_beamline   'PROXIMA 1' 
_diffrn_source.pdbx_synchrotron_site       SOLEIL 
# 
_reflns.B_iso_Wilson_estimate                          35.92 
_reflns.entry_id                                       8AEJ 
_reflns.data_reduction_details                         ? 
_reflns.data_reduction_method                          ? 
_reflns.d_resolution_high                              1.84 
_reflns.d_resolution_low                               45.21 
_reflns.details                                        ? 
_reflns.limit_h_max                                    ? 
_reflns.limit_h_min                                    ? 
_reflns.limit_k_max                                    ? 
_reflns.limit_k_min                                    ? 
_reflns.limit_l_max                                    ? 
_reflns.limit_l_min                                    ? 
_reflns.number_all                                     ? 
_reflns.number_obs                                     16710 
_reflns.observed_criterion                             ? 
_reflns.observed_criterion_F_max                       ? 
_reflns.observed_criterion_F_min                       ? 
_reflns.observed_criterion_I_max                       ? 
_reflns.observed_criterion_I_min                       ? 
_reflns.observed_criterion_sigma_F                     ? 
_reflns.observed_criterion_sigma_I                     ? 
_reflns.percent_possible_obs                           99.8 
_reflns.R_free_details                                 ? 
_reflns.Rmerge_F_all                                   ? 
_reflns.Rmerge_F_obs                                   ? 
_reflns.Friedel_coverage                               ? 
_reflns.number_gt                                      ? 
_reflns.threshold_expression                           ? 
_reflns.pdbx_redundancy                                19.9 
_reflns.pdbx_Rmerge_I_obs                              0.034 
_reflns.pdbx_Rmerge_I_all                              ? 
_reflns.pdbx_Rsym_value                                ? 
_reflns.pdbx_netI_over_av_sigmaI                       ? 
_reflns.pdbx_netI_over_sigmaI                          42.0 
_reflns.pdbx_res_netI_over_av_sigmaI_2                 ? 
_reflns.pdbx_res_netI_over_sigmaI_2                    ? 
_reflns.pdbx_chi_squared                               ? 
_reflns.pdbx_scaling_rejects                           ? 
_reflns.pdbx_d_res_high_opt                            ? 
_reflns.pdbx_d_res_low_opt                             ? 
_reflns.pdbx_d_res_opt_method                          ? 
_reflns.phase_calculation_details                      ? 
_reflns.pdbx_Rrim_I_all                                0.035 
_reflns.pdbx_Rpim_I_all                                0.01 
_reflns.pdbx_d_opt                                     ? 
_reflns.pdbx_number_measured_all                       ? 
_reflns.pdbx_diffrn_id                                 1 
_reflns.pdbx_ordinal                                   1 
_reflns.pdbx_CC_half                                   1.00 
_reflns.pdbx_CC_star                                   ? 
_reflns.pdbx_R_split                                   ? 
_reflns.pdbx_aniso_diffraction_limit_axis_1_ortho[1]   ? 
_reflns.pdbx_aniso_diffraction_limit_axis_1_ortho[2]   ? 
_reflns.pdbx_aniso_diffraction_limit_axis_1_ortho[3]   ? 
_reflns.pdbx_aniso_diffraction_limit_axis_2_ortho[1]   ? 
_reflns.pdbx_aniso_diffraction_limit_axis_2_ortho[2]   ? 
_reflns.pdbx_aniso_diffraction_limit_axis_2_ortho[3]   ? 
_reflns.pdbx_aniso_diffraction_limit_axis_3_ortho[1]   ? 
_reflns.pdbx_aniso_diffraction_limit_axis_3_ortho[2]   ? 
_reflns.pdbx_aniso_diffraction_limit_axis_3_ortho[3]   ? 
_reflns.pdbx_aniso_diffraction_limit_1                 ? 
_reflns.pdbx_aniso_diffraction_limit_2                 ? 
_reflns.pdbx_aniso_diffraction_limit_3                 ? 
_reflns.pdbx_aniso_B_tensor_eigenvector_1_ortho[1]     ? 
_reflns.pdbx_aniso_B_tensor_eigenvector_1_ortho[2]     ? 
_reflns.pdbx_aniso_B_tensor_eigenvector_1_ortho[3]     ? 
_reflns.pdbx_aniso_B_tensor_eigenvector_2_ortho[1]     ? 
_reflns.pdbx_aniso_B_tensor_eigenvector_2_ortho[2]     ? 
_reflns.pdbx_aniso_B_tensor_eigenvector_2_ortho[3]     ? 
_reflns.pdbx_aniso_B_tensor_eigenvector_3_ortho[1]     ? 
_reflns.pdbx_aniso_B_tensor_eigenvector_3_ortho[2]     ? 
_reflns.pdbx_aniso_B_tensor_eigenvector_3_ortho[3]     ? 
_reflns.pdbx_aniso_B_tensor_eigenvalue_1               ? 
_reflns.pdbx_aniso_B_tensor_eigenvalue_2               ? 
_reflns.pdbx_aniso_B_tensor_eigenvalue_3               ? 
_reflns.pdbx_orthogonalization_convention              ? 
_reflns.pdbx_percent_possible_ellipsoidal              ? 
_reflns.pdbx_percent_possible_spherical                ? 
_reflns.pdbx_percent_possible_ellipsoidal_anomalous    ? 
_reflns.pdbx_percent_possible_spherical_anomalous      ? 
_reflns.pdbx_redundancy_anomalous                      ? 
_reflns.pdbx_CC_half_anomalous                         ? 
_reflns.pdbx_absDiff_over_sigma_anomalous              ? 
_reflns.pdbx_percent_possible_anomalous                ? 
_reflns.pdbx_observed_signal_threshold                 ? 
_reflns.pdbx_signal_type                               ? 
_reflns.pdbx_signal_details                            ? 
_reflns.pdbx_signal_software_id                        ? 
_reflns.pdbx_CC_split_method                           ? 
# 
_reflns_shell.d_res_high                                    1.84 
_reflns_shell.d_res_low                                     1.88 
_reflns_shell.meanI_over_sigI_all                           ? 
_reflns_shell.meanI_over_sigI_obs                           5.2 
_reflns_shell.number_measured_all                           ? 
_reflns_shell.number_measured_obs                           ? 
_reflns_shell.number_possible                               ? 
_reflns_shell.number_unique_all                             ? 
_reflns_shell.number_unique_obs                             970 
_reflns_shell.percent_possible_all                          ? 
_reflns_shell.percent_possible_obs                          ? 
_reflns_shell.Rmerge_F_all                                  ? 
_reflns_shell.Rmerge_F_obs                                  ? 
_reflns_shell.Rmerge_I_all                                  ? 
_reflns_shell.Rmerge_I_obs                                  0.461 
_reflns_shell.meanI_over_sigI_gt                            ? 
_reflns_shell.meanI_over_uI_all                             ? 
_reflns_shell.meanI_over_uI_gt                              ? 
_reflns_shell.number_measured_gt                            ? 
_reflns_shell.number_unique_gt                              ? 
_reflns_shell.percent_possible_gt                           ? 
_reflns_shell.Rmerge_F_gt                                   ? 
_reflns_shell.Rmerge_I_gt                                   ? 
_reflns_shell.pdbx_redundancy                               ? 
_reflns_shell.pdbx_Rsym_value                               ? 
_reflns_shell.pdbx_chi_squared                              ? 
_reflns_shell.pdbx_netI_over_sigmaI_all                     ? 
_reflns_shell.pdbx_netI_over_sigmaI_obs                     ? 
_reflns_shell.pdbx_Rrim_I_all                               0.473 
_reflns_shell.pdbx_Rpim_I_all                               0.105 
_reflns_shell.pdbx_rejects                                  ? 
_reflns_shell.pdbx_ordinal                                  1 
_reflns_shell.pdbx_diffrn_id                                1 
_reflns_shell.pdbx_CC_half                                  0.985 
_reflns_shell.pdbx_CC_star                                  ? 
_reflns_shell.pdbx_R_split                                  ? 
_reflns_shell.pdbx_percent_possible_ellipsoidal             ? 
_reflns_shell.pdbx_percent_possible_spherical               ? 
_reflns_shell.pdbx_percent_possible_ellipsoidal_anomalous   ? 
_reflns_shell.pdbx_percent_possible_spherical_anomalous     ? 
_reflns_shell.pdbx_redundancy_anomalous                     ? 
_reflns_shell.pdbx_CC_half_anomalous                        ? 
_reflns_shell.pdbx_absDiff_over_sigma_anomalous             ? 
_reflns_shell.pdbx_percent_possible_anomalous               ? 
# 
_refine.aniso_B[1][1]                            ? 
_refine.aniso_B[1][2]                            ? 
_refine.aniso_B[1][3]                            ? 
_refine.aniso_B[2][2]                            ? 
_refine.aniso_B[2][3]                            ? 
_refine.aniso_B[3][3]                            ? 
_refine.B_iso_max                                ? 
_refine.B_iso_mean                               40.64 
_refine.B_iso_min                                ? 
_refine.correlation_coeff_Fo_to_Fc               ? 
_refine.correlation_coeff_Fo_to_Fc_free          ? 
_refine.details                                  ? 
_refine.diff_density_max                         ? 
_refine.diff_density_max_esd                     ? 
_refine.diff_density_min                         ? 
_refine.diff_density_min_esd                     ? 
_refine.diff_density_rms                         ? 
_refine.diff_density_rms_esd                     ? 
_refine.entry_id                                 8AEJ 
_refine.pdbx_refine_id                           'X-RAY DIFFRACTION' 
_refine.ls_abs_structure_details                 ? 
_refine.ls_abs_structure_Flack                   ? 
_refine.ls_abs_structure_Flack_esd               ? 
_refine.ls_abs_structure_Rogers                  ? 
_refine.ls_abs_structure_Rogers_esd              ? 
_refine.ls_d_res_high                            1.84 
_refine.ls_d_res_low                             45.21 
_refine.ls_extinction_coef                       ? 
_refine.ls_extinction_coef_esd                   ? 
_refine.ls_extinction_expression                 ? 
_refine.ls_extinction_method                     ? 
_refine.ls_goodness_of_fit_all                   ? 
_refine.ls_goodness_of_fit_all_esd               ? 
_refine.ls_goodness_of_fit_obs                   ? 
_refine.ls_goodness_of_fit_obs_esd               ? 
_refine.ls_hydrogen_treatment                    ? 
_refine.ls_matrix_type                           ? 
_refine.ls_number_constraints                    ? 
_refine.ls_number_parameters                     ? 
_refine.ls_number_reflns_all                     ? 
_refine.ls_number_reflns_obs                     16661 
_refine.ls_number_reflns_R_free                  881 
_refine.ls_number_reflns_R_work                  15780 
_refine.ls_number_restraints                     ? 
_refine.ls_percent_reflns_obs                    99.80 
_refine.ls_percent_reflns_R_free                 5.29 
_refine.ls_R_factor_all                          ? 
_refine.ls_R_factor_obs                          0.2222 
_refine.ls_R_factor_R_free                       0.2608 
_refine.ls_R_factor_R_free_error                 ? 
_refine.ls_R_factor_R_free_error_details         ? 
_refine.ls_R_factor_R_work                       0.2201 
_refine.ls_R_Fsqd_factor_obs                     ? 
_refine.ls_R_I_factor_obs                        ? 
_refine.ls_redundancy_reflns_all                 ? 
_refine.ls_redundancy_reflns_obs                 ? 
_refine.ls_restrained_S_all                      ? 
_refine.ls_restrained_S_obs                      ? 
_refine.ls_shift_over_esd_max                    ? 
_refine.ls_shift_over_esd_mean                   ? 
_refine.ls_structure_factor_coef                 ? 
_refine.ls_weighting_details                     ? 
_refine.ls_weighting_scheme                      ? 
_refine.ls_wR_factor_all                         ? 
_refine.ls_wR_factor_obs                         ? 
_refine.ls_wR_factor_R_free                      ? 
_refine.ls_wR_factor_R_work                      ? 
_refine.occupancy_max                            ? 
_refine.occupancy_min                            ? 
_refine.solvent_model_details                    'FLAT BULK SOLVENT MODEL' 
_refine.solvent_model_param_bsol                 ? 
_refine.solvent_model_param_ksol                 ? 
_refine.pdbx_R_complete                          ? 
_refine.ls_R_factor_gt                           ? 
_refine.ls_goodness_of_fit_gt                    ? 
_refine.ls_goodness_of_fit_ref                   ? 
_refine.ls_shift_over_su_max                     ? 
_refine.ls_shift_over_su_max_lt                  ? 
_refine.ls_shift_over_su_mean                    ? 
_refine.ls_shift_over_su_mean_lt                 ? 
_refine.pdbx_ls_sigma_I                          ? 
_refine.pdbx_ls_sigma_F                          1.35 
_refine.pdbx_ls_sigma_Fsqd                       ? 
_refine.pdbx_data_cutoff_high_absF               ? 
_refine.pdbx_data_cutoff_high_rms_absF           ? 
_refine.pdbx_data_cutoff_low_absF                ? 
_refine.pdbx_isotropic_thermal_model             ? 
_refine.pdbx_ls_cross_valid_method               'FREE R-VALUE' 
_refine.pdbx_method_to_determine_struct          'MOLECULAR REPLACEMENT' 
_refine.pdbx_starting_model                      6NRE 
_refine.pdbx_stereochemistry_target_values       'GeoStd + Monomer Library + CDL v1.2' 
_refine.pdbx_R_Free_selection_details            ? 
_refine.pdbx_stereochem_target_val_spec_case     ? 
_refine.pdbx_overall_ESU_R                       ? 
_refine.pdbx_overall_ESU_R_Free                  ? 
_refine.pdbx_solvent_vdw_probe_radii             1.1100 
_refine.pdbx_solvent_ion_probe_radii             ? 
_refine.pdbx_solvent_shrinkage_radii             0.9000 
_refine.pdbx_real_space_R                        ? 
_refine.pdbx_density_correlation                 ? 
_refine.pdbx_pd_number_of_powder_patterns        ? 
_refine.pdbx_pd_number_of_points                 ? 
_refine.pdbx_pd_meas_number_of_points            ? 
_refine.pdbx_pd_proc_ls_prof_R_factor            ? 
_refine.pdbx_pd_proc_ls_prof_wR_factor           ? 
_refine.pdbx_pd_Marquardt_correlation_coeff      ? 
_refine.pdbx_pd_Fsqrd_R_factor                   ? 
_refine.pdbx_pd_ls_matrix_band_width             ? 
_refine.pdbx_overall_phase_error                 31.2439 
_refine.pdbx_overall_SU_R_free_Cruickshank_DPI   ? 
_refine.pdbx_overall_SU_R_free_Blow_DPI          ? 
_refine.pdbx_overall_SU_R_Blow_DPI               ? 
_refine.pdbx_TLS_residual_ADP_flag               ? 
_refine.pdbx_diffrn_id                           1 
_refine.overall_SU_B                             ? 
_refine.overall_SU_ML                            0.2386 
_refine.overall_SU_R_Cruickshank_DPI             ? 
_refine.overall_SU_R_free                        ? 
_refine.overall_FOM_free_R_set                   ? 
_refine.overall_FOM_work_R_set                   ? 
_refine.pdbx_average_fsc_overall                 ? 
_refine.pdbx_average_fsc_work                    ? 
_refine.pdbx_average_fsc_free                    ? 
# 
_refine_hist.pdbx_refine_id                   'X-RAY DIFFRACTION' 
_refine_hist.cycle_id                         LAST 
_refine_hist.details                          ? 
_refine_hist.d_res_high                       1.84 
_refine_hist.d_res_low                        45.21 
_refine_hist.number_atoms_solvent             62 
_refine_hist.number_atoms_total               1377 
_refine_hist.number_reflns_all                ? 
_refine_hist.number_reflns_obs                ? 
_refine_hist.number_reflns_R_free             ? 
_refine_hist.number_reflns_R_work             ? 
_refine_hist.R_factor_all                     ? 
_refine_hist.R_factor_obs                     ? 
_refine_hist.R_factor_R_free                  ? 
_refine_hist.R_factor_R_work                  ? 
_refine_hist.pdbx_number_residues_total       ? 
_refine_hist.pdbx_B_iso_mean_ligand           ? 
_refine_hist.pdbx_B_iso_mean_solvent          ? 
_refine_hist.pdbx_number_atoms_protein        1304 
_refine_hist.pdbx_number_atoms_nucleic_acid   0 
_refine_hist.pdbx_number_atoms_ligand         11 
_refine_hist.pdbx_number_atoms_lipid          ? 
_refine_hist.pdbx_number_atoms_carb           ? 
_refine_hist.pdbx_pseudo_atom_details         ? 
# 
loop_
_refine_ls_restr.pdbx_refine_id 
_refine_ls_restr.criterion 
_refine_ls_restr.dev_ideal 
_refine_ls_restr.dev_ideal_target 
_refine_ls_restr.number 
_refine_ls_restr.rejects 
_refine_ls_restr.type 
_refine_ls_restr.weight 
_refine_ls_restr.pdbx_restraint_function 
'X-RAY DIFFRACTION' ? 0.0117  ? 1336 ? f_bond_d           ? ? 
'X-RAY DIFFRACTION' ? 1.2192  ? 1797 ? f_angle_d          ? ? 
'X-RAY DIFFRACTION' ? 0.0725  ? 201  ? f_chiral_restr     ? ? 
'X-RAY DIFFRACTION' ? 0.0070  ? 230  ? f_plane_restr      ? ? 
'X-RAY DIFFRACTION' ? 21.3084 ? 514  ? f_dihedral_angle_d ? ? 
# 
loop_
_refine_ls_shell.pdbx_refine_id 
_refine_ls_shell.d_res_high 
_refine_ls_shell.d_res_low 
_refine_ls_shell.number_reflns_all 
_refine_ls_shell.number_reflns_obs 
_refine_ls_shell.number_reflns_R_free 
_refine_ls_shell.number_reflns_R_work 
_refine_ls_shell.percent_reflns_obs 
_refine_ls_shell.percent_reflns_R_free 
_refine_ls_shell.R_factor_all 
_refine_ls_shell.R_factor_obs 
_refine_ls_shell.R_factor_R_free 
_refine_ls_shell.R_factor_R_free_error 
_refine_ls_shell.R_factor_R_work 
_refine_ls_shell.redundancy_reflns_all 
_refine_ls_shell.redundancy_reflns_obs 
_refine_ls_shell.wR_factor_all 
_refine_ls_shell.wR_factor_obs 
_refine_ls_shell.wR_factor_R_free 
_refine_ls_shell.wR_factor_R_work 
_refine_ls_shell.pdbx_R_complete 
_refine_ls_shell.pdbx_total_number_of_bins_used 
_refine_ls_shell.pdbx_phase_error 
_refine_ls_shell.pdbx_fsc_work 
_refine_ls_shell.pdbx_fsc_free 
'X-RAY DIFFRACTION' 1.84 1.96  . . 170 2554 99.27 . . . 0.3569 . 0.2851 . . . . . . . . . . . 
'X-RAY DIFFRACTION' 1.96 2.11  . . 140 2591 99.67 . . . 0.3602 . 0.2744 . . . . . . . . . . . 
'X-RAY DIFFRACTION' 2.11 2.32  . . 136 2611 99.93 . . . 0.3388 . 0.2651 . . . . . . . . . . . 
'X-RAY DIFFRACTION' 2.32 2.65  . . 147 2615 99.96 . . . 0.3313 . 0.2659 . . . . . . . . . . . 
'X-RAY DIFFRACTION' 2.65 3.34  . . 144 2644 99.96 . . . 0.2776 . 0.2367 . . . . . . . . . . . 
'X-RAY DIFFRACTION' 3.34 45.21 . . 144 2765 99.97 . . . 0.2051 . 0.1839 . . . . . . . . . . . 
# 
_struct.entry_id                     8AEJ 
_struct.title                        'X-ray structure of Canis familiaris Odorant Binding Protein 3 bound to menthone' 
_struct.pdbx_model_details           ? 
_struct.pdbx_formula_weight          ? 
_struct.pdbx_formula_weight_method   ? 
_struct.pdbx_model_type_details      ? 
_struct.pdbx_CASP_flag               N 
# 
_struct_keywords.entry_id        8AEJ 
_struct_keywords.text            'Odorant binding protein, TRANSPORT PROTEIN' 
_struct_keywords.pdbx_keywords   'TRANSPORT PROTEIN' 
# 
loop_
_struct_asym.id 
_struct_asym.pdbx_blank_PDB_chainid_flag 
_struct_asym.pdbx_modified 
_struct_asym.entity_id 
_struct_asym.details 
A N N 1 ? 
B N N 2 ? 
C N N 3 ? 
# 
_struct_ref.id                         1 
_struct_ref.db_name                    UNP 
_struct_ref.db_code                    LI601_CANLF 
_struct_ref.pdbx_db_accession          H2B3G5 
_struct_ref.pdbx_db_isoform            ? 
_struct_ref.entity_id                  1 
_struct_ref.pdbx_seq_one_letter_code   
;HEEENDVVKGNFDISKISGDWYSILLASDIKEKIEENGSMRVFVKDIEVLSNSSLIFTMHTKVNGKCTKISLICNKTEKD
GEYDVVHDGYNLFRIIETAYEDYIIFHLNNVNQEQEFQLMELYGRKPDVSPKVKEKFVRYCQGMEIPKENILDLTQVDRC
LQARQSEAAQVSSAE
;
_struct_ref.pdbx_align_begin           16 
# 
_struct_ref_seq.align_id                      1 
_struct_ref_seq.ref_id                        1 
_struct_ref_seq.pdbx_PDB_id_code              8AEJ 
_struct_ref_seq.pdbx_strand_id                A 
_struct_ref_seq.seq_align_beg                 14 
_struct_ref_seq.pdbx_seq_align_beg_ins_code   ? 
_struct_ref_seq.seq_align_end                 188 
_struct_ref_seq.pdbx_seq_align_end_ins_code   ? 
_struct_ref_seq.pdbx_db_accession             H2B3G5 
_struct_ref_seq.db_align_beg                  16 
_struct_ref_seq.pdbx_db_align_beg_ins_code    ? 
_struct_ref_seq.db_align_end                  190 
_struct_ref_seq.pdbx_db_align_end_ins_code    ? 
_struct_ref_seq.pdbx_auth_seq_align_beg       1 
_struct_ref_seq.pdbx_auth_seq_align_end       175 
# 
loop_
_struct_ref_seq_dif.align_id 
_struct_ref_seq_dif.pdbx_pdb_id_code 
_struct_ref_seq_dif.mon_id 
_struct_ref_seq_dif.pdbx_pdb_strand_id 
_struct_ref_seq_dif.seq_num 
_struct_ref_seq_dif.pdbx_pdb_ins_code 
_struct_ref_seq_dif.pdbx_seq_db_name 
_struct_ref_seq_dif.pdbx_seq_db_accession_code 
_struct_ref_seq_dif.db_mon_id 
_struct_ref_seq_dif.pdbx_seq_db_seq_num 
_struct_ref_seq_dif.details 
_struct_ref_seq_dif.pdbx_auth_seq_num 
_struct_ref_seq_dif.pdbx_ordinal 
1 8AEJ MET A 1  ? UNP H2B3G5 ? ? 'initiating methionine' -12 1  
1 8AEJ ARG A 2  ? UNP H2B3G5 ? ? 'expression tag'        -11 2  
1 8AEJ GLY A 3  ? UNP H2B3G5 ? ? 'expression tag'        -10 3  
1 8AEJ SER A 4  ? UNP H2B3G5 ? ? 'expression tag'        -9  4  
1 8AEJ HIS A 5  ? UNP H2B3G5 ? ? 'expression tag'        -8  5  
1 8AEJ HIS A 6  ? UNP H2B3G5 ? ? 'expression tag'        -7  6  
1 8AEJ HIS A 7  ? UNP H2B3G5 ? ? 'expression tag'        -6  7  
1 8AEJ HIS A 8  ? UNP H2B3G5 ? ? 'expression tag'        -5  8  
1 8AEJ HIS A 9  ? UNP H2B3G5 ? ? 'expression tag'        -4  9  
1 8AEJ HIS A 10 ? UNP H2B3G5 ? ? 'expression tag'        -3  10 
1 8AEJ THR A 11 ? UNP H2B3G5 ? ? 'expression tag'        -2  11 
1 8AEJ ASP A 12 ? UNP H2B3G5 ? ? 'expression tag'        -1  12 
1 8AEJ PRO A 13 ? UNP H2B3G5 ? ? 'expression tag'        0   13 
# 
_pdbx_struct_assembly.id                   1 
_pdbx_struct_assembly.details              author_and_software_defined_assembly 
_pdbx_struct_assembly.method_details       PISA 
_pdbx_struct_assembly.oligomeric_details   monomeric 
_pdbx_struct_assembly.oligomeric_count     1 
# 
loop_
_pdbx_struct_assembly_prop.biol_id 
_pdbx_struct_assembly_prop.type 
_pdbx_struct_assembly_prop.value 
_pdbx_struct_assembly_prop.details 
1 'ABSA (A^2)' 0    ? 
1 MORE         0    ? 
1 'SSA (A^2)'  8230 ? 
# 
_pdbx_struct_assembly_gen.assembly_id       1 
_pdbx_struct_assembly_gen.oper_expression   1 
_pdbx_struct_assembly_gen.asym_id_list      A,B,C 
# 
_pdbx_struct_assembly_auth_evidence.id                     1 
_pdbx_struct_assembly_auth_evidence.assembly_id            1 
_pdbx_struct_assembly_auth_evidence.experimental_support   'light scattering' 
_pdbx_struct_assembly_auth_evidence.details                ? 
# 
_pdbx_struct_oper_list.id                   1 
_pdbx_struct_oper_list.type                 'identity operation' 
_pdbx_struct_oper_list.name                 1_555 
_pdbx_struct_oper_list.symmetry_operation   x,y,z 
_pdbx_struct_oper_list.matrix[1][1]         1.0000000000 
_pdbx_struct_oper_list.matrix[1][2]         0.0000000000 
_pdbx_struct_oper_list.matrix[1][3]         0.0000000000 
_pdbx_struct_oper_list.vector[1]            0.0000000000 
_pdbx_struct_oper_list.matrix[2][1]         0.0000000000 
_pdbx_struct_oper_list.matrix[2][2]         1.0000000000 
_pdbx_struct_oper_list.matrix[2][3]         0.0000000000 
_pdbx_struct_oper_list.vector[2]            0.0000000000 
_pdbx_struct_oper_list.matrix[3][1]         0.0000000000 
_pdbx_struct_oper_list.matrix[3][2]         0.0000000000 
_pdbx_struct_oper_list.matrix[3][3]         1.0000000000 
_pdbx_struct_oper_list.vector[3]            0.0000000000 
# 
loop_
_struct_conf.conf_type_id 
_struct_conf.id 
_struct_conf.pdbx_PDB_helix_id 
_struct_conf.beg_label_comp_id 
_struct_conf.beg_label_asym_id 
_struct_conf.beg_label_seq_id 
_struct_conf.pdbx_beg_PDB_ins_code 
_struct_conf.end_label_comp_id 
_struct_conf.end_label_asym_id 
_struct_conf.end_label_seq_id 
_struct_conf.pdbx_end_PDB_ins_code 
_struct_conf.beg_auth_comp_id 
_struct_conf.beg_auth_asym_id 
_struct_conf.beg_auth_seq_id 
_struct_conf.end_auth_comp_id 
_struct_conf.end_auth_asym_id 
_struct_conf.end_auth_seq_id 
_struct_conf.pdbx_PDB_helix_class 
_struct_conf.details 
_struct_conf.pdbx_PDB_helix_length 
HELX_P HELX_P1 AA1 ASP A 26  ? SER A 31  ? ASP A 13  SER A 18  5 ? 6  
HELX_P HELX_P2 AA2 ILE A 43  ? GLU A 48  ? ILE A 30  GLU A 35  5 ? 6  
HELX_P HELX_P3 AA3 SER A 143 ? MET A 157 ? SER A 130 MET A 144 1 ? 15 
HELX_P HELX_P4 AA4 PRO A 160 ? GLU A 162 ? PRO A 147 GLU A 149 5 ? 3  
HELX_P HELX_P5 AA5 THR A 168 ? VAL A 170 ? THR A 155 VAL A 157 5 ? 3  
HELX_P HELX_P6 AA6 CYS A 173 ? ARG A 177 ? CYS A 160 ARG A 164 5 ? 5  
# 
_struct_conf_type.id          HELX_P 
_struct_conf_type.criteria    ? 
_struct_conf_type.reference   ? 
# 
_struct_conn.id                            disulf1 
_struct_conn.conn_type_id                  disulf 
_struct_conn.pdbx_leaving_atom_flag        ? 
_struct_conn.pdbx_PDB_id                   ? 
_struct_conn.ptnr1_label_asym_id           A 
_struct_conn.ptnr1_label_comp_id           CYS 
_struct_conn.ptnr1_label_seq_id            80 
_struct_conn.ptnr1_label_atom_id           SG 
_struct_conn.pdbx_ptnr1_label_alt_id       ? 
_struct_conn.pdbx_ptnr1_PDB_ins_code       ? 
_struct_conn.pdbx_ptnr1_standard_comp_id   ? 
_struct_conn.ptnr1_symmetry                1_555 
_struct_conn.ptnr2_label_asym_id           A 
_struct_conn.ptnr2_label_comp_id           CYS 
_struct_conn.ptnr2_label_seq_id            173 
_struct_conn.ptnr2_label_atom_id           SG 
_struct_conn.pdbx_ptnr2_label_alt_id       ? 
_struct_conn.pdbx_ptnr2_PDB_ins_code       ? 
_struct_conn.ptnr1_auth_asym_id            A 
_struct_conn.ptnr1_auth_comp_id            CYS 
_struct_conn.ptnr1_auth_seq_id             67 
_struct_conn.ptnr2_auth_asym_id            A 
_struct_conn.ptnr2_auth_comp_id            CYS 
_struct_conn.ptnr2_auth_seq_id             160 
_struct_conn.ptnr2_symmetry                1_555 
_struct_conn.pdbx_ptnr3_label_atom_id      ? 
_struct_conn.pdbx_ptnr3_label_seq_id       ? 
_struct_conn.pdbx_ptnr3_label_comp_id      ? 
_struct_conn.pdbx_ptnr3_label_asym_id      ? 
_struct_conn.pdbx_ptnr3_label_alt_id       ? 
_struct_conn.pdbx_ptnr3_PDB_ins_code       ? 
_struct_conn.details                       ? 
_struct_conn.pdbx_dist_value               2.019 
_struct_conn.pdbx_value_order              ? 
_struct_conn.pdbx_role                     ? 
# 
_struct_conn_type.id          disulf 
_struct_conn_type.criteria    ? 
_struct_conn_type.reference   ? 
# 
_pdbx_modification_feature.ordinal                            1 
_pdbx_modification_feature.label_comp_id                      CYS 
_pdbx_modification_feature.label_asym_id                      A 
_pdbx_modification_feature.label_seq_id                       80 
_pdbx_modification_feature.label_alt_id                       ? 
_pdbx_modification_feature.modified_residue_label_comp_id     CYS 
_pdbx_modification_feature.modified_residue_label_asym_id     A 
_pdbx_modification_feature.modified_residue_label_seq_id      173 
_pdbx_modification_feature.modified_residue_label_alt_id      ? 
_pdbx_modification_feature.auth_comp_id                       CYS 
_pdbx_modification_feature.auth_asym_id                       A 
_pdbx_modification_feature.auth_seq_id                        67 
_pdbx_modification_feature.PDB_ins_code                       ? 
_pdbx_modification_feature.symmetry                           1_555 
_pdbx_modification_feature.modified_residue_auth_comp_id      CYS 
_pdbx_modification_feature.modified_residue_auth_asym_id      A 
_pdbx_modification_feature.modified_residue_auth_seq_id       160 
_pdbx_modification_feature.modified_residue_PDB_ins_code      ? 
_pdbx_modification_feature.modified_residue_symmetry          1_555 
_pdbx_modification_feature.comp_id_linking_atom               SG 
_pdbx_modification_feature.modified_residue_id_linking_atom   SG 
_pdbx_modification_feature.modified_residue_id                . 
_pdbx_modification_feature.ref_pcm_id                         . 
_pdbx_modification_feature.ref_comp_id                        . 
_pdbx_modification_feature.type                               None 
_pdbx_modification_feature.category                           'Disulfide bridge' 
# 
_struct_sheet.id               AA1 
_struct_sheet.type             ? 
_struct_sheet.number_strands   10 
_struct_sheet.details          ? 
# 
loop_
_struct_sheet_order.sheet_id 
_struct_sheet_order.range_id_1 
_struct_sheet_order.range_id_2 
_struct_sheet_order.offset 
_struct_sheet_order.sense 
AA1 1 2  ? anti-parallel 
AA1 2 3  ? anti-parallel 
AA1 3 4  ? anti-parallel 
AA1 4 5  ? anti-parallel 
AA1 5 6  ? anti-parallel 
AA1 6 7  ? anti-parallel 
AA1 7 8  ? anti-parallel 
AA1 8 9  ? anti-parallel 
AA1 9 10 ? anti-parallel 
# 
loop_
_struct_sheet_range.sheet_id 
_struct_sheet_range.id 
_struct_sheet_range.beg_label_comp_id 
_struct_sheet_range.beg_label_asym_id 
_struct_sheet_range.beg_label_seq_id 
_struct_sheet_range.pdbx_beg_PDB_ins_code 
_struct_sheet_range.end_label_comp_id 
_struct_sheet_range.end_label_asym_id 
_struct_sheet_range.end_label_seq_id 
_struct_sheet_range.pdbx_end_PDB_ins_code 
_struct_sheet_range.beg_auth_comp_id 
_struct_sheet_range.beg_auth_asym_id 
_struct_sheet_range.beg_auth_seq_id 
_struct_sheet_range.end_auth_comp_id 
_struct_sheet_range.end_auth_asym_id 
_struct_sheet_range.end_auth_seq_id 
AA1 1  GLY A 32  ? ASP A 33  ? GLY A 19  ASP A 20  
AA1 2  PHE A 56  ? SER A 64  ? PHE A 43  SER A 51  
AA1 3  SER A 67  ? VAL A 76  ? SER A 54  VAL A 63  
AA1 4  LYS A 79  ? LYS A 89  ? LYS A 66  LYS A 76  
AA1 5  GLU A 95  ? VAL A 99  ? GLU A 82  VAL A 86  
AA1 6  TYR A 103 ? ALA A 112 ? TYR A 90  ALA A 99  
AA1 7  TYR A 116 ? VAL A 124 ? TYR A 103 VAL A 111 
AA1 8  PHE A 130 ? GLY A 137 ? PHE A 117 GLY A 124 
AA1 9  TYR A 35  ? SER A 41  ? TYR A 22  SER A 28  
AA1 10 ILE A 164 ? ASP A 166 ? ILE A 151 ASP A 153 
# 
loop_
_pdbx_struct_sheet_hbond.sheet_id 
_pdbx_struct_sheet_hbond.range_id_1 
_pdbx_struct_sheet_hbond.range_id_2 
_pdbx_struct_sheet_hbond.range_1_label_atom_id 
_pdbx_struct_sheet_hbond.range_1_label_comp_id 
_pdbx_struct_sheet_hbond.range_1_label_asym_id 
_pdbx_struct_sheet_hbond.range_1_label_seq_id 
_pdbx_struct_sheet_hbond.range_1_PDB_ins_code 
_pdbx_struct_sheet_hbond.range_1_auth_atom_id 
_pdbx_struct_sheet_hbond.range_1_auth_comp_id 
_pdbx_struct_sheet_hbond.range_1_auth_asym_id 
_pdbx_struct_sheet_hbond.range_1_auth_seq_id 
_pdbx_struct_sheet_hbond.range_2_label_atom_id 
_pdbx_struct_sheet_hbond.range_2_label_comp_id 
_pdbx_struct_sheet_hbond.range_2_label_asym_id 
_pdbx_struct_sheet_hbond.range_2_label_seq_id 
_pdbx_struct_sheet_hbond.range_2_PDB_ins_code 
_pdbx_struct_sheet_hbond.range_2_auth_atom_id 
_pdbx_struct_sheet_hbond.range_2_auth_comp_id 
_pdbx_struct_sheet_hbond.range_2_auth_asym_id 
_pdbx_struct_sheet_hbond.range_2_auth_seq_id 
AA1 1 2  N GLY A 32  ? N GLY A 19  O ILE A 60  ? O ILE A 47  
AA1 2 3  N PHE A 56  ? N PHE A 43  O HIS A 73  ? O HIS A 60  
AA1 3 4  N THR A 74  ? N THR A 61  O THR A 81  ? O THR A 68  
AA1 4 5  N ASN A 88  ? N ASN A 75  O ASP A 97  ? O ASP A 84  
AA1 5 6  N TYR A 96  ? N TYR A 83  O PHE A 106 ? O PHE A 93  
AA1 6 7  N TYR A 103 ? N TYR A 90  O VAL A 124 ? O VAL A 111 
AA1 7 8  N LEU A 121 ? N LEU A 108 O LEU A 132 ? O LEU A 119 
AA1 8 9  O MET A 133 ? O MET A 120 N ALA A 40  ? N ALA A 27  
AA1 9 10 N LEU A 39  ? N LEU A 26  O LEU A 165 ? O LEU A 152 
# 
_pdbx_entry_details.entry_id                   8AEJ 
_pdbx_entry_details.has_ligand_of_interest     Y 
_pdbx_entry_details.compound_details           ? 
_pdbx_entry_details.source_details             ? 
_pdbx_entry_details.nonpolymer_details         ? 
_pdbx_entry_details.sequence_details           ? 
_pdbx_entry_details.has_protein_modification   Y 
# 
loop_
_pdbx_validate_torsion.id 
_pdbx_validate_torsion.PDB_model_num 
_pdbx_validate_torsion.auth_comp_id 
_pdbx_validate_torsion.auth_asym_id 
_pdbx_validate_torsion.auth_seq_id 
_pdbx_validate_torsion.PDB_ins_code 
_pdbx_validate_torsion.label_alt_id 
_pdbx_validate_torsion.phi 
_pdbx_validate_torsion.psi 
1 1 ASN A 37  ? ? 78.59   -4.19  
2 1 LYS A 45  ? ? -107.29 -62.86 
3 1 SER A 53  ? ? -146.77 12.13  
4 1 HIS A 87  ? ? -173.87 117.67 
5 1 ASP A 102 ? ? -130.16 -56.55 
6 1 PRO A 127 ? ? -56.57  1.55   
# 
loop_
_space_group_symop.id 
_space_group_symop.operation_xyz 
1 x,y,z          
2 -y,x-y,z+1/3   
3 -x+y,-x,z+2/3  
4 x-y,-y,-z+2/3  
5 -x,-x+y,-z+1/3 
6 y,x,-z         
# 
loop_
_pdbx_unobs_or_zero_occ_residues.id 
_pdbx_unobs_or_zero_occ_residues.PDB_model_num 
_pdbx_unobs_or_zero_occ_residues.polymer_flag 
_pdbx_unobs_or_zero_occ_residues.occupancy_flag 
_pdbx_unobs_or_zero_occ_residues.auth_asym_id 
_pdbx_unobs_or_zero_occ_residues.auth_comp_id 
_pdbx_unobs_or_zero_occ_residues.auth_seq_id 
_pdbx_unobs_or_zero_occ_residues.PDB_ins_code 
_pdbx_unobs_or_zero_occ_residues.label_asym_id 
_pdbx_unobs_or_zero_occ_residues.label_comp_id 
_pdbx_unobs_or_zero_occ_residues.label_seq_id 
1  1 Y 1 A MET -12 ? A MET 1   
2  1 Y 1 A ARG -11 ? A ARG 2   
3  1 Y 1 A GLY -10 ? A GLY 3   
4  1 Y 1 A SER -9  ? A SER 4   
5  1 Y 1 A HIS -8  ? A HIS 5   
6  1 Y 1 A HIS -7  ? A HIS 6   
7  1 Y 1 A HIS -6  ? A HIS 7   
8  1 Y 1 A HIS -5  ? A HIS 8   
9  1 Y 1 A HIS -4  ? A HIS 9   
10 1 Y 1 A HIS -3  ? A HIS 10  
11 1 Y 1 A THR -2  ? A THR 11  
12 1 Y 1 A ASP -1  ? A ASP 12  
13 1 Y 1 A PRO 0   ? A PRO 13  
14 1 Y 1 A HIS 1   ? A HIS 14  
15 1 Y 1 A GLU 2   ? A GLU 15  
16 1 Y 1 A GLU 3   ? A GLU 16  
17 1 Y 1 A GLU 4   ? A GLU 17  
18 1 Y 1 A ASN 5   ? A ASN 18  
19 1 Y 1 A SER 166 ? A SER 179 
20 1 Y 1 A GLU 167 ? A GLU 180 
21 1 Y 1 A ALA 168 ? A ALA 181 
22 1 Y 1 A ALA 169 ? A ALA 182 
23 1 Y 1 A GLN 170 ? A GLN 183 
24 1 Y 1 A VAL 171 ? A VAL 184 
25 1 Y 1 A SER 172 ? A SER 185 
26 1 Y 1 A SER 173 ? A SER 186 
27 1 Y 1 A ALA 174 ? A ALA 187 
28 1 Y 1 A GLU 175 ? A GLU 188 
# 
loop_
_chem_comp_atom.comp_id 
_chem_comp_atom.atom_id 
_chem_comp_atom.type_symbol 
_chem_comp_atom.pdbx_aromatic_flag 
_chem_comp_atom.pdbx_stereo_config 
_chem_comp_atom.pdbx_ordinal 
ALA N    N N N 1   
ALA CA   C N S 2   
ALA C    C N N 3   
ALA O    O N N 4   
ALA CB   C N N 5   
ALA OXT  O N N 6   
ALA H    H N N 7   
ALA H2   H N N 8   
ALA HA   H N N 9   
ALA HB1  H N N 10  
ALA HB2  H N N 11  
ALA HB3  H N N 12  
ALA HXT  H N N 13  
ARG N    N N N 14  
ARG CA   C N S 15  
ARG C    C N N 16  
ARG O    O N N 17  
ARG CB   C N N 18  
ARG CG   C N N 19  
ARG CD   C N N 20  
ARG NE   N N N 21  
ARG CZ   C N N 22  
ARG NH1  N N N 23  
ARG NH2  N N N 24  
ARG OXT  O N N 25  
ARG H    H N N 26  
ARG H2   H N N 27  
ARG HA   H N N 28  
ARG HB2  H N N 29  
ARG HB3  H N N 30  
ARG HG2  H N N 31  
ARG HG3  H N N 32  
ARG HD2  H N N 33  
ARG HD3  H N N 34  
ARG HE   H N N 35  
ARG HH11 H N N 36  
ARG HH12 H N N 37  
ARG HH21 H N N 38  
ARG HH22 H N N 39  
ARG HXT  H N N 40  
ASN N    N N N 41  
ASN CA   C N S 42  
ASN C    C N N 43  
ASN O    O N N 44  
ASN CB   C N N 45  
ASN CG   C N N 46  
ASN OD1  O N N 47  
ASN ND2  N N N 48  
ASN OXT  O N N 49  
ASN H    H N N 50  
ASN H2   H N N 51  
ASN HA   H N N 52  
ASN HB2  H N N 53  
ASN HB3  H N N 54  
ASN HD21 H N N 55  
ASN HD22 H N N 56  
ASN HXT  H N N 57  
ASP N    N N N 58  
ASP CA   C N S 59  
ASP C    C N N 60  
ASP O    O N N 61  
ASP CB   C N N 62  
ASP CG   C N N 63  
ASP OD1  O N N 64  
ASP OD2  O N N 65  
ASP OXT  O N N 66  
ASP H    H N N 67  
ASP H2   H N N 68  
ASP HA   H N N 69  
ASP HB2  H N N 70  
ASP HB3  H N N 71  
ASP HD2  H N N 72  
ASP HXT  H N N 73  
CYS N    N N N 74  
CYS CA   C N R 75  
CYS C    C N N 76  
CYS O    O N N 77  
CYS CB   C N N 78  
CYS SG   S N N 79  
CYS OXT  O N N 80  
CYS H    H N N 81  
CYS H2   H N N 82  
CYS HA   H N N 83  
CYS HB2  H N N 84  
CYS HB3  H N N 85  
CYS HG   H N N 86  
CYS HXT  H N N 87  
GLN N    N N N 88  
GLN CA   C N S 89  
GLN C    C N N 90  
GLN O    O N N 91  
GLN CB   C N N 92  
GLN CG   C N N 93  
GLN CD   C N N 94  
GLN OE1  O N N 95  
GLN NE2  N N N 96  
GLN OXT  O N N 97  
GLN H    H N N 98  
GLN H2   H N N 99  
GLN HA   H N N 100 
GLN HB2  H N N 101 
GLN HB3  H N N 102 
GLN HG2  H N N 103 
GLN HG3  H N N 104 
GLN HE21 H N N 105 
GLN HE22 H N N 106 
GLN HXT  H N N 107 
GLU N    N N N 108 
GLU CA   C N S 109 
GLU C    C N N 110 
GLU O    O N N 111 
GLU CB   C N N 112 
GLU CG   C N N 113 
GLU CD   C N N 114 
GLU OE1  O N N 115 
GLU OE2  O N N 116 
GLU OXT  O N N 117 
GLU H    H N N 118 
GLU H2   H N N 119 
GLU HA   H N N 120 
GLU HB2  H N N 121 
GLU HB3  H N N 122 
GLU HG2  H N N 123 
GLU HG3  H N N 124 
GLU HE2  H N N 125 
GLU HXT  H N N 126 
GLY N    N N N 127 
GLY CA   C N N 128 
GLY C    C N N 129 
GLY O    O N N 130 
GLY OXT  O N N 131 
GLY H    H N N 132 
GLY H2   H N N 133 
GLY HA2  H N N 134 
GLY HA3  H N N 135 
GLY HXT  H N N 136 
HIS N    N N N 137 
HIS CA   C N S 138 
HIS C    C N N 139 
HIS O    O N N 140 
HIS CB   C N N 141 
HIS CG   C Y N 142 
HIS ND1  N Y N 143 
HIS CD2  C Y N 144 
HIS CE1  C Y N 145 
HIS NE2  N Y N 146 
HIS OXT  O N N 147 
HIS H    H N N 148 
HIS H2   H N N 149 
HIS HA   H N N 150 
HIS HB2  H N N 151 
HIS HB3  H N N 152 
HIS HD1  H N N 153 
HIS HD2  H N N 154 
HIS HE1  H N N 155 
HIS HE2  H N N 156 
HIS HXT  H N N 157 
HOH O    O N N 158 
HOH H1   H N N 159 
HOH H2   H N N 160 
ILE N    N N N 161 
ILE CA   C N S 162 
ILE C    C N N 163 
ILE O    O N N 164 
ILE CB   C N S 165 
ILE CG1  C N N 166 
ILE CG2  C N N 167 
ILE CD1  C N N 168 
ILE OXT  O N N 169 
ILE H    H N N 170 
ILE H2   H N N 171 
ILE HA   H N N 172 
ILE HB   H N N 173 
ILE HG12 H N N 174 
ILE HG13 H N N 175 
ILE HG21 H N N 176 
ILE HG22 H N N 177 
ILE HG23 H N N 178 
ILE HD11 H N N 179 
ILE HD12 H N N 180 
ILE HD13 H N N 181 
ILE HXT  H N N 182 
LEU N    N N N 183 
LEU CA   C N S 184 
LEU C    C N N 185 
LEU O    O N N 186 
LEU CB   C N N 187 
LEU CG   C N N 188 
LEU CD1  C N N 189 
LEU CD2  C N N 190 
LEU OXT  O N N 191 
LEU H    H N N 192 
LEU H2   H N N 193 
LEU HA   H N N 194 
LEU HB2  H N N 195 
LEU HB3  H N N 196 
LEU HG   H N N 197 
LEU HD11 H N N 198 
LEU HD12 H N N 199 
LEU HD13 H N N 200 
LEU HD21 H N N 201 
LEU HD22 H N N 202 
LEU HD23 H N N 203 
LEU HXT  H N N 204 
LWE C7   C N N 205 
LWE C8   C N N 206 
LWE C9   C N N 207 
LWE C1   C N S 208 
LWE C5   C N N 209 
LWE C6   C N N 210 
LWE C4   C N R 211 
LWE C3   C N N 212 
LWE C2   C N N 213 
LWE C    C N N 214 
LWE O    O N N 215 
LWE H1   H N N 216 
LWE H2   H N N 217 
LWE H3   H N N 218 
LWE H4   H N N 219 
LWE H5   H N N 220 
LWE H6   H N N 221 
LWE H7   H N N 222 
LWE H8   H N N 223 
LWE H9   H N N 224 
LWE H10  H N N 225 
LWE H11  H N N 226 
LWE H12  H N N 227 
LWE H13  H N N 228 
LWE H14  H N N 229 
LWE H15  H N N 230 
LWE H16  H N N 231 
LWE H17  H N N 232 
LWE H18  H N N 233 
LYS N    N N N 234 
LYS CA   C N S 235 
LYS C    C N N 236 
LYS O    O N N 237 
LYS CB   C N N 238 
LYS CG   C N N 239 
LYS CD   C N N 240 
LYS CE   C N N 241 
LYS NZ   N N N 242 
LYS OXT  O N N 243 
LYS H    H N N 244 
LYS H2   H N N 245 
LYS HA   H N N 246 
LYS HB2  H N N 247 
LYS HB3  H N N 248 
LYS HG2  H N N 249 
LYS HG3  H N N 250 
LYS HD2  H N N 251 
LYS HD3  H N N 252 
LYS HE2  H N N 253 
LYS HE3  H N N 254 
LYS HZ1  H N N 255 
LYS HZ2  H N N 256 
LYS HZ3  H N N 257 
LYS HXT  H N N 258 
MET N    N N N 259 
MET CA   C N S 260 
MET C    C N N 261 
MET O    O N N 262 
MET CB   C N N 263 
MET CG   C N N 264 
MET SD   S N N 265 
MET CE   C N N 266 
MET OXT  O N N 267 
MET H    H N N 268 
MET H2   H N N 269 
MET HA   H N N 270 
MET HB2  H N N 271 
MET HB3  H N N 272 
MET HG2  H N N 273 
MET HG3  H N N 274 
MET HE1  H N N 275 
MET HE2  H N N 276 
MET HE3  H N N 277 
MET HXT  H N N 278 
PHE N    N N N 279 
PHE CA   C N S 280 
PHE C    C N N 281 
PHE O    O N N 282 
PHE CB   C N N 283 
PHE CG   C Y N 284 
PHE CD1  C Y N 285 
PHE CD2  C Y N 286 
PHE CE1  C Y N 287 
PHE CE2  C Y N 288 
PHE CZ   C Y N 289 
PHE OXT  O N N 290 
PHE H    H N N 291 
PHE H2   H N N 292 
PHE HA   H N N 293 
PHE HB2  H N N 294 
PHE HB3  H N N 295 
PHE HD1  H N N 296 
PHE HD2  H N N 297 
PHE HE1  H N N 298 
PHE HE2  H N N 299 
PHE HZ   H N N 300 
PHE HXT  H N N 301 
PRO N    N N N 302 
PRO CA   C N S 303 
PRO C    C N N 304 
PRO O    O N N 305 
PRO CB   C N N 306 
PRO CG   C N N 307 
PRO CD   C N N 308 
PRO OXT  O N N 309 
PRO H    H N N 310 
PRO HA   H N N 311 
PRO HB2  H N N 312 
PRO HB3  H N N 313 
PRO HG2  H N N 314 
PRO HG3  H N N 315 
PRO HD2  H N N 316 
PRO HD3  H N N 317 
PRO HXT  H N N 318 
SER N    N N N 319 
SER CA   C N S 320 
SER C    C N N 321 
SER O    O N N 322 
SER CB   C N N 323 
SER OG   O N N 324 
SER OXT  O N N 325 
SER H    H N N 326 
SER H2   H N N 327 
SER HA   H N N 328 
SER HB2  H N N 329 
SER HB3  H N N 330 
SER HG   H N N 331 
SER HXT  H N N 332 
THR N    N N N 333 
THR CA   C N S 334 
THR C    C N N 335 
THR O    O N N 336 
THR CB   C N R 337 
THR OG1  O N N 338 
THR CG2  C N N 339 
THR OXT  O N N 340 
THR H    H N N 341 
THR H2   H N N 342 
THR HA   H N N 343 
THR HB   H N N 344 
THR HG1  H N N 345 
THR HG21 H N N 346 
THR HG22 H N N 347 
THR HG23 H N N 348 
THR HXT  H N N 349 
TRP N    N N N 350 
TRP CA   C N S 351 
TRP C    C N N 352 
TRP O    O N N 353 
TRP CB   C N N 354 
TRP CG   C Y N 355 
TRP CD1  C Y N 356 
TRP CD2  C Y N 357 
TRP NE1  N Y N 358 
TRP CE2  C Y N 359 
TRP CE3  C Y N 360 
TRP CZ2  C Y N 361 
TRP CZ3  C Y N 362 
TRP CH2  C Y N 363 
TRP OXT  O N N 364 
TRP H    H N N 365 
TRP H2   H N N 366 
TRP HA   H N N 367 
TRP HB2  H N N 368 
TRP HB3  H N N 369 
TRP HD1  H N N 370 
TRP HE1  H N N 371 
TRP HE3  H N N 372 
TRP HZ2  H N N 373 
TRP HZ3  H N N 374 
TRP HH2  H N N 375 
TRP HXT  H N N 376 
TYR N    N N N 377 
TYR CA   C N S 378 
TYR C    C N N 379 
TYR O    O N N 380 
TYR CB   C N N 381 
TYR CG   C Y N 382 
TYR CD1  C Y N 383 
TYR CD2  C Y N 384 
TYR CE1  C Y N 385 
TYR CE2  C Y N 386 
TYR CZ   C Y N 387 
TYR OH   O N N 388 
TYR OXT  O N N 389 
TYR H    H N N 390 
TYR H2   H N N 391 
TYR HA   H N N 392 
TYR HB2  H N N 393 
TYR HB3  H N N 394 
TYR HD1  H N N 395 
TYR HD2  H N N 396 
TYR HE1  H N N 397 
TYR HE2  H N N 398 
TYR HH   H N N 399 
TYR HXT  H N N 400 
VAL N    N N N 401 
VAL CA   C N S 402 
VAL C    C N N 403 
VAL O    O N N 404 
VAL CB   C N N 405 
VAL CG1  C N N 406 
VAL CG2  C N N 407 
VAL OXT  O N N 408 
VAL H    H N N 409 
VAL H2   H N N 410 
VAL HA   H N N 411 
VAL HB   H N N 412 
VAL HG11 H N N 413 
VAL HG12 H N N 414 
VAL HG13 H N N 415 
VAL HG21 H N N 416 
VAL HG22 H N N 417 
VAL HG23 H N N 418 
VAL HXT  H N N 419 
# 
loop_
_chem_comp_bond.comp_id 
_chem_comp_bond.atom_id_1 
_chem_comp_bond.atom_id_2 
_chem_comp_bond.value_order 
_chem_comp_bond.pdbx_aromatic_flag 
_chem_comp_bond.pdbx_stereo_config 
_chem_comp_bond.pdbx_ordinal 
ALA N   CA   sing N N 1   
ALA N   H    sing N N 2   
ALA N   H2   sing N N 3   
ALA CA  C    sing N N 4   
ALA CA  CB   sing N N 5   
ALA CA  HA   sing N N 6   
ALA C   O    doub N N 7   
ALA C   OXT  sing N N 8   
ALA CB  HB1  sing N N 9   
ALA CB  HB2  sing N N 10  
ALA CB  HB3  sing N N 11  
ALA OXT HXT  sing N N 12  
ARG N   CA   sing N N 13  
ARG N   H    sing N N 14  
ARG N   H2   sing N N 15  
ARG CA  C    sing N N 16  
ARG CA  CB   sing N N 17  
ARG CA  HA   sing N N 18  
ARG C   O    doub N N 19  
ARG C   OXT  sing N N 20  
ARG CB  CG   sing N N 21  
ARG CB  HB2  sing N N 22  
ARG CB  HB3  sing N N 23  
ARG CG  CD   sing N N 24  
ARG CG  HG2  sing N N 25  
ARG CG  HG3  sing N N 26  
ARG CD  NE   sing N N 27  
ARG CD  HD2  sing N N 28  
ARG CD  HD3  sing N N 29  
ARG NE  CZ   sing N N 30  
ARG NE  HE   sing N N 31  
ARG CZ  NH1  sing N N 32  
ARG CZ  NH2  doub N N 33  
ARG NH1 HH11 sing N N 34  
ARG NH1 HH12 sing N N 35  
ARG NH2 HH21 sing N N 36  
ARG NH2 HH22 sing N N 37  
ARG OXT HXT  sing N N 38  
ASN N   CA   sing N N 39  
ASN N   H    sing N N 40  
ASN N   H2   sing N N 41  
ASN CA  C    sing N N 42  
ASN CA  CB   sing N N 43  
ASN CA  HA   sing N N 44  
ASN C   O    doub N N 45  
ASN C   OXT  sing N N 46  
ASN CB  CG   sing N N 47  
ASN CB  HB2  sing N N 48  
ASN CB  HB3  sing N N 49  
ASN CG  OD1  doub N N 50  
ASN CG  ND2  sing N N 51  
ASN ND2 HD21 sing N N 52  
ASN ND2 HD22 sing N N 53  
ASN OXT HXT  sing N N 54  
ASP N   CA   sing N N 55  
ASP N   H    sing N N 56  
ASP N   H2   sing N N 57  
ASP CA  C    sing N N 58  
ASP CA  CB   sing N N 59  
ASP CA  HA   sing N N 60  
ASP C   O    doub N N 61  
ASP C   OXT  sing N N 62  
ASP CB  CG   sing N N 63  
ASP CB  HB2  sing N N 64  
ASP CB  HB3  sing N N 65  
ASP CG  OD1  doub N N 66  
ASP CG  OD2  sing N N 67  
ASP OD2 HD2  sing N N 68  
ASP OXT HXT  sing N N 69  
CYS N   CA   sing N N 70  
CYS N   H    sing N N 71  
CYS N   H2   sing N N 72  
CYS CA  C    sing N N 73  
CYS CA  CB   sing N N 74  
CYS CA  HA   sing N N 75  
CYS C   O    doub N N 76  
CYS C   OXT  sing N N 77  
CYS CB  SG   sing N N 78  
CYS CB  HB2  sing N N 79  
CYS CB  HB3  sing N N 80  
CYS SG  HG   sing N N 81  
CYS OXT HXT  sing N N 82  
GLN N   CA   sing N N 83  
GLN N   H    sing N N 84  
GLN N   H2   sing N N 85  
GLN CA  C    sing N N 86  
GLN CA  CB   sing N N 87  
GLN CA  HA   sing N N 88  
GLN C   O    doub N N 89  
GLN C   OXT  sing N N 90  
GLN CB  CG   sing N N 91  
GLN CB  HB2  sing N N 92  
GLN CB  HB3  sing N N 93  
GLN CG  CD   sing N N 94  
GLN CG  HG2  sing N N 95  
GLN CG  HG3  sing N N 96  
GLN CD  OE1  doub N N 97  
GLN CD  NE2  sing N N 98  
GLN NE2 HE21 sing N N 99  
GLN NE2 HE22 sing N N 100 
GLN OXT HXT  sing N N 101 
GLU N   CA   sing N N 102 
GLU N   H    sing N N 103 
GLU N   H2   sing N N 104 
GLU CA  C    sing N N 105 
GLU CA  CB   sing N N 106 
GLU CA  HA   sing N N 107 
GLU C   O    doub N N 108 
GLU C   OXT  sing N N 109 
GLU CB  CG   sing N N 110 
GLU CB  HB2  sing N N 111 
GLU CB  HB3  sing N N 112 
GLU CG  CD   sing N N 113 
GLU CG  HG2  sing N N 114 
GLU CG  HG3  sing N N 115 
GLU CD  OE1  doub N N 116 
GLU CD  OE2  sing N N 117 
GLU OE2 HE2  sing N N 118 
GLU OXT HXT  sing N N 119 
GLY N   CA   sing N N 120 
GLY N   H    sing N N 121 
GLY N   H2   sing N N 122 
GLY CA  C    sing N N 123 
GLY CA  HA2  sing N N 124 
GLY CA  HA3  sing N N 125 
GLY C   O    doub N N 126 
GLY C   OXT  sing N N 127 
GLY OXT HXT  sing N N 128 
HIS N   CA   sing N N 129 
HIS N   H    sing N N 130 
HIS N   H2   sing N N 131 
HIS CA  C    sing N N 132 
HIS CA  CB   sing N N 133 
HIS CA  HA   sing N N 134 
HIS C   O    doub N N 135 
HIS C   OXT  sing N N 136 
HIS CB  CG   sing N N 137 
HIS CB  HB2  sing N N 138 
HIS CB  HB3  sing N N 139 
HIS CG  ND1  sing Y N 140 
HIS CG  CD2  doub Y N 141 
HIS ND1 CE1  doub Y N 142 
HIS ND1 HD1  sing N N 143 
HIS CD2 NE2  sing Y N 144 
HIS CD2 HD2  sing N N 145 
HIS CE1 NE2  sing Y N 146 
HIS CE1 HE1  sing N N 147 
HIS NE2 HE2  sing N N 148 
HIS OXT HXT  sing N N 149 
HOH O   H1   sing N N 150 
HOH O   H2   sing N N 151 
ILE N   CA   sing N N 152 
ILE N   H    sing N N 153 
ILE N   H2   sing N N 154 
ILE CA  C    sing N N 155 
ILE CA  CB   sing N N 156 
ILE CA  HA   sing N N 157 
ILE C   O    doub N N 158 
ILE C   OXT  sing N N 159 
ILE CB  CG1  sing N N 160 
ILE CB  CG2  sing N N 161 
ILE CB  HB   sing N N 162 
ILE CG1 CD1  sing N N 163 
ILE CG1 HG12 sing N N 164 
ILE CG1 HG13 sing N N 165 
ILE CG2 HG21 sing N N 166 
ILE CG2 HG22 sing N N 167 
ILE CG2 HG23 sing N N 168 
ILE CD1 HD11 sing N N 169 
ILE CD1 HD12 sing N N 170 
ILE CD1 HD13 sing N N 171 
ILE OXT HXT  sing N N 172 
LEU N   CA   sing N N 173 
LEU N   H    sing N N 174 
LEU N   H2   sing N N 175 
LEU CA  C    sing N N 176 
LEU CA  CB   sing N N 177 
LEU CA  HA   sing N N 178 
LEU C   O    doub N N 179 
LEU C   OXT  sing N N 180 
LEU CB  CG   sing N N 181 
LEU CB  HB2  sing N N 182 
LEU CB  HB3  sing N N 183 
LEU CG  CD1  sing N N 184 
LEU CG  CD2  sing N N 185 
LEU CG  HG   sing N N 186 
LEU CD1 HD11 sing N N 187 
LEU CD1 HD12 sing N N 188 
LEU CD1 HD13 sing N N 189 
LEU CD2 HD21 sing N N 190 
LEU CD2 HD22 sing N N 191 
LEU CD2 HD23 sing N N 192 
LEU OXT HXT  sing N N 193 
LWE O   C5   doub N N 194 
LWE C5  C6   sing N N 195 
LWE C5  C4   sing N N 196 
LWE C1  C    sing N N 197 
LWE C1  C6   sing N N 198 
LWE C1  C2   sing N N 199 
LWE C7  C8   sing N N 200 
LWE C7  C4   sing N N 201 
LWE C7  C9   sing N N 202 
LWE C4  C3   sing N N 203 
LWE C3  C2   sing N N 204 
LWE C7  H1   sing N N 205 
LWE C8  H2   sing N N 206 
LWE C8  H3   sing N N 207 
LWE C8  H4   sing N N 208 
LWE C9  H5   sing N N 209 
LWE C9  H6   sing N N 210 
LWE C9  H7   sing N N 211 
LWE C1  H8   sing N N 212 
LWE C6  H9   sing N N 213 
LWE C6  H10  sing N N 214 
LWE C4  H11  sing N N 215 
LWE C3  H12  sing N N 216 
LWE C3  H13  sing N N 217 
LWE C2  H14  sing N N 218 
LWE C2  H15  sing N N 219 
LWE C   H16  sing N N 220 
LWE C   H17  sing N N 221 
LWE C   H18  sing N N 222 
LYS N   CA   sing N N 223 
LYS N   H    sing N N 224 
LYS N   H2   sing N N 225 
LYS CA  C    sing N N 226 
LYS CA  CB   sing N N 227 
LYS CA  HA   sing N N 228 
LYS C   O    doub N N 229 
LYS C   OXT  sing N N 230 
LYS CB  CG   sing N N 231 
LYS CB  HB2  sing N N 232 
LYS CB  HB3  sing N N 233 
LYS CG  CD   sing N N 234 
LYS CG  HG2  sing N N 235 
LYS CG  HG3  sing N N 236 
LYS CD  CE   sing N N 237 
LYS CD  HD2  sing N N 238 
LYS CD  HD3  sing N N 239 
LYS CE  NZ   sing N N 240 
LYS CE  HE2  sing N N 241 
LYS CE  HE3  sing N N 242 
LYS NZ  HZ1  sing N N 243 
LYS NZ  HZ2  sing N N 244 
LYS NZ  HZ3  sing N N 245 
LYS OXT HXT  sing N N 246 
MET N   CA   sing N N 247 
MET N   H    sing N N 248 
MET N   H2   sing N N 249 
MET CA  C    sing N N 250 
MET CA  CB   sing N N 251 
MET CA  HA   sing N N 252 
MET C   O    doub N N 253 
MET C   OXT  sing N N 254 
MET CB  CG   sing N N 255 
MET CB  HB2  sing N N 256 
MET CB  HB3  sing N N 257 
MET CG  SD   sing N N 258 
MET CG  HG2  sing N N 259 
MET CG  HG3  sing N N 260 
MET SD  CE   sing N N 261 
MET CE  HE1  sing N N 262 
MET CE  HE2  sing N N 263 
MET CE  HE3  sing N N 264 
MET OXT HXT  sing N N 265 
PHE N   CA   sing N N 266 
PHE N   H    sing N N 267 
PHE N   H2   sing N N 268 
PHE CA  C    sing N N 269 
PHE CA  CB   sing N N 270 
PHE CA  HA   sing N N 271 
PHE C   O    doub N N 272 
PHE C   OXT  sing N N 273 
PHE CB  CG   sing N N 274 
PHE CB  HB2  sing N N 275 
PHE CB  HB3  sing N N 276 
PHE CG  CD1  doub Y N 277 
PHE CG  CD2  sing Y N 278 
PHE CD1 CE1  sing Y N 279 
PHE CD1 HD1  sing N N 280 
PHE CD2 CE2  doub Y N 281 
PHE CD2 HD2  sing N N 282 
PHE CE1 CZ   doub Y N 283 
PHE CE1 HE1  sing N N 284 
PHE CE2 CZ   sing Y N 285 
PHE CE2 HE2  sing N N 286 
PHE CZ  HZ   sing N N 287 
PHE OXT HXT  sing N N 288 
PRO N   CA   sing N N 289 
PRO N   CD   sing N N 290 
PRO N   H    sing N N 291 
PRO CA  C    sing N N 292 
PRO CA  CB   sing N N 293 
PRO CA  HA   sing N N 294 
PRO C   O    doub N N 295 
PRO C   OXT  sing N N 296 
PRO CB  CG   sing N N 297 
PRO CB  HB2  sing N N 298 
PRO CB  HB3  sing N N 299 
PRO CG  CD   sing N N 300 
PRO CG  HG2  sing N N 301 
PRO CG  HG3  sing N N 302 
PRO CD  HD2  sing N N 303 
PRO CD  HD3  sing N N 304 
PRO OXT HXT  sing N N 305 
SER N   CA   sing N N 306 
SER N   H    sing N N 307 
SER N   H2   sing N N 308 
SER CA  C    sing N N 309 
SER CA  CB   sing N N 310 
SER CA  HA   sing N N 311 
SER C   O    doub N N 312 
SER C   OXT  sing N N 313 
SER CB  OG   sing N N 314 
SER CB  HB2  sing N N 315 
SER CB  HB3  sing N N 316 
SER OG  HG   sing N N 317 
SER OXT HXT  sing N N 318 
THR N   CA   sing N N 319 
THR N   H    sing N N 320 
THR N   H2   sing N N 321 
THR CA  C    sing N N 322 
THR CA  CB   sing N N 323 
THR CA  HA   sing N N 324 
THR C   O    doub N N 325 
THR C   OXT  sing N N 326 
THR CB  OG1  sing N N 327 
THR CB  CG2  sing N N 328 
THR CB  HB   sing N N 329 
THR OG1 HG1  sing N N 330 
THR CG2 HG21 sing N N 331 
THR CG2 HG22 sing N N 332 
THR CG2 HG23 sing N N 333 
THR OXT HXT  sing N N 334 
TRP N   CA   sing N N 335 
TRP N   H    sing N N 336 
TRP N   H2   sing N N 337 
TRP CA  C    sing N N 338 
TRP CA  CB   sing N N 339 
TRP CA  HA   sing N N 340 
TRP C   O    doub N N 341 
TRP C   OXT  sing N N 342 
TRP CB  CG   sing N N 343 
TRP CB  HB2  sing N N 344 
TRP CB  HB3  sing N N 345 
TRP CG  CD1  doub Y N 346 
TRP CG  CD2  sing Y N 347 
TRP CD1 NE1  sing Y N 348 
TRP CD1 HD1  sing N N 349 
TRP CD2 CE2  doub Y N 350 
TRP CD2 CE3  sing Y N 351 
TRP NE1 CE2  sing Y N 352 
TRP NE1 HE1  sing N N 353 
TRP CE2 CZ2  sing Y N 354 
TRP CE3 CZ3  doub Y N 355 
TRP CE3 HE3  sing N N 356 
TRP CZ2 CH2  doub Y N 357 
TRP CZ2 HZ2  sing N N 358 
TRP CZ3 CH2  sing Y N 359 
TRP CZ3 HZ3  sing N N 360 
TRP CH2 HH2  sing N N 361 
TRP OXT HXT  sing N N 362 
TYR N   CA   sing N N 363 
TYR N   H    sing N N 364 
TYR N   H2   sing N N 365 
TYR CA  C    sing N N 366 
TYR CA  CB   sing N N 367 
TYR CA  HA   sing N N 368 
TYR C   O    doub N N 369 
TYR C   OXT  sing N N 370 
TYR CB  CG   sing N N 371 
TYR CB  HB2  sing N N 372 
TYR CB  HB3  sing N N 373 
TYR CG  CD1  doub Y N 374 
TYR CG  CD2  sing Y N 375 
TYR CD1 CE1  sing Y N 376 
TYR CD1 HD1  sing N N 377 
TYR CD2 CE2  doub Y N 378 
TYR CD2 HD2  sing N N 379 
TYR CE1 CZ   doub Y N 380 
TYR CE1 HE1  sing N N 381 
TYR CE2 CZ   sing Y N 382 
TYR CE2 HE2  sing N N 383 
TYR CZ  OH   sing N N 384 
TYR OH  HH   sing N N 385 
TYR OXT HXT  sing N N 386 
VAL N   CA   sing N N 387 
VAL N   H    sing N N 388 
VAL N   H2   sing N N 389 
VAL CA  C    sing N N 390 
VAL CA  CB   sing N N 391 
VAL CA  HA   sing N N 392 
VAL C   O    doub N N 393 
VAL C   OXT  sing N N 394 
VAL CB  CG1  sing N N 395 
VAL CB  CG2  sing N N 396 
VAL CB  HB   sing N N 397 
VAL CG1 HG11 sing N N 398 
VAL CG1 HG12 sing N N 399 
VAL CG1 HG13 sing N N 400 
VAL CG2 HG21 sing N N 401 
VAL CG2 HG22 sing N N 402 
VAL CG2 HG23 sing N N 403 
VAL OXT HXT  sing N N 404 
# 
_pdbx_audit_support.funding_organization   'Other private' 
_pdbx_audit_support.country                France 
_pdbx_audit_support.grant_number           ? 
_pdbx_audit_support.ordinal                1 
# 
_space_group.name_H-M_alt     'P 31 2 1' 
_space_group.name_Hall        
;P 31 2"
;
_space_group.IT_number        152 
_space_group.crystal_system   trigonal 
_space_group.id               1 
# 
_atom_sites.entry_id                    8AEJ 
_atom_sites.Cartn_transf_matrix[1][1]   ? 
_atom_sites.Cartn_transf_matrix[1][2]   ? 
_atom_sites.Cartn_transf_matrix[1][3]   ? 
_atom_sites.Cartn_transf_matrix[2][1]   ? 
_atom_sites.Cartn_transf_matrix[2][2]   ? 
_atom_sites.Cartn_transf_matrix[2][3]   ? 
_atom_sites.Cartn_transf_matrix[3][1]   ? 
_atom_sites.Cartn_transf_matrix[3][2]   ? 
_atom_sites.Cartn_transf_matrix[3][3]   ? 
_atom_sites.Cartn_transf_vector[1]      ? 
_atom_sites.Cartn_transf_vector[2]      ? 
_atom_sites.Cartn_transf_vector[3]      ? 
_atom_sites.fract_transf_matrix[1][1]   0.01375948 
_atom_sites.fract_transf_matrix[1][2]   -0.00429905 
_atom_sites.fract_transf_matrix[1][3]   0.00941121 
_atom_sites.fract_transf_matrix[2][1]   0.01281638 
_atom_sites.fract_transf_matrix[2][2]   0.01128776 
_atom_sites.fract_transf_matrix[2][3]   0.00216409 
_atom_sites.fract_transf_matrix[3][1]   -0.00625349 
_atom_sites.fract_transf_matrix[3][2]   0.00491689 
_atom_sites.fract_transf_matrix[3][3]   0.01138884 
_atom_sites.fract_transf_vector[1]      0.479242 
_atom_sites.fract_transf_vector[2]      0.268345 
_atom_sites.fract_transf_vector[3]      -0.149715 
_atom_sites.solution_primary            ? 
_atom_sites.solution_secondary          ? 
_atom_sites.solution_hydrogens          ? 
_atom_sites.special_details             ? 
# 
loop_
_atom_type.symbol 
_atom_type.scat_dispersion_real 
_atom_type.scat_dispersion_imag 
_atom_type.scat_Cromer_Mann_a1 
_atom_type.scat_Cromer_Mann_a2 
_atom_type.scat_Cromer_Mann_a3 
_atom_type.scat_Cromer_Mann_a4 
_atom_type.scat_Cromer_Mann_b1 
_atom_type.scat_Cromer_Mann_b2 
_atom_type.scat_Cromer_Mann_b3 
_atom_type.scat_Cromer_Mann_b4 
_atom_type.scat_Cromer_Mann_c 
_atom_type.scat_source 
_atom_type.scat_dispersion_source 
C ? ? 3.54356 2.42580 ? ? 25.62398 1.50364  ? ? 0.0 
;2-Gaussian fit: Grosse-Kunstleve RW, Sauter NK, Adams PD: Newsletter of the IUCr Commission on Crystallographic Computing 2004, 3, 22-31.
;
? 
N ? ? 4.01032 2.96436 ? ? 19.97189 1.75589  ? ? 0.0 
;2-Gaussian fit: Grosse-Kunstleve RW, Sauter NK, Adams PD: Newsletter of the IUCr Commission on Crystallographic Computing 2004, 3, 22-31.
;
? 
O ? ? 4.49882 3.47563 ? ? 15.80542 1.70748  ? ? 0.0 
;2-Gaussian fit: Grosse-Kunstleve RW, Sauter NK, Adams PD: Newsletter of the IUCr Commission on Crystallographic Computing 2004, 3, 22-31.
;
? 
S ? ? 9.55732 6.39887 ? ? 1.23737  29.19336 ? ? 0.0 
;2-Gaussian fit: Grosse-Kunstleve RW, Sauter NK, Adams PD: Newsletter of the IUCr Commission on Crystallographic Computing 2004, 3, 22-31.
;
? 
# 
loop_
_atom_site.group_PDB 
_atom_site.id 
_atom_site.type_symbol 
_atom_site.label_atom_id 
_atom_site.label_alt_id 
_atom_site.label_comp_id 
_atom_site.label_asym_id 
_atom_site.label_entity_id 
_atom_site.label_seq_id 
_atom_site.pdbx_PDB_ins_code 
_atom_site.Cartn_x 
_atom_site.Cartn_y 
_atom_site.Cartn_z 
_atom_site.occupancy 
_atom_site.B_iso_or_equiv 
_atom_site.pdbx_formal_charge 
_atom_site.auth_seq_id 
_atom_site.auth_comp_id 
_atom_site.auth_asym_id 
_atom_site.auth_atom_id 
_atom_site.pdbx_PDB_model_num 
ATOM   1    N N   . ASP A 1 19  ? 13.99556  13.90704  0.85010   1.000 61.45107 ? 6   ASP A N   1 
ATOM   2    C CA  . ASP A 1 19  ? 14.79228  12.99907  1.67103   1.000 59.12434 ? 6   ASP A CA  1 
ATOM   3    C C   . ASP A 1 19  ? 14.45800  11.53666  1.37478   1.000 54.87212 ? 6   ASP A C   1 
ATOM   4    O O   . ASP A 1 19  ? 13.97545  10.80786  2.25879   1.000 50.62006 ? 6   ASP A O   1 
ATOM   5    C CB  . ASP A 1 19  ? 14.56702  13.27887  3.15255   1.000 63.23879 ? 6   ASP A CB  1 
ATOM   6    C CG  . ASP A 1 19  ? 14.62852  14.75099  3.48634   1.000 70.87129 ? 6   ASP A CG  1 
ATOM   7    O OD1 . ASP A 1 19  ? 13.82913  15.52776  2.91210   1.000 73.07946 ? 6   ASP A OD1 1 
ATOM   8    O OD2 . ASP A 1 19  ? 15.46862  15.12271  4.33605   1.000 75.42417 ? 6   ASP A OD2 1 
ATOM   9    N N   . VAL A 1 20  ? 14.73678  11.10644  0.14616   1.000 53.15574 ? 7   VAL A N   1 
ATOM   10   C CA  . VAL A 1 20  ? 14.37285  9.76325   -0.30201  1.000 49.44882 ? 7   VAL A CA  1 
ATOM   11   C C   . VAL A 1 20  ? 15.34455  8.73843   0.27511   1.000 48.71883 ? 7   VAL A C   1 
ATOM   12   O O   . VAL A 1 20  ? 16.54840  8.78441   0.00143   1.000 54.07083 ? 7   VAL A O   1 
ATOM   13   C CB  . VAL A 1 20  ? 14.34726  9.68181   -1.83370  1.000 50.35507 ? 7   VAL A CB  1 
ATOM   14   C CG1 . VAL A 1 20  ? 13.74878  8.34762   -2.26818  1.000 48.88091 ? 7   VAL A CG1 1 
ATOM   15   C CG2 . VAL A 1 20  ? 13.56350  10.85054  -2.42099  1.000 53.20549 ? 7   VAL A CG2 1 
ATOM   16   N N   . VAL A 1 21  ? 14.81595  7.80320   1.06073   1.000 47.34557 ? 8   VAL A N   1 
ATOM   17   C CA  . VAL A 1 21  ? 15.53651  6.62282   1.53418   1.000 44.28209 ? 8   VAL A CA  1 
ATOM   18   C C   . VAL A 1 21  ? 15.17726  5.46193   0.60856   1.000 50.52493 ? 8   VAL A C   1 
ATOM   19   O O   . VAL A 1 21  ? 13.99412  5.23107   0.33181   1.000 43.94395 ? 8   VAL A O   1 
ATOM   20   C CB  . VAL A 1 21  ? 15.16488  6.29596   2.98987   1.000 47.67430 ? 8   VAL A CB  1 
ATOM   21   C CG1 . VAL A 1 21  ? 16.07857  5.23016   3.56748   1.000 48.42717 ? 8   VAL A CG1 1 
ATOM   22   C CG2 . VAL A 1 21  ? 15.19129  7.57720   3.85887   1.000 45.64384 ? 8   VAL A CG2 1 
ATOM   23   N N   . LYS A 1 22  ? 16.18770  4.72146   0.14130   1.000 47.28089 ? 9   LYS A N   1 
ATOM   24   C CA  . LYS A 1 22  ? 15.98137  3.62879   -0.81276  1.000 48.26081 ? 9   LYS A CA  1 
ATOM   25   C C   . LYS A 1 22  ? 16.32041  2.25848   -0.24724  1.000 46.28605 ? 9   LYS A C   1 
ATOM   26   O O   . LYS A 1 22  ? 16.27653  1.26570   -0.98200  1.000 48.14917 ? 9   LYS A O   1 
ATOM   27   C CB  . LYS A 1 22  ? 16.80015  3.86748   -2.07025  1.000 44.46475 ? 9   LYS A CB  1 
ATOM   28   C CG  . LYS A 1 22  ? 16.20324  4.92578   -2.92565  1.000 48.28923 ? 9   LYS A CG  1 
ATOM   29   C CD  . LYS A 1 22  ? 17.15165  5.31387   -4.01179  1.000 44.08784 ? 9   LYS A CD  1 
ATOM   30   C CE  . LYS A 1 22  ? 16.35265  5.70163   -5.20830  1.000 47.26410 ? 9   LYS A CE  1 
ATOM   31   N NZ  . LYS A 1 22  ? 15.29140  4.66810   -5.35335  1.000 46.87264 ? 9   LYS A NZ  1 
ATOM   32   N N   . GLY A 1 23  ? 16.66465  2.18662   1.02427   1.000 48.71788 ? 10  GLY A N   1 
ATOM   33   C CA  . GLY A 1 23  ? 16.99466  0.93234   1.66647   1.000 48.05701 ? 10  GLY A CA  1 
ATOM   34   C C   . GLY A 1 23  ? 17.37810  1.26350   3.08558   1.000 47.57207 ? 10  GLY A C   1 
ATOM   35   O O   . GLY A 1 23  ? 17.62618  2.42667   3.42466   1.000 50.33256 ? 10  GLY A O   1 
ATOM   36   N N   . ASN A 1 24  ? 17.41765  0.22361   3.91608   1.000 49.00005 ? 11  ASN A N   1 
ATOM   37   C CA  . ASN A 1 24  ? 17.72628  0.36867   5.33298   1.000 48.10256 ? 11  ASN A CA  1 
ATOM   38   C C   . ASN A 1 24  ? 16.79244  1.38595   5.97895   1.000 56.47257 ? 11  ASN A C   1 
ATOM   39   O O   . ASN A 1 24  ? 17.21243  2.33613   6.64954   1.000 54.17874 ? 11  ASN A O   1 
ATOM   40   C CB  . ASN A 1 24  ? 19.19431  0.72861   5.54820   1.000 51.73460 ? 11  ASN A CB  1 
ATOM   41   C CG  . ASN A 1 24  ? 20.12116  -0.37596  5.07268   1.000 55.95421 ? 11  ASN A CG  1 
ATOM   42   O OD1 . ASN A 1 24  ? 20.13972  -1.47243  5.64652   1.000 58.49373 ? 11  ASN A OD1 1 
ATOM   43   N ND2 . ASN A 1 24  ? 20.88330  -0.10384  4.01606   1.000 48.39554 ? 11  ASN A ND2 1 
ATOM   44   N N   . PHE A 1 25  ? 15.49891  1.16559   5.76025   1.000 52.62290 ? 12  PHE A N   1 
ATOM   45   C CA  . PHE A 1 25  ? 14.48144  2.07923   6.24892   1.000 52.65709 ? 12  PHE A CA  1 
ATOM   46   C C   . PHE A 1 25  ? 14.34996  1.97779   7.76355   1.000 52.44507 ? 12  PHE A C   1 
ATOM   47   O O   . PHE A 1 25  ? 14.38144  0.88300   8.33156   1.000 53.86796 ? 12  PHE A O   1 
ATOM   48   C CB  . PHE A 1 25  ? 13.14619  1.76584   5.56932   1.000 48.74919 ? 12  PHE A CB  1 
ATOM   49   C CG  . PHE A 1 25  ? 13.25053  1.62372   4.07785   1.000 45.46976 ? 12  PHE A CG  1 
ATOM   50   C CD1 . PHE A 1 25  ? 13.11198  2.73170   3.24775   1.000 40.60374 ? 12  PHE A CD1 1 
ATOM   51   C CD2 . PHE A 1 25  ? 13.51055  0.38797   3.50262   1.000 46.77052 ? 12  PHE A CD2 1 
ATOM   52   C CE1 . PHE A 1 25  ? 13.21148  2.60644   1.87198   1.000 47.44484 ? 12  PHE A CE1 1 
ATOM   53   C CE2 . PHE A 1 25  ? 13.61896  0.25745   2.14134   1.000 41.53989 ? 12  PHE A CE2 1 
ATOM   54   C CZ  . PHE A 1 25  ? 13.46431  1.36611   1.31552   1.000 41.49569 ? 12  PHE A CZ  1 
ATOM   55   N N   . ASP A 1 26  ? 14.22006  3.13548   8.42075   1.000 53.36955 ? 13  ASP A N   1 
ATOM   56   C CA  . ASP A 1 26  ? 13.88438  3.18457   9.84244   1.000 53.66541 ? 13  ASP A CA  1 
ATOM   57   C C   . ASP A 1 26  ? 12.37987  3.00078   9.98246   1.000 50.96302 ? 13  ASP A C   1 
ATOM   58   O O   . ASP A 1 26  ? 11.60236  3.89419   9.62481   1.000 50.12418 ? 13  ASP A O   1 
ATOM   59   C CB  . ASP A 1 26  ? 14.32750  4.50412   10.46994  1.000 56.62001 ? 13  ASP A CB  1 
ATOM   60   C CG  . ASP A 1 26  ? 13.82959  4.67646   11.91523  1.000 53.68149 ? 13  ASP A CG  1 
ATOM   61   O OD1 . ASP A 1 26  ? 13.37909  3.69531   12.55742  1.000 55.30334 ? 13  ASP A OD1 1 
ATOM   62   O OD2 . ASP A 1 26  ? 13.91328  5.81378   12.42405  1.000 61.71835 ? 13  ASP A OD2 1 
ATOM   63   N N   . ILE A 1 27  ? 11.97449  1.85192   10.52422  1.000 49.40554 ? 14  ILE A N   1 
ATOM   64   C CA  . ILE A 1 27  ? 10.56472  1.47967   10.52928  1.000 49.92407 ? 14  ILE A CA  1 
ATOM   65   C C   . ILE A 1 27  ? 9.75719   2.44182   11.39893  1.000 48.92501 ? 14  ILE A C   1 
ATOM   66   O O   . ILE A 1 27  ? 8.65398   2.86729   11.02787  1.000 47.37148 ? 14  ILE A O   1 
ATOM   67   C CB  . ILE A 1 27  ? 10.41849  0.01723   10.98888  1.000 50.95089 ? 14  ILE A CB  1 
ATOM   68   C CG1 . ILE A 1 27  ? 11.14124  -0.93348  10.02871  1.000 51.43890 ? 14  ILE A CG1 1 
ATOM   69   C CG2 . ILE A 1 27  ? 8.97543   -0.36299  11.06570  1.000 50.65311 ? 14  ILE A CG2 1 
ATOM   70   C CD1 . ILE A 1 27  ? 10.42316  -1.12435  8.69830   1.000 47.25084 ? 14  ILE A CD1 1 
ATOM   71   N N   . SER A 1 28  ? 10.30054  2.84334   12.54611  1.000 50.81201 ? 15  SER A N   1 
ATOM   72   C CA  . SER A 1 28  ? 9.52711   3.72978   13.40984  1.000 52.48317 ? 15  SER A CA  1 
ATOM   73   C C   . SER A 1 28  ? 9.25267   5.07259   12.75627  1.000 49.39969 ? 15  SER A C   1 
ATOM   74   O O   . SER A 1 28  ? 8.33412   5.77540   13.17803  1.000 47.08419 ? 15  SER A O   1 
ATOM   75   C CB  . SER A 1 28  ? 10.23067  3.92533   14.74612  1.000 53.47064 ? 15  SER A CB  1 
ATOM   76   O OG  . SER A 1 28  ? 10.16234  2.72574   15.49729  1.000 63.26996 ? 15  SER A OG  1 
ATOM   77   N N   . LYS A 1 29  ? 9.98580   5.42594   11.70231  1.000 48.09671 ? 16  LYS A N   1 
ATOM   78   C CA  . LYS A 1 29  ? 9.72092   6.69555   11.04778  1.000 43.98734 ? 16  LYS A CA  1 
ATOM   79   C C   . LYS A 1 29  ? 8.62282   6.60802   9.99713   1.000 43.48503 ? 16  LYS A C   1 
ATOM   80   O O   . LYS A 1 29  ? 8.21510   7.65268   9.46862   1.000 43.91806 ? 16  LYS A O   1 
ATOM   81   C CB  . LYS A 1 29  ? 11.01360  7.25708   10.44660  1.000 49.26344 ? 16  LYS A CB  1 
ATOM   82   C CG  . LYS A 1 29  ? 11.86288  7.98550   11.49744  1.000 51.28506 ? 16  LYS A CG  1 
ATOM   83   C CD  . LYS A 1 29  ? 13.10999  8.63647   10.91437  1.000 56.90312 ? 16  LYS A CD  1 
ATOM   84   C CE  . LYS A 1 29  ? 14.04756  9.10292   12.02920  1.000 53.69868 ? 16  LYS A CE  1 
ATOM   85   N NZ  . LYS A 1 29  ? 15.45379  9.25496   11.55495  1.000 64.71007 ? 16  LYS A NZ  1 
ATOM   86   N N   . ILE A 1 30  ? 8.11165   5.40765   9.69188   1.000 40.68066 ? 17  ILE A N   1 
ATOM   87   C CA  . ILE A 1 30  ? 6.98017   5.30103   8.77143   1.000 39.35925 ? 17  ILE A CA  1 
ATOM   88   C C   . ILE A 1 30  ? 5.69168   5.16245   9.58385   1.000 38.57740 ? 17  ILE A C   1 
ATOM   89   O O   . ILE A 1 30  ? 4.61116   4.96803   9.01837   1.000 37.18705 ? 17  ILE A O   1 
ATOM   90   C CB  . ILE A 1 30  ? 7.14878   4.13471   7.77084   1.000 38.80639 ? 17  ILE A CB  1 
ATOM   91   C CG1 . ILE A 1 30  ? 6.97765   2.78919   8.47611   1.000 34.69959 ? 17  ILE A CG1 1 
ATOM   92   C CG2 . ILE A 1 30  ? 8.52258   4.22126   7.09847   1.000 35.64356 ? 17  ILE A CG2 1 
ATOM   93   C CD1 . ILE A 1 30  ? 6.68720   1.58890   7.53941   1.000 38.00848 ? 17  ILE A CD1 1 
ATOM   94   N N   . SER A 1 31  ? 5.80479   5.29252   10.90840  1.000 43.18393 ? 18  SER A N   1 
ATOM   95   C CA  . SER A 1 31  ? 4.67256   5.26046   11.82284  1.000 38.69649 ? 18  SER A CA  1 
ATOM   96   C C   . SER A 1 31  ? 3.74732   6.45575   11.60870  1.000 40.66293 ? 18  SER A C   1 
ATOM   97   O O   . SER A 1 31  ? 4.15515   7.52472   11.14303  1.000 39.69770 ? 18  SER A O   1 
ATOM   98   C CB  . SER A 1 31  ? 5.16855   5.28361   13.26717  1.000 42.89847 ? 18  SER A CB  1 
ATOM   99   O OG  . SER A 1 31  ? 5.63356   6.59466   13.56271  1.000 45.15551 ? 18  SER A OG  1 
ATOM   100  N N   . GLY A 1 32  ? 2.48631   6.28276   11.99243  1.000 36.54383 ? 19  GLY A N   1 
ATOM   101  C CA  . GLY A 1 32  ? 1.54069   7.38218   11.93778  1.000 39.12829 ? 19  GLY A CA  1 
ATOM   102  C C   . GLY A 1 32  ? 0.58872   7.27191   10.76861  1.000 36.06451 ? 19  GLY A C   1 
ATOM   103  O O   . GLY A 1 32  ? 0.40317   6.21009   10.17493  1.000 37.08874 ? 19  GLY A O   1 
ATOM   104  N N   . ASP A 1 33  ? -0.01483  8.40661   10.42914  1.000 32.70131 ? 20  ASP A N   1 
ATOM   105  C CA  . ASP A 1 33  ? -1.07621  8.44034   9.43536   1.000 34.86750 ? 20  ASP A CA  1 
ATOM   106  C C   . ASP A 1 33  ? -0.49320  8.46221   8.03224   1.000 35.87746 ? 20  ASP A C   1 
ATOM   107  O O   . ASP A 1 33  ? 0.53930   9.08964   7.77695   1.000 35.88004 ? 20  ASP A O   1 
ATOM   108  C CB  . ASP A 1 33  ? -1.98109  9.66439   9.61885   1.000 37.81746 ? 20  ASP A CB  1 
ATOM   109  C CG  . ASP A 1 33  ? -3.25258  9.34531   10.42095  1.000 41.90136 ? 20  ASP A CG  1 
ATOM   110  O OD1 . ASP A 1 33  ? -3.18885  8.41650   11.26069  1.000 34.49259 ? 20  ASP A OD1 1 
ATOM   111  O OD2 . ASP A 1 33  ? -4.30267  10.00924  10.20177  1.000 45.56653 ? 20  ASP A OD2 1 
ATOM   112  N N   . TRP A 1 34  ? -1.20451  7.79856   7.12312   1.000 32.57844 ? 21  TRP A N   1 
ATOM   113  C CA  . TRP A 1 34  ? -0.90321  7.74481   5.70652   1.000 32.90728 ? 21  TRP A CA  1 
ATOM   114  C C   . TRP A 1 34  ? -2.20530  7.82890   4.93696   1.000 36.05778 ? 21  TRP A C   1 
ATOM   115  O O   . TRP A 1 34  ? -3.27373  7.47646   5.45022   1.000 32.84481 ? 21  TRP A O   1 
ATOM   116  C CB  . TRP A 1 34  ? -0.18435  6.44065   5.34813   1.000 30.33110 ? 21  TRP A CB  1 
ATOM   117  C CG  . TRP A 1 34  ? 1.20368   6.39102   5.81090   1.000 32.19784 ? 21  TRP A CG  1 
ATOM   118  C CD1 . TRP A 1 34  ? 1.68609   5.72401   6.89436   1.000 28.60049 ? 21  TRP A CD1 1 
ATOM   119  C CD2 . TRP A 1 34  ? 2.32920   7.00833   5.17681   1.000 32.67212 ? 21  TRP A CD2 1 
ATOM   120  N NE1 . TRP A 1 34  ? 3.04582   5.88475   6.97632   1.000 33.85434 ? 21  TRP A NE1 1 
ATOM   121  C CE2 . TRP A 1 34  ? 3.46558   6.67630   5.93803   1.000 32.21967 ? 21  TRP A CE2 1 
ATOM   122  C CE3 . TRP A 1 34  ? 2.47507   7.83213   4.05715   1.000 30.81415 ? 21  TRP A CE3 1 
ATOM   123  C CZ2 . TRP A 1 34  ? 4.73991   7.13581   5.61967   1.000 33.58264 ? 21  TRP A CZ2 1 
ATOM   124  C CZ3 . TRP A 1 34  ? 3.74832   8.29028   3.73635   1.000 35.07339 ? 21  TRP A CZ3 1 
ATOM   125  C CH2 . TRP A 1 34  ? 4.86065   7.94001   4.52029   1.000 32.64654 ? 21  TRP A CH2 1 
ATOM   126  N N   . TYR A 1 35  ? -2.09973  8.27662   3.68674   1.000 32.06451 ? 22  TYR A N   1 
ATOM   127  C CA  . TYR A 1 35  ? -3.21665  8.33708   2.76314   1.000 29.60425 ? 22  TYR A CA  1 
ATOM   128  C C   . TYR A 1 35  ? -2.85684  7.53451   1.52508   1.000 32.92578 ? 22  TYR A C   1 
ATOM   129  O O   . TYR A 1 35  ? -1.74194  7.65326   1.02477   1.000 31.39355 ? 22  TYR A O   1 
ATOM   130  C CB  . TYR A 1 35  ? -3.53268  9.77208   2.37626   1.000 33.82836 ? 22  TYR A CB  1 
ATOM   131  C CG  . TYR A 1 35  ? -4.02278  10.55559  3.57052   1.000 34.12027 ? 22  TYR A CG  1 
ATOM   132  C CD1 . TYR A 1 35  ? -3.12203  11.15319  4.43409   1.000 36.70361 ? 22  TYR A CD1 1 
ATOM   133  C CD2 . TYR A 1 35  ? -5.37739  10.66323  3.84025   1.000 35.90944 ? 22  TYR A CD2 1 
ATOM   134  C CE1 . TYR A 1 35  ? -3.56709  11.88080  5.55767   1.000 37.04353 ? 22  TYR A CE1 1 
ATOM   135  C CE2 . TYR A 1 35  ? -5.83465  11.38255  4.95217   1.000 38.45947 ? 22  TYR A CE2 1 
ATOM   136  C CZ  . TYR A 1 35  ? -4.91322  11.97530  5.80601   1.000 39.56307 ? 22  TYR A CZ  1 
ATOM   137  O OH  . TYR A 1 35  ? -5.31465  12.69530  6.91780   1.000 39.03260 ? 22  TYR A OH  1 
ATOM   138  N N   . SER A 1 36  ? -3.80974  6.75238   1.02603   1.000 34.76670 ? 23  SER A N   1 
ATOM   139  C CA  . SER A 1 36  ? -3.60428  5.99969   -0.20242  1.000 34.70269 ? 23  SER A CA  1 
ATOM   140  C C   . SER A 1 36  ? -3.81064  6.93691   -1.39490  1.000 35.26941 ? 23  SER A C   1 
ATOM   141  O O   . SER A 1 36  ? -4.82910  7.63297   -1.48373  1.000 35.45795 ? 23  SER A O   1 
ATOM   142  C CB  . SER A 1 36  ? -4.55815  4.79286   -0.26249  1.000 35.36735 ? 23  SER A CB  1 
ATOM   143  O OG  . SER A 1 36  ? -4.18501  3.78007   0.69436   1.000 32.65016 ? 23  SER A OG  1 
ATOM   144  N N   . ILE A 1 37  ? -2.84202  6.95474   -2.31619  1.000 35.26606 ? 24  ILE A N   1 
ATOM   145  C CA  . ILE A 1 37  ? -2.85433  7.94442   -3.38818  1.000 33.96344 ? 24  ILE A CA  1 
ATOM   146  C C   . ILE A 1 37  ? -2.96363  7.26171   -4.74039  1.000 34.66853 ? 24  ILE A C   1 
ATOM   147  O O   . ILE A 1 37  ? -3.91629  7.50862   -5.49329  1.000 37.61896 ? 24  ILE A O   1 
ATOM   148  C CB  . ILE A 1 37  ? -1.62276  8.85923   -3.26668  1.000 33.74524 ? 24  ILE A CB  1 
ATOM   149  C CG1 . ILE A 1 37  ? -1.76664  9.66002   -1.96174  1.000 40.78894 ? 24  ILE A CG1 1 
ATOM   150  C CG2 . ILE A 1 37  ? -1.47781  9.78719   -4.48670  1.000 37.89876 ? 24  ILE A CG2 1 
ATOM   151  C CD1 . ILE A 1 37  ? -0.65388  10.59744  -1.67616  1.000 45.52903 ? 24  ILE A CD1 1 
ATOM   152  N N   . LEU A 1 38  ? -2.00499  6.37857   -5.04765  1.000 34.11546 ? 25  LEU A N   1 
ATOM   153  C CA  . LEU A 1 38  ? -2.00021  5.59556   -6.26587  1.000 35.47787 ? 25  LEU A CA  1 
ATOM   154  C C   . LEU A 1 38  ? -1.97413  4.10772   -5.93855  1.000 34.23607 ? 25  LEU A C   1 
ATOM   155  O O   . LEU A 1 38  ? -1.34534  3.68482   -4.96671  1.000 30.44913 ? 25  LEU A O   1 
ATOM   156  C CB  . LEU A 1 38  ? -0.77326  5.92357   -7.14508  1.000 34.41701 ? 25  LEU A CB  1 
ATOM   157  C CG  . LEU A 1 38  ? -0.55933  7.37925   -7.53287  1.000 36.58791 ? 25  LEU A CG  1 
ATOM   158  C CD1 . LEU A 1 38  ? 0.68716   7.50273   -8.39965  1.000 41.87522 ? 25  LEU A CD1 1 
ATOM   159  C CD2 . LEU A 1 38  ? -1.78971  7.81331   -8.29339  1.000 37.72183 ? 25  LEU A CD2 1 
ATOM   160  N N   . LEU A 1 39  ? -2.59709  3.32490   -6.82089  1.000 34.62286 ? 26  LEU A N   1 
ATOM   161  C CA  . LEU A 1 39  ? -2.75362  1.88387   -6.65065  1.000 35.81493 ? 26  LEU A CA  1 
ATOM   162  C C   . LEU A 1 39  ? -2.53080  1.20907   -7.99834  1.000 34.15112 ? 26  LEU A C   1 
ATOM   163  O O   . LEU A 1 39  ? -3.10827  1.64194   -8.99998  1.000 38.68998 ? 26  LEU A O   1 
ATOM   164  C CB  . LEU A 1 39  ? -4.15862  1.60036   -6.09457  1.000 39.81802 ? 26  LEU A CB  1 
ATOM   165  C CG  . LEU A 1 39  ? -4.52527  0.30119   -5.39590  1.000 39.40426 ? 26  LEU A CG  1 
ATOM   166  C CD1 . LEU A 1 39  ? -3.55468  0.01300   -4.27135  1.000 38.49798 ? 26  LEU A CD1 1 
ATOM   167  C CD2 . LEU A 1 39  ? -5.98100  0.36749   -4.91623  1.000 32.85359 ? 26  LEU A CD2 1 
ATOM   168  N N   . ALA A 1 40  ? -1.69595  0.15615   -8.03924  1.000 31.60745 ? 27  ALA A N   1 
ATOM   169  C CA  . ALA A 1 40  ? -1.37874  -0.51101  -9.30181  1.000 32.84931 ? 27  ALA A CA  1 
ATOM   170  C C   . ALA A 1 40  ? -1.25549  -2.02157  -9.10527  1.000 30.98223 ? 27  ALA A C   1 
ATOM   171  O O   . ALA A 1 40  ? -0.80572  -2.48181  -8.05582  1.000 29.49562 ? 27  ALA A O   1 
ATOM   172  C CB  . ALA A 1 40  ? -0.08512  0.03529   -9.91663  1.000 34.04150 ? 27  ALA A CB  1 
ATOM   173  N N   . SER A 1 41  ? -1.63815  -2.79017  -10.13260 1.000 31.22977 ? 28  SER A N   1 
ATOM   174  C CA  . SER A 1 41  ? -1.53409  -4.25359  -10.03649 1.000 30.66496 ? 28  SER A CA  1 
ATOM   175  C C   . SER A 1 41  ? -1.53568  -4.88571  -11.42337 1.000 32.30489 ? 28  SER A C   1 
ATOM   176  O O   . SER A 1 41  ? -2.23257  -4.42393  -12.32985 1.000 33.92561 ? 28  SER A O   1 
ATOM   177  C CB  . SER A 1 41  ? -2.67927  -4.83047  -9.20254  1.000 34.72180 ? 28  SER A CB  1 
ATOM   178  O OG  . SER A 1 41  ? -2.87248  -6.21405  -9.39316  1.000 33.11830 ? 28  SER A OG  1 
ATOM   179  N N   . ASP A 1 42  ? -0.81564  -5.99288  -11.56731 1.000 29.36775 ? 29  ASP A N   1 
ATOM   180  C CA  . ASP A 1 42  ? -0.88542  -6.63334  -12.88070 1.000 30.71660 ? 29  ASP A CA  1 
ATOM   181  C C   . ASP A 1 42  ? -2.20581  -7.38591  -13.09173 1.000 33.10471 ? 29  ASP A C   1 
ATOM   182  O O   . ASP A 1 42  ? -2.41867  -7.91201  -14.17810 1.000 34.49799 ? 29  ASP A O   1 
ATOM   183  C CB  . ASP A 1 42  ? 0.32963   -7.54453  -13.13629 1.000 36.00664 ? 29  ASP A CB  1 
ATOM   184  C CG  . ASP A 1 42  ? 0.77408   -8.32280  -11.91585 1.000 38.74064 ? 29  ASP A CG  1 
ATOM   185  O OD1 . ASP A 1 42  ? 0.01912   -8.45780  -10.93278 1.000 35.65129 ? 29  ASP A OD1 1 
ATOM   186  O OD2 . ASP A 1 42  ? 1.91711   -8.79925  -11.95224 1.000 41.45434 ? 29  ASP A OD2 1 
ATOM   187  N N   . ILE A 1 43  ? -3.11549  -7.40605  -12.10171 1.000 32.95148 ? 30  ILE A N   1 
ATOM   188  C CA  . ILE A 1 43  ? -4.50327  -7.83213  -12.31993 1.000 32.29057 ? 30  ILE A CA  1 
ATOM   189  C C   . ILE A 1 43  ? -5.38754  -6.65004  -11.93623 1.000 34.69801 ? 30  ILE A C   1 
ATOM   190  O O   . ILE A 1 43  ? -5.62804  -6.40380  -10.74623 1.000 29.74428 ? 30  ILE A O   1 
ATOM   191  C CB  . ILE A 1 43  ? -4.87335  -9.09617  -11.52975 1.000 30.79655 ? 30  ILE A CB  1 
ATOM   192  C CG1 . ILE A 1 43  ? -4.00593  -10.28071 -11.98385 1.000 32.26969 ? 30  ILE A CG1 1 
ATOM   193  C CG2 . ILE A 1 43  ? -6.36183  -9.44620  -11.73121 1.000 29.72890 ? 30  ILE A CG2 1 
ATOM   194  C CD1 . ILE A 1 43  ? -4.36579  -11.60623 -11.29936 1.000 34.93685 ? 30  ILE A CD1 1 
ATOM   195  N N   . LYS A 1 44  ? -5.90387  -5.93055  -12.94144 1.000 33.32768 ? 31  LYS A N   1 
ATOM   196  C CA  . LYS A 1 44  ? -6.65304  -4.70196  -12.65367 1.000 35.41177 ? 31  LYS A CA  1 
ATOM   197  C C   . LYS A 1 44  ? -7.85694  -4.93948  -11.73867 1.000 34.64485 ? 31  LYS A C   1 
ATOM   198  O O   . LYS A 1 44  ? -8.18896  -4.07066  -10.93113 1.000 36.22554 ? 31  LYS A O   1 
ATOM   199  C CB  . LYS A 1 44  ? -7.10839  -4.05933  -13.96913 1.000 36.75304 ? 31  LYS A CB  1 
ATOM   200  C CG  . LYS A 1 44  ? -7.60480  -2.62576  -13.85306 1.000 37.95017 ? 31  LYS A CG  1 
ATOM   201  C CD  . LYS A 1 44  ? -7.83107  -2.03812  -15.25198 1.000 42.36012 ? 31  LYS A CD  1 
ATOM   202  C CE  . LYS A 1 44  ? -8.31313  -0.58205  -15.19508 1.000 47.60628 ? 31  LYS A CE  1 
ATOM   203  N NZ  . LYS A 1 44  ? -8.52999  -0.01325  -16.55141 1.000 49.25639 ? 31  LYS A NZ  1 
ATOM   204  N N   . GLU A 1 45  ? -8.53272  -6.08732  -11.85204 1.000 34.18584 ? 32  GLU A N   1 
ATOM   205  C CA  . GLU A 1 45  ? -9.74861  -6.30473  -11.07428 1.000 33.44070 ? 32  GLU A CA  1 
ATOM   206  C C   . GLU A 1 45  ? -9.47508  -6.21794  -9.58319  1.000 35.47564 ? 32  GLU A C   1 
ATOM   207  O O   . GLU A 1 45  ? -10.35240 -5.79687  -8.81101  1.000 32.63900 ? 32  GLU A O   1 
ATOM   208  C CB  . GLU A 1 45  ? -10.36236 -7.66285  -11.41288 1.000 34.66243 ? 32  GLU A CB  1 
ATOM   209  C CG  . GLU A 1 45  ? -11.10619 -7.70039  -12.75410 1.000 34.74738 ? 32  GLU A CG  1 
ATOM   210  C CD  . GLU A 1 45  ? -10.18567 -7.88533  -13.97166 1.000 35.89813 ? 32  GLU A CD  1 
ATOM   211  O OE1 . GLU A 1 45  ? -8.93826  -7.98388  -13.83699 1.000 33.06785 ? 32  GLU A OE1 1 
ATOM   212  O OE2 . GLU A 1 45  ? -10.72065 -7.90193  -15.09990 1.000 37.79791 ? 32  GLU A OE2 1 
ATOM   213  N N   . LYS A 1 46  ? -8.25388  -6.56943  -9.16709  1.000 31.08380 ? 33  LYS A N   1 
ATOM   214  C CA  . LYS A 1 46  ? -7.93441  -6.60076  -7.73762  1.000 33.98555 ? 33  LYS A CA  1 
ATOM   215  C C   . LYS A 1 46  ? -8.00547  -5.22358  -7.09408  1.000 33.94084 ? 33  LYS A C   1 
ATOM   216  O O   . LYS A 1 46  ? -8.25769  -5.12984  -5.88248  1.000 33.06104 ? 33  LYS A O   1 
ATOM   217  C CB  . LYS A 1 46  ? -6.53708  -7.17390  -7.52676  1.000 32.17708 ? 33  LYS A CB  1 
ATOM   218  C CG  . LYS A 1 46  ? -6.37459  -8.58940  -8.04255  1.000 31.03693 ? 33  LYS A CG  1 
ATOM   219  C CD  . LYS A 1 46  ? -7.37517  -9.54569  -7.36672  1.000 35.16788 ? 33  LYS A CD  1 
ATOM   220  C CE  . LYS A 1 46  ? -7.16647  -10.98344 -7.88901  1.000 38.16261 ? 33  LYS A CE  1 
ATOM   221  N NZ  . LYS A 1 46  ? -8.09582  -11.96326 -7.27370  1.000 37.25898 ? 33  LYS A NZ  1 
ATOM   222  N N   . ILE A 1 47  ? -7.77052  -4.15293  -7.86521  1.000 31.59266 ? 34  ILE A N   1 
ATOM   223  C CA  . ILE A 1 47  ? -7.70101  -2.79565  -7.31399  1.000 35.23698 ? 34  ILE A CA  1 
ATOM   224  C C   . ILE A 1 47  ? -8.83660  -1.89604  -7.78677  1.000 35.11248 ? 34  ILE A C   1 
ATOM   225  O O   . ILE A 1 47  ? -8.88359  -0.72510  -7.38740  1.000 36.39222 ? 34  ILE A O   1 
ATOM   226  C CB  . ILE A 1 47  ? -6.33609  -2.14030  -7.60738  1.000 33.92126 ? 34  ILE A CB  1 
ATOM   227  C CG1 . ILE A 1 47  ? -6.06489  -2.11023  -9.11573  1.000 34.74281 ? 34  ILE A CG1 1 
ATOM   228  C CG2 . ILE A 1 47  ? -5.22731  -2.90300  -6.87055  1.000 31.35755 ? 34  ILE A CG2 1 
ATOM   229  C CD1 . ILE A 1 47  ? -4.93167  -1.15110  -9.54187  1.000 38.28720 ? 34  ILE A CD1 1 
ATOM   230  N N   . GLU A 1 48  ? -9.74774  -2.39525  -8.61678  1.000 33.40330 ? 35  GLU A N   1 
ATOM   231  C CA  . GLU A 1 48  ? -10.90665 -1.62537  -9.03051  1.000 33.87723 ? 35  GLU A CA  1 
ATOM   232  C C   . GLU A 1 48  ? -11.96718 -1.66990  -7.93469  1.000 35.75569 ? 35  GLU A C   1 
ATOM   233  O O   . GLU A 1 48  ? -11.82865 -2.37614  -6.93285  1.000 32.82090 ? 35  GLU A O   1 
ATOM   234  C CB  . GLU A 1 48  ? -11.45842 -2.16172  -10.34733 1.000 38.92220 ? 35  GLU A CB  1 
ATOM   235  C CG  . GLU A 1 48  ? -10.53748 -1.87341  -11.51403 1.000 37.01104 ? 35  GLU A CG  1 
ATOM   236  C CD  . GLU A 1 48  ? -11.03828 -2.42653  -12.82246 1.000 45.91974 ? 35  GLU A CD  1 
ATOM   237  O OE1 . GLU A 1 48  ? -11.01691 -3.66782  -12.98962 1.000 46.86937 ? 35  GLU A OE1 1 
ATOM   238  O OE2 . GLU A 1 48  ? -11.42389 -1.62007  -13.70317 1.000 52.00611 ? 35  GLU A OE2 1 
ATOM   239  N N   . GLU A 1 49  ? -13.05586 -0.92661  -8.13248  1.000 32.91327 ? 36  GLU A N   1 
ATOM   240  C CA  . GLU A 1 49  ? -14.12372 -0.92687  -7.13665  1.000 39.28625 ? 36  GLU A CA  1 
ATOM   241  C C   . GLU A 1 49  ? -14.54222 -2.35522  -6.80955  1.000 34.11537 ? 36  GLU A C   1 
ATOM   242  O O   . GLU A 1 49  ? -14.71503 -3.17259  -7.71158  1.000 34.75819 ? 36  GLU A O   1 
ATOM   243  C CB  . GLU A 1 49  ? -15.32206 -0.13312  -7.64819  1.000 43.64754 ? 36  GLU A CB  1 
ATOM   244  C CG  . GLU A 1 49  ? -16.46204 -0.11804  -6.64736  1.000 43.46554 ? 36  GLU A CG  1 
ATOM   245  C CD  . GLU A 1 49  ? -17.00843 1.26670   -6.40227  1.000 52.39413 ? 36  GLU A CD  1 
ATOM   246  O OE1 . GLU A 1 49  ? -16.68939 2.19066   -7.18465  1.000 54.13559 ? 36  GLU A OE1 1 
ATOM   247  O OE2 . GLU A 1 49  ? -17.75597 1.42450   -5.40735  1.000 56.45489 ? 36  GLU A OE2 1 
ATOM   248  N N   . ASN A 1 50  ? -14.66728 -2.65177  -5.50845  1.000 34.85811 ? 37  ASN A N   1 
ATOM   249  C CA  . ASN A 1 50  ? -15.02812 -3.93048  -4.90325  1.000 34.28058 ? 37  ASN A CA  1 
ATOM   250  C C   . ASN A 1 50  ? -13.88005 -4.91790  -4.85777  1.000 34.42748 ? 37  ASN A C   1 
ATOM   251  O O   . ASN A 1 50  ? -14.05643 -6.01130  -4.30691  1.000 34.59453 ? 37  ASN A O   1 
ATOM   252  C CB  . ASN A 1 50  ? -16.21255 -4.62585  -5.59737  1.000 32.73822 ? 37  ASN A CB  1 
ATOM   253  C CG  . ASN A 1 50  ? -17.37418 -3.69528  -5.79897  1.000 38.80219 ? 37  ASN A CG  1 
ATOM   254  O OD1 . ASN A 1 50  ? -17.72457 -2.94843  -4.89885  1.000 36.86412 ? 37  ASN A OD1 1 
ATOM   255  N ND2 . ASN A 1 50  ? -17.97003 -3.73061  -6.97817  1.000 39.86250 ? 37  ASN A ND2 1 
ATOM   256  N N   . GLY A 1 51  ? -12.71807 -4.59655  -5.42090  1.000 33.76942 ? 38  GLY A N   1 
ATOM   257  C CA  . GLY A 1 51  ? -11.65913 -5.57934  -5.52394  1.000 34.77489 ? 38  GLY A CA  1 
ATOM   258  C C   . GLY A 1 51  ? -11.02034 -5.84626  -4.17604  1.000 36.19053 ? 38  GLY A C   1 
ATOM   259  O O   . GLY A 1 51  ? -10.99790 -4.98542  -3.28631  1.000 32.23890 ? 38  GLY A O   1 
ATOM   260  N N   . SER A 1 52  ? -10.46462 -7.06222  -4.03634  1.000 32.90808 ? 39  SER A N   1 
ATOM   261  C CA  . SER A 1 52  ? -9.94397  -7.47747  -2.73440  1.000 38.18301 ? 39  SER A CA  1 
ATOM   262  C C   . SER A 1 52  ? -8.87320  -6.52131  -2.21039  1.000 36.15925 ? 39  SER A C   1 
ATOM   263  O O   . SER A 1 52  ? -8.76556  -6.32467  -0.98590  1.000 35.05825 ? 39  SER A O   1 
ATOM   264  C CB  . SER A 1 52  ? -9.37697  -8.89832  -2.80988  1.000 37.30827 ? 39  SER A CB  1 
ATOM   265  O OG  . SER A 1 52  ? -8.09028  -8.85054  -3.39258  1.000 40.39691 ? 39  SER A OG  1 
ATOM   266  N N   . MET A 1 53  ? -8.10327  -5.88912  -3.10715  1.000 30.30019 ? 40  MET A N   1 
ATOM   267  C CA  . MET A 1 53  ? -6.97507  -5.02691  -2.75135  1.000 28.21619 ? 40  MET A CA  1 
ATOM   268  C C   . MET A 1 53  ? -7.30354  -3.53466  -2.79041  1.000 30.77643 ? 40  MET A C   1 
ATOM   269  O O   . MET A 1 53  ? -6.38453  -2.70819  -2.65602  1.000 31.85987 ? 40  MET A O   1 
ATOM   270  C CB  . MET A 1 53  ? -5.78329  -5.30127  -3.68499  1.000 31.38588 ? 40  MET A CB  1 
ATOM   271  C CG  . MET A 1 53  ? -5.17674  -6.69027  -3.50854  1.000 33.87524 ? 40  MET A CG  1 
ATOM   272  S SD  . MET A 1 53  ? -4.71413  -7.03563  -1.78196  1.000 40.09329 ? 40  MET A SD  1 
ATOM   273  C CE  . MET A 1 53  ? -4.52475  -8.81550  -1.82926  1.000 35.72285 ? 40  MET A CE  1 
ATOM   274  N N   . ARG A 1 54  ? -8.56638  -3.16491  -2.99941  1.000 32.67052 ? 41  ARG A N   1 
ATOM   275  C CA  . ARG A 1 54  ? -8.96032  -1.75331  -3.00178  1.000 32.85177 ? 41  ARG A CA  1 
ATOM   276  C C   . ARG A 1 54  ? -9.26773  -1.37565  -1.56005  1.000 29.47640 ? 41  ARG A C   1 
ATOM   277  O O   . ARG A 1 54  ? -10.41082 -1.38720  -1.10199  1.000 35.29076 ? 41  ARG A O   1 
ATOM   278  C CB  . ARG A 1 54  ? -10.15282 -1.48282  -3.90509  1.000 35.09075 ? 41  ARG A CB  1 
ATOM   279  C CG  . ARG A 1 54  ? -10.37507 0.04403   -4.10935  1.000 37.97850 ? 41  ARG A CG  1 
ATOM   280  C CD  . ARG A 1 54  ? -11.47441 0.31923   -5.11967  1.000 41.26881 ? 41  ARG A CD  1 
ATOM   281  N NE  . ARG A 1 54  ? -11.64811 1.72730   -5.46921  1.000 42.82018 ? 41  ARG A NE  1 
ATOM   282  C CZ  . ARG A 1 54  ? -11.18330 2.29751   -6.58237  1.000 44.39241 ? 41  ARG A CZ  1 
ATOM   283  N NH1 . ARG A 1 54  ? -10.47269 1.59562   -7.46391  1.000 37.18768 ? 41  ARG A NH1 1 
ATOM   284  N NH2 . ARG A 1 54  ? -11.41627 3.58272   -6.81505  1.000 43.79496 ? 41  ARG A NH2 1 
ATOM   285  N N   . VAL A 1 55  ? -8.20363  -1.10376  -0.83211  1.000 31.04377 ? 42  VAL A N   1 
ATOM   286  C CA  . VAL A 1 55  ? -8.25494  -0.88068  0.60718   1.000 32.17372 ? 42  VAL A CA  1 
ATOM   287  C C   . VAL A 1 55  ? -7.39175  0.34140   0.86215   1.000 34.19827 ? 42  VAL A C   1 
ATOM   288  O O   . VAL A 1 55  ? -6.29490  0.45793   0.30531   1.000 32.96457 ? 42  VAL A O   1 
ATOM   289  C CB  . VAL A 1 55  ? -7.77288  -2.12995  1.38072   1.000 31.82255 ? 42  VAL A CB  1 
ATOM   290  C CG1 . VAL A 1 55  ? -7.72124  -1.84572  2.83794   1.000 33.92745 ? 42  VAL A CG1 1 
ATOM   291  C CG2 . VAL A 1 55  ? -8.74338  -3.29927  1.15993   1.000 34.24070 ? 42  VAL A CG2 1 
ATOM   292  N N   . PHE A 1 56  ? -7.88656  1.25540   1.69009   1.000 33.40669 ? 43  PHE A N   1 
ATOM   293  C CA  . PHE A 1 56  ? -7.29693  2.58218   1.84967   1.000 32.98269 ? 43  PHE A CA  1 
ATOM   294  C C   . PHE A 1 56  ? -6.62020  2.64519   3.20892   1.000 33.36245 ? 43  PHE A C   1 
ATOM   295  O O   . PHE A 1 56  ? -7.28136  2.43175   4.22857   1.000 32.35203 ? 43  PHE A O   1 
ATOM   296  C CB  . PHE A 1 56  ? -8.38776  3.65122   1.69182   1.000 35.63604 ? 43  PHE A CB  1 
ATOM   297  C CG  . PHE A 1 56  ? -9.32458  3.40736   0.52521   1.000 36.23726 ? 43  PHE A CG  1 
ATOM   298  C CD1 . PHE A 1 56  ? -8.88600  3.59150   -0.78941  1.000 37.50689 ? 43  PHE A CD1 1 
ATOM   299  C CD2 . PHE A 1 56  ? -10.62813 2.96174   0.73737   1.000 36.01072 ? 43  PHE A CD2 1 
ATOM   300  C CE1 . PHE A 1 56  ? -9.73455  3.35835   -1.87436  1.000 37.54357 ? 43  PHE A CE1 1 
ATOM   301  C CE2 . PHE A 1 56  ? -11.49412 2.72008   -0.33519  1.000 37.20800 ? 43  PHE A CE2 1 
ATOM   302  C CZ  . PHE A 1 56  ? -11.04425 2.92337   -1.64944  1.000 39.16504 ? 43  PHE A CZ  1 
ATOM   303  N N   . VAL A 1 57  ? -5.31041  2.93948   3.22410   1.000 27.04266 ? 44  VAL A N   1 
ATOM   304  C CA  . VAL A 1 57  ? -4.53951  2.93624   4.45873   1.000 28.43001 ? 44  VAL A CA  1 
ATOM   305  C C   . VAL A 1 57  ? -5.04281  4.05138   5.36961   1.000 29.20277 ? 44  VAL A C   1 
ATOM   306  O O   . VAL A 1 57  ? -5.43187  5.13468   4.90297   1.000 30.85052 ? 44  VAL A O   1 
ATOM   307  C CB  . VAL A 1 57  ? -3.04245  3.11236   4.18009   1.000 30.30660 ? 44  VAL A CB  1 
ATOM   308  C CG1 . VAL A 1 57  ? -2.73352  4.48779   3.56074   1.000 29.13646 ? 44  VAL A CG1 1 
ATOM   309  C CG2 . VAL A 1 57  ? -2.25144  2.87155   5.40513   1.000 27.13534 ? 44  VAL A CG2 1 
ATOM   310  N N   . LYS A 1 58  ? -5.06828  3.77419   6.65605   1.000 30.72866 ? 45  LYS A N   1 
ATOM   311  C CA  . LYS A 1 58  ? -5.25202  4.82600   7.65142   1.000 30.64101 ? 45  LYS A CA  1 
ATOM   312  C C   . LYS A 1 58  ? -3.94879  5.09615   8.38821   1.000 27.83915 ? 45  LYS A C   1 
ATOM   313  O O   . LYS A 1 58  ? -3.41592  6.19432   8.29452   1.000 33.60336 ? 45  LYS A O   1 
ATOM   314  C CB  . LYS A 1 58  ? -6.36185  4.45712   8.63088   1.000 31.61743 ? 45  LYS A CB  1 
ATOM   315  C CG  . LYS A 1 58  ? -6.99426  5.69913   9.31850   1.000 36.08409 ? 45  LYS A CG  1 
ATOM   316  C CD  . LYS A 1 58  ? -6.18815  6.15011   10.51299  1.000 36.93291 ? 45  LYS A CD  1 
ATOM   317  C CE  . LYS A 1 58  ? -6.85283  7.35343   11.22765  1.000 41.20243 ? 45  LYS A CE  1 
ATOM   318  N NZ  . LYS A 1 58  ? -5.86624  8.08521   12.06823  1.000 41.33637 ? 45  LYS A NZ  1 
ATOM   319  N N   . ASP A 1 59  ? -3.40621  4.12357   9.11823   1.000 28.40651 ? 46  ASP A N   1 
ATOM   320  C CA  . ASP A 1 59  ? -2.15473  4.36433   9.81368   1.000 30.36889 ? 46  ASP A CA  1 
ATOM   321  C C   . ASP A 1 59  ? -1.32835  3.08982   9.88088   1.000 33.15596 ? 46  ASP A C   1 
ATOM   322  O O   . ASP A 1 59  ? -1.80817  1.98281   9.61109   1.000 33.98414 ? 46  ASP A O   1 
ATOM   323  C CB  . ASP A 1 59  ? -2.39898  4.93846   11.22479  1.000 33.87018 ? 46  ASP A CB  1 
ATOM   324  C CG  . ASP A 1 59  ? -3.03297  3.93437   12.18231  1.000 39.05505 ? 46  ASP A CG  1 
ATOM   325  O OD1 . ASP A 1 59  ? -2.97169  4.19169   13.39663  1.000 45.11148 ? 46  ASP A OD1 1 
ATOM   326  O OD2 . ASP A 1 59  ? -3.60098  2.90604   11.74597  1.000 39.42831 ? 46  ASP A OD2 1 
ATOM   327  N N   . ILE A 1 60  ? -0.06327  3.27460   10.24691  1.000 32.47877 ? 47  ILE A N   1 
ATOM   328  C CA  . ILE A 1 60  ? 0.89709   2.20498   10.45657  1.000 33.38738 ? 47  ILE A CA  1 
ATOM   329  C C   . ILE A 1 60  ? 1.49566   2.42355   11.82528  1.000 36.61860 ? 47  ILE A C   1 
ATOM   330  O O   . ILE A 1 60  ? 1.86816   3.55343   12.15801  1.000 36.52852 ? 47  ILE A O   1 
ATOM   331  C CB  . ILE A 1 60  ? 2.01728   2.20897   9.39394   1.000 34.15987 ? 47  ILE A CB  1 
ATOM   332  C CG1 . ILE A 1 60  ? 1.43200   2.05376   7.99786   1.000 32.88127 ? 47  ILE A CG1 1 
ATOM   333  C CG2 . ILE A 1 60  ? 3.05492   1.13696   9.73124   1.000 34.01700 ? 47  ILE A CG2 1 
ATOM   334  C CD1 . ILE A 1 60  ? 2.51313   2.15815   6.84970   1.000 31.47767 ? 47  ILE A CD1 1 
ATOM   335  N N   . GLU A 1 61  ? 1.59948   1.36062   12.61808  1.000 32.29578 ? 48  GLU A N   1 
ATOM   336  C CA  . GLU A 1 61  ? 2.23162   1.50209   13.91166  1.000 37.56519 ? 48  GLU A CA  1 
ATOM   337  C C   . GLU A 1 61  ? 3.10197   0.29336   14.18684  1.000 37.93573 ? 48  GLU A C   1 
ATOM   338  O O   . GLU A 1 61  ? 2.81855   -0.81527  13.73284  1.000 37.65574 ? 48  GLU A O   1 
ATOM   339  C CB  . GLU A 1 61  ? 1.18735   1.68045   15.03727  1.000 33.25719 ? 48  GLU A CB  1 
ATOM   340  C CG  . GLU A 1 61  ? 0.32254   2.93680   14.89459  1.000 37.78096 ? 48  GLU A CG  1 
ATOM   341  C CD  . GLU A 1 61  ? 1.11268   4.23128   14.98184  1.000 36.60640 ? 48  GLU A CD  1 
ATOM   342  O OE1 . GLU A 1 61  ? 2.27381   4.19114   15.43424  1.000 38.75969 ? 48  GLU A OE1 1 
ATOM   343  O OE2 . GLU A 1 61  ? 0.55825   5.29090   14.60783  1.000 43.66023 ? 48  GLU A OE2 1 
ATOM   344  N N   . VAL A 1 62  ? 4.17117   0.52690   14.94146  1.000 40.27535 ? 49  VAL A N   1 
ATOM   345  C CA  . VAL A 1 62  ? 5.04994   -0.54701  15.38628  1.000 40.60973 ? 49  VAL A CA  1 
ATOM   346  C C   . VAL A 1 62  ? 4.35795   -1.34328  16.47840  1.000 43.95541 ? 49  VAL A C   1 
ATOM   347  O O   . VAL A 1 62  ? 4.00257   -0.80066  17.53470  1.000 42.45081 ? 49  VAL A O   1 
ATOM   348  C CB  . VAL A 1 62  ? 6.38062   0.01926   15.89565  1.000 44.31268 ? 49  VAL A CB  1 
ATOM   349  C CG1 . VAL A 1 62  ? 7.13370   -1.04410  16.68773  1.000 42.39003 ? 49  VAL A CG1 1 
ATOM   350  C CG2 . VAL A 1 62  ? 7.20084   0.53099   14.72477  1.000 46.02730 ? 49  VAL A CG2 1 
ATOM   351  N N   . LEU A 1 63  ? 4.17232   -2.63709  16.23611  1.000 38.49360 ? 50  LEU A N   1 
ATOM   352  C CA  . LEU A 1 63  ? 3.63585   -3.50827  17.27519  1.000 37.55872 ? 50  LEU A CA  1 
ATOM   353  C C   . LEU A 1 63  ? 4.73673   -4.03051  18.18076  1.000 41.05059 ? 50  LEU A C   1 
ATOM   354  O O   . LEU A 1 63  ? 4.60100   -4.01664  19.40542  1.000 41.51410 ? 50  LEU A O   1 
ATOM   355  C CB  . LEU A 1 63  ? 2.90756   -4.69134  16.65418  1.000 37.26898 ? 50  LEU A CB  1 
ATOM   356  C CG  . LEU A 1 63  ? 1.40909   -4.87116  16.77751  1.000 35.34763 ? 50  LEU A CG  1 
ATOM   357  C CD1 . LEU A 1 63  ? 1.05575   -6.31514  16.37867  1.000 34.65444 ? 50  LEU A CD1 1 
ATOM   358  C CD2 . LEU A 1 63  ? 0.87142   -4.48233  18.14044  1.000 35.24692 ? 50  LEU A CD2 1 
ATOM   359  N N   . SER A 1 64  ? 5.82882   -4.49494  17.58792  1.000 41.56054 ? 51  SER A N   1 
ATOM   360  C CA  . SER A 1 64  ? 6.95895   -5.07943  18.29492  1.000 42.19957 ? 51  SER A CA  1 
ATOM   361  C C   . SER A 1 64  ? 8.20634   -4.82101  17.46674  1.000 45.42896 ? 51  SER A C   1 
ATOM   362  O O   . SER A 1 64  ? 8.14429   -4.22065  16.38915  1.000 42.02204 ? 51  SER A O   1 
ATOM   363  C CB  . SER A 1 64  ? 6.75976   -6.57782  18.52384  1.000 42.17526 ? 51  SER A CB  1 
ATOM   364  O OG  . SER A 1 64  ? 6.89347   -7.28061  17.29298  1.000 42.05589 ? 51  SER A OG  1 
ATOM   365  N N   . ASN A 1 65  ? 9.34595   -5.30244  17.96977  1.000 47.63627 ? 52  ASN A N   1 
ATOM   366  C CA  . ASN A 1 65  ? 10.60810  -5.19505  17.24539  1.000 48.73937 ? 52  ASN A CA  1 
ATOM   367  C C   . ASN A 1 65  ? 10.57564  -5.93185  15.91115  1.000 50.30058 ? 52  ASN A C   1 
ATOM   368  O O   . ASN A 1 65  ? 11.53702  -5.82747  15.14612  1.000 54.63689 ? 52  ASN A O   1 
ATOM   369  C CB  . ASN A 1 65  ? 11.75749  -5.73245  18.10975  1.000 48.78735 ? 52  ASN A CB  1 
ATOM   370  C CG  . ASN A 1 65  ? 11.46928  -7.12855  18.66645  1.000 57.41152 ? 52  ASN A CG  1 
ATOM   371  O OD1 . ASN A 1 65  ? 11.44304  -8.11120  17.91748  1.000 63.31174 ? 52  ASN A OD1 1 
ATOM   372  N ND2 . ASN A 1 65  ? 11.22626  -7.21506  19.98410  1.000 58.50477 ? 52  ASN A ND2 1 
ATOM   373  N N   . SER A 1 66  ? 9.48953   -6.66252  15.61438  1.000 48.05579 ? 53  SER A N   1 
ATOM   374  C CA  . SER A 1 66  ? 9.42876   -7.46799  14.40035  1.000 44.34657 ? 53  SER A CA  1 
ATOM   375  C C   . SER A 1 66  ? 8.02281   -7.55847  13.80404  1.000 43.95107 ? 53  SER A C   1 
ATOM   376  O O   . SER A 1 66  ? 7.80078   -8.40044  12.91610  1.000 38.95983 ? 53  SER A O   1 
ATOM   377  C CB  . SER A 1 66  ? 9.95369   -8.86836  14.69791  1.000 40.73019 ? 53  SER A CB  1 
ATOM   378  O OG  . SER A 1 66  ? 8.96489   -9.62055  15.36894  1.000 46.16199 ? 53  SER A OG  1 
ATOM   379  N N   . SER A 1 67  ? 7.06292   -6.74620  14.24976  1.000 38.78890 ? 54  SER A N   1 
ATOM   380  C CA  . SER A 1 67  ? 5.75040   -6.72851  13.61780  1.000 35.92628 ? 54  SER A CA  1 
ATOM   381  C C   . SER A 1 67  ? 5.22360   -5.29847  13.53451  1.000 37.47722 ? 54  SER A C   1 
ATOM   382  O O   . SER A 1 67  ? 5.61679   -4.41341  14.29778  1.000 40.17182 ? 54  SER A O   1 
ATOM   383  C CB  . SER A 1 67  ? 4.74653   -7.61365  14.36357  1.000 38.24509 ? 54  SER A CB  1 
ATOM   384  O OG  . SER A 1 67  ? 4.74503   -7.26945  15.73522  1.000 41.82090 ? 54  SER A OG  1 
ATOM   385  N N   . LEU A 1 68  ? 4.31029   -5.09486  12.59138  1.000 32.08238 ? 55  LEU A N   1 
ATOM   386  C CA  . LEU A 1 68  ? 3.58977   -3.85448  12.37747  1.000 37.10270 ? 55  LEU A CA  1 
ATOM   387  C C   . LEU A 1 68  ? 2.09604   -4.14001  12.48318  1.000 34.97935 ? 55  LEU A C   1 
ATOM   388  O O   . LEU A 1 68  ? 1.64488   -5.27490  12.27653  1.000 33.69762 ? 55  LEU A O   1 
ATOM   389  C CB  . LEU A 1 68  ? 3.89454   -3.25463  10.99165  1.000 36.19927 ? 55  LEU A CB  1 
ATOM   390  C CG  . LEU A 1 68  ? 5.37773   -3.09190  10.65019  1.000 39.84637 ? 55  LEU A CG  1 
ATOM   391  C CD1 . LEU A 1 68  ? 5.63400   -2.80889  9.15983   1.000 38.92577 ? 55  LEU A CD1 1 
ATOM   392  C CD2 . LEU A 1 68  ? 5.98100   -1.98996  11.51202  1.000 37.05392 ? 55  LEU A CD2 1 
ATOM   393  N N   . ILE A 1 69  ? 1.32227   -3.09168  12.75110  1.000 34.49768 ? 56  ILE A N   1 
ATOM   394  C CA  . ILE A 1 69  ? -0.12631  -3.16046  12.62822  1.000 34.63027 ? 56  ILE A CA  1 
ATOM   395  C C   . ILE A 1 69  ? -0.60077  -2.00601  11.74731  1.000 35.59978 ? 56  ILE A C   1 
ATOM   396  O O   . ILE A 1 69  ? -0.28068  -0.83570  12.00453  1.000 32.92547 ? 56  ILE A O   1 
ATOM   397  C CB  . ILE A 1 69  ? -0.82948  -3.17569  14.00031  1.000 31.96064 ? 56  ILE A CB  1 
ATOM   398  C CG1 . ILE A 1 69  ? -2.34979  -3.24734  13.84783  1.000 32.33556 ? 56  ILE A CG1 1 
ATOM   399  C CG2 . ILE A 1 69  ? -0.37413  -2.01171  14.88954  1.000 32.39008 ? 56  ILE A CG2 1 
ATOM   400  C CD1 . ILE A 1 69  ? -3.06659  -3.56909  15.19718  1.000 33.36175 ? 56  ILE A CD1 1 
ATOM   401  N N   . PHE A 1 70  ? -1.31535  -2.35164  10.67836  1.000 32.34151 ? 57  PHE A N   1 
ATOM   402  C CA  . PHE A 1 70  ? -1.94647  -1.39752  9.77353   1.000 32.91297 ? 57  PHE A CA  1 
ATOM   403  C C   . PHE A 1 70  ? -3.41597  -1.32249  10.15404  1.000 32.76876 ? 57  PHE A C   1 
ATOM   404  O O   . PHE A 1 70  ? -4.03309  -2.34859  10.45823  1.000 36.53214 ? 57  PHE A O   1 
ATOM   405  C CB  . PHE A 1 70  ? -1.86948  -1.83334  8.29747   1.000 31.27241 ? 57  PHE A CB  1 
ATOM   406  C CG  . PHE A 1 70  ? -0.55273  -1.64705  7.64952   1.000 33.69630 ? 57  PHE A CG  1 
ATOM   407  C CD1 . PHE A 1 70  ? -0.47632  -1.00286  6.41435   1.000 31.55031 ? 57  PHE A CD1 1 
ATOM   408  C CD2 . PHE A 1 70  ? 0.59829   -2.16345  8.21173   1.000 31.05563 ? 57  PHE A CD2 1 
ATOM   409  C CE1 . PHE A 1 70  ? 0.75017   -0.83847  5.77874   1.000 33.69086 ? 57  PHE A CE1 1 
ATOM   410  C CE2 . PHE A 1 70  ? 1.81028   -2.00794  7.58907   1.000 36.45780 ? 57  PHE A CE2 1 
ATOM   411  C CZ  . PHE A 1 70  ? 1.88804   -1.34409  6.35469   1.000 32.90336 ? 57  PHE A CZ  1 
ATOM   412  N N   . THR A 1 71  ? -3.98085  -0.12156  10.15485  1.000 31.15082 ? 58  THR A N   1 
ATOM   413  C CA  . THR A 1 71  ? -5.43051  0.00997   10.09127  1.000 30.66821 ? 58  THR A CA  1 
ATOM   414  C C   . THR A 1 71  ? -5.79440  0.64703   8.75647   1.000 30.94795 ? 58  THR A C   1 
ATOM   415  O O   . THR A 1 71  ? -5.09040  1.52802   8.26501   1.000 29.73669 ? 58  THR A O   1 
ATOM   416  C CB  . THR A 1 71  ? -6.01460  0.80568   11.27745  1.000 36.91168 ? 58  THR A CB  1 
ATOM   417  O OG1 . THR A 1 71  ? -5.76968  2.20615   11.12933  1.000 37.68201 ? 58  THR A OG1 1 
ATOM   418  C CG2 . THR A 1 71  ? -5.39950  0.32884   12.56391  1.000 34.24838 ? 58  THR A CG2 1 
ATOM   419  N N   . MET A 1 72  ? -6.87966  0.16410   8.15682   1.000 32.91337 ? 59  MET A N   1 
ATOM   420  C CA  . MET A 1 72  ? -7.22546  0.47610   6.77957   1.000 31.49128 ? 59  MET A CA  1 
ATOM   421  C C   . MET A 1 72  ? -8.73724  0.44078   6.65756   1.000 33.51610 ? 59  MET A C   1 
ATOM   422  O O   . MET A 1 72  ? -9.42439  -0.16392  7.48544   1.000 36.12070 ? 59  MET A O   1 
ATOM   423  C CB  . MET A 1 72  ? -6.59722  -0.52072  5.79229   1.000 31.40564 ? 59  MET A CB  1 
ATOM   424  C CG  . MET A 1 72  ? -5.13829  -0.82253  6.06864   1.000 33.68541 ? 59  MET A CG  1 
ATOM   425  S SD  . MET A 1 72  ? -4.41655  -1.85104  4.79631   1.000 36.58486 ? 59  MET A SD  1 
ATOM   426  C CE  . MET A 1 72  ? -4.27506  -0.66159  3.42611   1.000 33.82445 ? 59  MET A CE  1 
ATOM   427  N N   . HIS A 1 73  ? -9.25498  1.09883   5.62321   1.000 30.05087 ? 60  HIS A N   1 
ATOM   428  C CA  . HIS A 1 73  ? -10.68605 1.11308   5.36920   1.000 34.45904 ? 60  HIS A CA  1 
ATOM   429  C C   . HIS A 1 73  ? -11.00341 0.29677   4.13241   1.000 33.05791 ? 60  HIS A C   1 
ATOM   430  O O   . HIS A 1 73  ? -10.28139 0.35556   3.12146   1.000 32.41848 ? 60  HIS A O   1 
ATOM   431  C CB  . HIS A 1 73  ? -11.23349 2.54133   5.21070   1.000 37.39525 ? 60  HIS A CB  1 
ATOM   432  C CG  . HIS A 1 73  ? -11.39497 3.26576   6.51698   1.000 35.59115 ? 60  HIS A CG  1 
ATOM   433  N ND1 . HIS A 1 73  ? -12.55346 3.21067   7.26959   1.000 39.03680 ? 60  HIS A ND1 1 
ATOM   434  C CD2 . HIS A 1 73  ? -10.53363 4.04977   7.20646   1.000 32.66338 ? 60  HIS A CD2 1 
ATOM   435  C CE1 . HIS A 1 73  ? -12.40124 3.93834   8.36372   1.000 30.78172 ? 60  HIS A CE1 1 
ATOM   436  N NE2 . HIS A 1 73  ? -11.17911 4.43929   8.36108   1.000 39.13104 ? 60  HIS A NE2 1 
ATOM   437  N N   . THR A 1 74  ? -12.07069 -0.48827  4.24636   1.000 32.15658 ? 61  THR A N   1 
ATOM   438  C CA  . THR A 1 74  ? -12.68955 -1.17202  3.13320   1.000 38.28205 ? 61  THR A CA  1 
ATOM   439  C C   . THR A 1 74  ? -14.15885 -0.77592  3.07880   1.000 36.49359 ? 61  THR A C   1 
ATOM   440  O O   . THR A 1 74  ? -14.72717 -0.28114  4.05470   1.000 36.58031 ? 61  THR A O   1 
ATOM   441  C CB  . THR A 1 74  ? -12.55008 -2.69254  3.28562   1.000 40.50475 ? 61  THR A CB  1 
ATOM   442  O OG1 . THR A 1 74  ? -13.10109 -3.33638  2.13516   1.000 44.06575 ? 61  THR A OG1 1 
ATOM   443  C CG2 . THR A 1 74  ? -13.27994 -3.15904  4.55246   1.000 33.92366 ? 61  THR A CG2 1 
ATOM   444  N N   . LYS A 1 75  ? -14.80179 -1.00413  1.94360   1.000 36.10568 ? 62  LYS A N   1 
ATOM   445  C CA  . LYS A 1 75  ? -16.23723 -0.77093  1.89396   1.000 36.29349 ? 62  LYS A CA  1 
ATOM   446  C C   . LYS A 1 75  ? -16.97592 -2.06606  2.21339   1.000 35.54003 ? 62  LYS A C   1 
ATOM   447  O O   . LYS A 1 75  ? -16.72143 -3.10193  1.59885   1.000 32.53469 ? 62  LYS A O   1 
ATOM   448  C CB  . LYS A 1 75  ? -16.66416 -0.23358  0.52978   1.000 41.47981 ? 62  LYS A CB  1 
ATOM   449  C CG  . LYS A 1 75  ? -16.06063 1.11753   0.16198   1.000 43.82172 ? 62  LYS A CG  1 
ATOM   450  C CD  . LYS A 1 75  ? -16.89538 2.27518   0.68222   1.000 43.52515 ? 62  LYS A CD  1 
ATOM   451  C CE  . LYS A 1 75  ? -17.22201 3.24052   -0.44572  1.000 43.34067 ? 62  LYS A CE  1 
ATOM   452  N NZ  . LYS A 1 75  ? -17.61254 4.55629   0.11111   1.000 51.59546 ? 62  LYS A NZ  1 
ATOM   453  N N   . VAL A 1 76  ? -17.90217 -2.00380  3.16606   1.000 31.96286 ? 63  VAL A N   1 
ATOM   454  C CA  . VAL A 1 76  ? -18.75694 -3.13183  3.50818   1.000 33.54200 ? 63  VAL A CA  1 
ATOM   455  C C   . VAL A 1 76  ? -20.19205 -2.64900  3.38753   1.000 38.99312 ? 63  VAL A C   1 
ATOM   456  O O   . VAL A 1 76  ? -20.63104 -1.80418  4.18207   1.000 34.64116 ? 63  VAL A O   1 
ATOM   457  C CB  . VAL A 1 76  ? -18.47729 -3.67016  4.92243   1.000 34.44661 ? 63  VAL A CB  1 
ATOM   458  C CG1 . VAL A 1 76  ? -19.44841 -4.79476  5.26750   1.000 34.54345 ? 63  VAL A CG1 1 
ATOM   459  C CG2 . VAL A 1 76  ? -17.03349 -4.13929  5.05535   1.000 36.36431 ? 63  VAL A CG2 1 
ATOM   460  N N   . ASN A 1 77  ? -20.91271 -3.16840  2.39393   1.000 34.91923 ? 64  ASN A N   1 
ATOM   461  C CA  . ASN A 1 77  ? -22.28488 -2.75374  2.09698   1.000 38.54971 ? 64  ASN A CA  1 
ATOM   462  C C   . ASN A 1 77  ? -22.39478 -1.23841  1.98744   1.000 40.07550 ? 64  ASN A C   1 
ATOM   463  O O   . ASN A 1 77  ? -23.27935 -0.61128  2.57884   1.000 40.20173 ? 64  ASN A O   1 
ATOM   464  C CB  . ASN A 1 77  ? -23.25816 -3.29970  3.14369   1.000 39.54072 ? 64  ASN A CB  1 
ATOM   465  C CG  . ASN A 1 77  ? -23.40180 -4.81592  3.05707   1.000 39.22842 ? 64  ASN A CG  1 
ATOM   466  O OD1 . ASN A 1 77  ? -23.63751 -5.36380  1.98098   1.000 34.06722 ? 64  ASN A OD1 1 
ATOM   467  N ND2 . ASN A 1 77  ? -23.26083 -5.49352  4.18939   1.000 34.99166 ? 64  ASN A ND2 1 
ATOM   468  N N   . GLY A 1 78  ? -21.47503 -0.64781  1.22384   1.000 37.51437 ? 65  GLY A N   1 
ATOM   469  C CA  . GLY A 1 78  ? -21.46743 0.77773   0.98216   1.000 37.83177 ? 65  GLY A CA  1 
ATOM   470  C C   . GLY A 1 78  ? -20.85074 1.63713   2.06708   1.000 38.47073 ? 65  GLY A C   1 
ATOM   471  O O   . GLY A 1 78  ? -20.64489 2.83530   1.83725   1.000 42.00589 ? 65  GLY A O   1 
ATOM   472  N N   . LYS A 1 79  ? -20.54432 1.09028   3.23989   1.000 37.82197 ? 66  LYS A N   1 
ATOM   473  C CA  . LYS A 1 79  ? -20.02683 1.87912   4.34959   1.000 40.55993 ? 66  LYS A CA  1 
ATOM   474  C C   . LYS A 1 79  ? -18.53570 1.64203   4.53518   1.000 37.89299 ? 66  LYS A C   1 
ATOM   475  O O   . LYS A 1 79  ? -18.07510 0.49178   4.54549   1.000 37.72432 ? 66  LYS A O   1 
ATOM   476  C CB  . LYS A 1 79  ? -20.77000 1.55271   5.64865   1.000 35.98020 ? 66  LYS A CB  1 
ATOM   477  C CG  . LYS A 1 79  ? -22.26813 1.76583   5.56594   1.000 48.50215 ? 66  LYS A CG  1 
ATOM   478  C CD  . LYS A 1 79  ? -23.02228 0.45971   5.80355   1.000 51.78451 ? 66  LYS A CD  1 
ATOM   479  C CE  . LYS A 1 79  ? -24.52578 0.60910   5.55999   1.000 55.39313 ? 66  LYS A CE  1 
ATOM   480  N NZ  . LYS A 1 79  ? -25.06007 -0.50506  4.71935   1.000 45.54543 ? 66  LYS A NZ  1 
ATOM   481  N N   . CYS A 1 80  ? -17.78452 2.73096   4.67635   1.000 36.37600 ? 67  CYS A N   1 
ATOM   482  C CA  . CYS A 1 80  ? -16.38068 2.62043   5.01308   1.000 32.56599 ? 67  CYS A CA  1 
ATOM   483  C C   . CYS A 1 80  ? -16.22642 1.90363   6.34283   1.000 37.50450 ? 67  CYS A C   1 
ATOM   484  O O   . CYS A 1 80  ? -16.84390 2.27728   7.34280   1.000 35.61084 ? 67  CYS A O   1 
ATOM   485  C CB  . CYS A 1 80  ? -15.73584 3.99423   5.06192   1.000 34.40663 ? 67  CYS A CB  1 
ATOM   486  S SG  . CYS A 1 80  ? -15.67003 4.77073   3.48570   1.000 40.21994 ? 67  CYS A SG  1 
ATOM   487  N N   . THR A 1 81  ? -15.40688 0.85688   6.36040   1.000 30.21869 ? 68  THR A N   1 
ATOM   488  C CA  . THR A 1 81  ? -15.28495 -0.01832  7.52243   1.000 33.79413 ? 68  THR A CA  1 
ATOM   489  C C   . THR A 1 81  ? -13.80783 -0.22369  7.82447   1.000 35.65291 ? 68  THR A C   1 
ATOM   490  O O   . THR A 1 81  ? -13.02458 -0.53275  6.92178   1.000 34.30691 ? 68  THR A O   1 
ATOM   491  C CB  . THR A 1 81  ? -15.98492 -1.36818  7.25368   1.000 36.31300 ? 68  THR A CB  1 
ATOM   492  O OG1 . THR A 1 81  ? -17.37698 -1.14752  6.98076   1.000 34.53894 ? 68  THR A OG1 1 
ATOM   493  C CG2 . THR A 1 81  ? -15.85539 -2.30941  8.44474   1.000 36.41272 ? 68  THR A CG2 1 
ATOM   494  N N   . LYS A 1 82  ? -13.42021 -0.05350  9.07994   1.000 34.73520 ? 69  LYS A N   1 
ATOM   495  C CA  . LYS A 1 82  ? -12.01499 -0.18174  9.43728   1.000 36.20915 ? 69  LYS A CA  1 
ATOM   496  C C   . LYS A 1 82  ? -11.64062 -1.64539  9.67582   1.000 33.70574 ? 69  LYS A C   1 
ATOM   497  O O   . LYS A 1 82  ? -12.40838 -2.40560  10.27286  1.000 32.81168 ? 69  LYS A O   1 
ATOM   498  C CB  . LYS A 1 82  ? -11.70271 0.66333   10.67350  1.000 36.08933 ? 69  LYS A CB  1 
ATOM   499  C CG  . LYS A 1 82  ? -10.24127 0.94390   10.88033  1.000 34.38092 ? 69  LYS A CG  1 
ATOM   500  C CD  . LYS A 1 82  ? -10.04775 2.05116   11.94547  1.000 43.40987 ? 69  LYS A CD  1 
ATOM   501  C CE  . LYS A 1 82  ? -10.43546 3.43799   11.42294  1.000 41.35602 ? 69  LYS A CE  1 
ATOM   502  N NZ  . LYS A 1 82  ? -9.96940  4.55129   12.34603  1.000 42.59489 ? 69  LYS A NZ  1 
ATOM   503  N N   . ILE A 1 83  ? -10.46471 -2.03757  9.17222   1.000 32.06317 ? 70  ILE A N   1 
ATOM   504  C CA  . ILE A 1 83  ? -9.86656  -3.33540  9.45596   1.000 28.74425 ? 70  ILE A CA  1 
ATOM   505  C C   . ILE A 1 83  ? -8.47648  -3.10921  10.03498  1.000 32.50940 ? 70  ILE A C   1 
ATOM   506  O O   . ILE A 1 83  ? -7.85146  -2.06662  9.83657   1.000 35.05742 ? 70  ILE A O   1 
ATOM   507  C CB  . ILE A 1 83  ? -9.78703  -4.24250  8.21159   1.000 31.13281 ? 70  ILE A CB  1 
ATOM   508  C CG1 . ILE A 1 83  ? -8.88206  -3.59641  7.15855   1.000 29.51633 ? 70  ILE A CG1 1 
ATOM   509  C CG2 . ILE A 1 83  ? -11.18317 -4.56409  7.68873   1.000 32.47139 ? 70  ILE A CG2 1 
ATOM   510  C CD1 . ILE A 1 83  ? -8.69133  -4.49272  5.87545   1.000 31.77338 ? 70  ILE A CD1 1 
ATOM   511  N N   . SER A 1 84  ? -7.99795  -4.10668  10.76496  1.000 31.52717 ? 71  SER A N   1 
ATOM   512  C CA  . SER A 1 84  ? -6.65602  -4.11457  11.33078  1.000 31.40927 ? 71  SER A CA  1 
ATOM   513  C C   . SER A 1 84  ? -5.90917  -5.29290  10.73095  1.000 35.26415 ? 71  SER A C   1 
ATOM   514  O O   . SER A 1 84  ? -6.48470  -6.36959  10.56750  1.000 40.49843 ? 71  SER A O   1 
ATOM   515  C CB  . SER A 1 84  ? -6.67733  -4.25675  12.85885  1.000 35.89620 ? 71  SER A CB  1 
ATOM   516  O OG  . SER A 1 84  ? -7.35840  -3.16530  13.43473  1.000 42.20577 ? 71  SER A OG  1 
ATOM   517  N N   . LEU A 1 85  ? -4.63155  -5.10190  10.40956  1.000 32.68412 ? 72  LEU A N   1 
ATOM   518  C CA  . LEU A 1 85  ? -3.83405  -6.15459  9.77719   1.000 32.00225 ? 72  LEU A CA  1 
ATOM   519  C C   . LEU A 1 85  ? -2.50309  -6.26537  10.49119  1.000 32.37061 ? 72  LEU A C   1 
ATOM   520  O O   . LEU A 1 85  ? -1.79349  -5.26537  10.63450  1.000 33.11606 ? 72  LEU A O   1 
ATOM   521  C CB  . LEU A 1 85  ? -3.59356  -5.87736  8.28312   1.000 31.41599 ? 72  LEU A CB  1 
ATOM   522  C CG  . LEU A 1 85  ? -4.80992  -5.79748  7.33800   1.000 35.11041 ? 72  LEU A CG  1 
ATOM   523  C CD1 . LEU A 1 85  ? -4.37459  -5.52868  5.88746   1.000 39.54160 ? 72  LEU A CD1 1 
ATOM   524  C CD2 . LEU A 1 85  ? -5.67334  -7.06906  7.39825   1.000 38.35102 ? 72  LEU A CD2 1 
ATOM   525  N N   . ILE A 1 86  ? -2.17119  -7.47347  10.92909  1.000 31.24497 ? 73  ILE A N   1 
ATOM   526  C CA  . ILE A 1 86  ? -0.91786  -7.74711  11.63174  1.000 31.16541 ? 73  ILE A CA  1 
ATOM   527  C C   . ILE A 1 86  ? 0.10809   -8.18872  10.60362  1.000 33.78828 ? 73  ILE A C   1 
ATOM   528  O O   . ILE A 1 86  ? -0.13464  -9.14126  9.87403   1.000 34.98921 ? 73  ILE A O   1 
ATOM   529  C CB  . ILE A 1 86  ? -1.11706  -8.83896  12.69146  1.000 30.87634 ? 73  ILE A CB  1 
ATOM   530  C CG1 . ILE A 1 86  ? -2.26016  -8.44150  13.64138  1.000 32.54199 ? 73  ILE A CG1 1 
ATOM   531  C CG2 . ILE A 1 86  ? 0.15924   -9.06097  13.48201  1.000 32.94989 ? 73  ILE A CG2 1 
ATOM   532  C CD1 . ILE A 1 86  ? -2.06284  -7.03085  14.23120  1.000 35.08454 ? 73  ILE A CD1 1 
ATOM   533  N N   . CYS A 1 87  ? 1.26227   -7.52265  10.57167  1.000 32.99940 ? 74  CYS A N   1 
ATOM   534  C CA  . CYS A 1 87  ? 2.30820   -7.79244  9.59500   1.000 34.30382 ? 74  CYS A CA  1 
ATOM   535  C C   . CYS A 1 87  ? 3.58837   -8.16957  10.32047  1.000 34.36716 ? 74  CYS A C   1 
ATOM   536  O O   . CYS A 1 87  ? 4.01569   -7.45854  11.23250  1.000 36.65410 ? 74  CYS A O   1 
ATOM   537  C CB  . CYS A 1 87  ? 2.55184   -6.57142  8.70396   1.000 33.08810 ? 74  CYS A CB  1 
ATOM   538  S SG  . CYS A 1 87  ? 1.04719   -5.86654  8.00403   1.000 34.56281 ? 74  CYS A SG  1 
ATOM   539  N N   . ASN A 1 88  ? 4.19806   -9.28085  9.91279   1.000 35.08190 ? 75  ASN A N   1 
ATOM   540  C CA  . ASN A 1 88  ? 5.38002   -9.82228  10.57354  1.000 36.40297 ? 75  ASN A CA  1 
ATOM   541  C C   . ASN A 1 88  ? 6.56405   -9.82236  9.62334   1.000 37.49105 ? 75  ASN A C   1 
ATOM   542  O O   . ASN A 1 88  ? 6.41270   -10.14019 8.44669   1.000 33.70306 ? 75  ASN A O   1 
ATOM   543  C CB  . ASN A 1 88  ? 5.15441   -11.25314 11.04422  1.000 38.46898 ? 75  ASN A CB  1 
ATOM   544  C CG  . ASN A 1 88  ? 4.20314   -11.33214 12.21369  1.000 38.05975 ? 75  ASN A CG  1 
ATOM   545  O OD1 . ASN A 1 88  ? 4.50186   -10.84969 13.31359  1.000 46.61637 ? 75  ASN A OD1 1 
ATOM   546  N ND2 . ASN A 1 88  ? 3.03388   -11.91211 11.97331  1.000 37.36425 ? 75  ASN A ND2 1 
ATOM   547  N N   . LYS A 1 89  ? 7.74409   -9.51215  10.15688  1.000 37.39424 ? 76  LYS A N   1 
ATOM   548  C CA  . LYS A 1 89  ? 8.97233   -9.67658  9.38852   1.000 36.86406 ? 76  LYS A CA  1 
ATOM   549  C C   . LYS A 1 89  ? 9.14751   -11.13644 8.97325   1.000 40.52030 ? 76  LYS A C   1 
ATOM   550  O O   . LYS A 1 89  ? 8.90870   -12.05370 9.76264   1.000 42.93487 ? 76  LYS A O   1 
ATOM   551  C CB  . LYS A 1 89  ? 10.17595  -9.20617  10.21958  1.000 38.51292 ? 76  LYS A CB  1 
ATOM   552  C CG  . LYS A 1 89  ? 10.59509  -7.75730  9.94863   1.000 42.95492 ? 76  LYS A CG  1 
ATOM   553  C CD  . LYS A 1 89  ? 10.88818  -7.52543  8.42739   1.000 48.95990 ? 76  LYS A CD  1 
ATOM   554  C CE  . LYS A 1 89  ? 12.15780  -8.24559  7.88630   1.000 43.81186 ? 76  LYS A CE  1 
ATOM   555  N NZ  . LYS A 1 89  ? 13.37246  -7.36613  7.96621   1.000 48.16541 ? 76  LYS A NZ  1 
ATOM   556  N N   . THR A 1 90  ? 9.54513   -11.35778 7.71727   1.000 37.03883 ? 77  THR A N   1 
ATOM   557  C CA  . THR A 1 90  ? 9.92172   -12.68777 7.26138   1.000 42.67041 ? 77  THR A CA  1 
ATOM   558  C C   . THR A 1 90  ? 11.43770  -12.85630 7.37978   1.000 43.74088 ? 77  THR A C   1 
ATOM   559  O O   . THR A 1 90  ? 12.15109  -11.99922 7.90402   1.000 41.22425 ? 77  THR A O   1 
ATOM   560  C CB  . THR A 1 90  ? 9.49781   -12.93935 5.81010   1.000 42.50164 ? 77  THR A CB  1 
ATOM   561  O OG1 . THR A 1 90  ? 10.38356  -12.21581 4.93628   1.000 40.67930 ? 77  THR A OG1 1 
ATOM   562  C CG2 . THR A 1 90  ? 8.05642   -12.50095 5.56857   1.000 37.95938 ? 77  THR A CG2 1 
ATOM   563  N N   . GLU A 1 91  ? 11.94720  -13.95644 6.82323   1.000 47.77114 ? 78  GLU A N   1 
ATOM   564  C CA  . GLU A 1 91  ? 13.38306  -14.22439 6.86860   1.000 50.04394 ? 78  GLU A CA  1 
ATOM   565  C C   . GLU A 1 91  ? 14.16850  -13.32458 5.91605   1.000 49.35440 ? 78  GLU A C   1 
ATOM   566  O O   . GLU A 1 91  ? 15.36334  -13.08350 6.13382   1.000 54.08232 ? 78  GLU A O   1 
ATOM   567  C CB  . GLU A 1 91  ? 13.64744  -15.70446 6.56348   1.000 51.04308 ? 78  GLU A CB  1 
ATOM   568  C CG  . GLU A 1 91  ? 13.18649  -16.18081 5.17548   1.000 59.50533 ? 78  GLU A CG  1 
ATOM   569  C CD  . GLU A 1 91  ? 11.66307  -16.15845 4.99656   1.000 56.53321 ? 78  GLU A CD  1 
ATOM   570  O OE1 . GLU A 1 91  ? 10.94083  -16.18406 6.01868   1.000 60.83866 ? 78  GLU A OE1 1 
ATOM   571  O OE2 . GLU A 1 91  ? 11.19139  -16.09327 3.83849   1.000 57.83421 ? 78  GLU A OE2 1 
ATOM   572  N N   . LYS A 1 92  ? 13.52540  -12.81187 4.87074   1.000 44.06292 ? 79  LYS A N   1 
ATOM   573  C CA  . LYS A 1 92  ? 14.18503  -11.93998 3.90996   1.000 44.32992 ? 79  LYS A CA  1 
ATOM   574  C C   . LYS A 1 92  ? 14.20782  -10.50938 4.42705   1.000 42.47660 ? 79  LYS A C   1 
ATOM   575  O O   . LYS A 1 92  ? 13.22182  -10.01866 4.98628   1.000 39.00631 ? 79  LYS A O   1 
ATOM   576  C CB  . LYS A 1 92  ? 13.47483  -12.01166 2.55559   1.000 41.79393 ? 79  LYS A CB  1 
ATOM   577  C CG  . LYS A 1 92  ? 13.28161  -13.44009 2.05011   1.000 46.61699 ? 79  LYS A CG  1 
ATOM   578  C CD  . LYS A 1 92  ? 14.59172  -13.94281 1.47153   1.000 47.82836 ? 79  LYS A CD  1 
ATOM   579  C CE  . LYS A 1 92  ? 14.54997  -15.41994 1.09464   1.000 51.26509 ? 79  LYS A CE  1 
ATOM   580  N NZ  . LYS A 1 92  ? 15.89419  -15.81860 0.53500   1.000 49.39594 ? 79  LYS A NZ  1 
ATOM   581  N N   . ASP A 1 93  ? 15.34293  -9.85074  4.23658   1.000 39.52377 ? 80  ASP A N   1 
ATOM   582  C CA  . ASP A 1 93  ? 15.53423  -8.49612  4.73263   1.000 44.08163 ? 80  ASP A CA  1 
ATOM   583  C C   . ASP A 1 93  ? 14.52537  -7.55461  4.09422   1.000 44.40518 ? 80  ASP A C   1 
ATOM   584  O O   . ASP A 1 93  ? 14.34626  -7.55561  2.86922   1.000 40.14672 ? 80  ASP A O   1 
ATOM   585  C CB  . ASP A 1 93  ? 16.96626  -8.03445  4.43161   1.000 48.51723 ? 80  ASP A CB  1 
ATOM   586  C CG  . ASP A 1 93  ? 17.22866  -6.58599  4.84446   1.000 52.51611 ? 80  ASP A CG  1 
ATOM   587  O OD1 . ASP A 1 93  ? 16.91864  -6.21013  5.99279   1.000 49.74136 ? 80  ASP A OD1 1 
ATOM   588  O OD2 . ASP A 1 93  ? 17.77019  -5.81913  4.00933   1.000 57.25734 ? 80  ASP A OD2 1 
ATOM   589  N N   . GLY A 1 94  ? 13.83021  -6.77693  4.93444   1.000 37.05802 ? 81  GLY A N   1 
ATOM   590  C CA  . GLY A 1 94  ? 12.92274  -5.77770  4.43656   1.000 39.96581 ? 81  GLY A CA  1 
ATOM   591  C C   . GLY A 1 94  ? 11.53965  -6.28838  4.09887   1.000 41.42517 ? 81  GLY A C   1 
ATOM   592  O O   . GLY A 1 94  ? 10.65168  -5.47687  3.79643   1.000 41.61767 ? 81  GLY A O   1 
ATOM   593  N N   . GLU A 1 95  ? 11.32007  -7.58989  4.18524   1.000 37.87715 ? 82  GLU A N   1 
ATOM   594  C CA  . GLU A 1 95  ? 10.07646  -8.21762  3.76729   1.000 36.80686 ? 82  GLU A CA  1 
ATOM   595  C C   . GLU A 1 95  ? 9.17248   -8.50571  4.96762   1.000 36.48710 ? 82  GLU A C   1 
ATOM   596  O O   . GLU A 1 95  ? 9.62551   -8.96562  6.01995   1.000 36.64469 ? 82  GLU A O   1 
ATOM   597  C CB  . GLU A 1 95  ? 10.37822  -9.51228  3.02940   1.000 35.53088 ? 82  GLU A CB  1 
ATOM   598  C CG  . GLU A 1 95  ? 9.18738   -10.14996 2.35076   1.000 38.99362 ? 82  GLU A CG  1 
ATOM   599  C CD  . GLU A 1 95  ? 9.59196   -11.38767 1.57399   1.000 41.86221 ? 82  GLU A CD  1 
ATOM   600  O OE1 . GLU A 1 95  ? 9.79413   -11.26285 0.33813   1.000 41.23297 ? 82  GLU A OE1 1 
ATOM   601  O OE2 . GLU A 1 95  ? 9.71591   -12.46606 2.20886   1.000 38.18885 ? 82  GLU A OE2 1 
ATOM   602  N N   . TYR A 1 96  ? 7.88519   -8.26085  4.78326   1.000 36.12820 ? 83  TYR A N   1 
ATOM   603  C CA  . TYR A 1 96  ? 6.86566   -8.54544  5.77469   1.000 33.64607 ? 83  TYR A CA  1 
ATOM   604  C C   . TYR A 1 96  ? 5.80789   -9.41514  5.12047   1.000 36.48520 ? 83  TYR A C   1 
ATOM   605  O O   . TYR A 1 96  ? 5.62923   -9.35765  3.90583   1.000 33.63687 ? 83  TYR A O   1 
ATOM   606  C CB  . TYR A 1 96  ? 6.21514   -7.26126  6.27803   1.000 34.95832 ? 83  TYR A CB  1 
ATOM   607  C CG  . TYR A 1 96  ? 7.12468   -6.40408  7.11974   1.000 38.85590 ? 83  TYR A CG  1 
ATOM   608  C CD1 . TYR A 1 96  ? 8.06588   -5.55337  6.53495   1.000 39.30030 ? 83  TYR A CD1 1 
ATOM   609  C CD2 . TYR A 1 96  ? 7.04084   -6.44726  8.50974   1.000 35.68037 ? 83  TYR A CD2 1 
ATOM   610  C CE1 . TYR A 1 96  ? 8.91006   -4.78752  7.32531   1.000 41.00723 ? 83  TYR A CE1 1 
ATOM   611  C CE2 . TYR A 1 96  ? 7.86429   -5.68010  9.29669   1.000 40.66421 ? 83  TYR A CE2 1 
ATOM   612  C CZ  . TYR A 1 96  ? 8.79367   -4.85461  8.70654   1.000 42.19009 ? 83  TYR A CZ  1 
ATOM   613  O OH  . TYR A 1 96  ? 9.60139   -4.11628  9.53023   1.000 44.80184 ? 83  TYR A OH  1 
ATOM   614  N N   . ASP A 1 97  ? 5.09759   -10.20884 5.92574   1.000 33.57281 ? 84  ASP A N   1 
ATOM   615  C CA  . ASP A 1 97  ? 3.92404   -10.90280 5.42239   1.000 32.29247 ? 84  ASP A CA  1 
ATOM   616  C C   . ASP A 1 97  ? 2.67120   -10.35663 6.09538   1.000 33.50000 ? 84  ASP A C   1 
ATOM   617  O O   . ASP A 1 97  ? 2.74144   -9.69524  7.12187   1.000 33.82762 ? 84  ASP A O   1 
ATOM   618  C CB  . ASP A 1 97  ? 4.02812   -12.43273 5.59481   1.000 36.22703 ? 84  ASP A CB  1 
ATOM   619  C CG  . ASP A 1 97  ? 4.08684   -12.88581 7.05343   1.000 41.05698 ? 84  ASP A CG  1 
ATOM   620  O OD1 . ASP A 1 97  ? 4.51999   -14.03023 7.25961   1.000 47.21407 ? 84  ASP A OD1 1 
ATOM   621  O OD2 . ASP A 1 97  ? 3.69009   -12.13210 7.97759   1.000 41.55704 ? 84  ASP A OD2 1 
ATOM   622  N N   . VAL A 1 98  ? 1.52496   -10.60185 5.46818   1.000 33.10499 ? 85  VAL A N   1 
ATOM   623  C CA  . VAL A 1 98  ? 0.23469   -10.14024 5.97659   1.000 34.10630 ? 85  VAL A CA  1 
ATOM   624  C C   . VAL A 1 98  ? -0.83615  -11.00364 5.32711   1.000 36.84601 ? 85  VAL A C   1 
ATOM   625  O O   . VAL A 1 98  ? -0.71275  -11.40443 4.16514   1.000 31.03963 ? 85  VAL A O   1 
ATOM   626  C CB  . VAL A 1 98  ? 0.01318   -8.62878  5.70497   1.000 29.25213 ? 85  VAL A CB  1 
ATOM   627  C CG1 . VAL A 1 98  ? -0.05173  -8.31727  4.22601   1.000 31.20727 ? 85  VAL A CG1 1 
ATOM   628  C CG2 . VAL A 1 98  ? -1.25327  -8.08716  6.43466   1.000 32.31330 ? 85  VAL A CG2 1 
ATOM   629  N N   . VAL A 1 99  ? -1.85871  -11.33877 6.10694   1.000 37.05152 ? 86  VAL A N   1 
ATOM   630  C CA  . VAL A 1 99  ? -2.95311  -12.16773 5.63213   1.000 36.71903 ? 86  VAL A CA  1 
ATOM   631  C C   . VAL A 1 99  ? -4.09044  -11.25472 5.22702   1.000 35.13826 ? 86  VAL A C   1 
ATOM   632  O O   . VAL A 1 99  ? -4.55914  -10.43621 6.03247   1.000 36.17587 ? 86  VAL A O   1 
ATOM   633  C CB  . VAL A 1 99  ? -3.40867  -13.17169 6.69368   1.000 39.43219 ? 86  VAL A CB  1 
ATOM   634  C CG1 . VAL A 1 99  ? -4.68352  -13.86019 6.21285   1.000 42.68028 ? 86  VAL A CG1 1 
ATOM   635  C CG2 . VAL A 1 99  ? -2.31806  -14.18445 6.93324   1.000 38.57300 ? 86  VAL A CG2 1 
ATOM   636  N N   . HIS A 1 100 ? -4.50800  -11.38772 3.97077   1.000 35.05337 ? 87  HIS A N   1 
ATOM   637  C CA  . HIS A 1 100 ? -5.64602  -10.66669 3.41762   1.000 37.84614 ? 87  HIS A CA  1 
ATOM   638  C C   . HIS A 1 100 ? -5.88488  -11.20951 2.01560   1.000 37.38526 ? 87  HIS A C   1 
ATOM   639  O O   . HIS A 1 100 ? -4.99196  -11.13728 1.16342   1.000 37.51292 ? 87  HIS A O   1 
ATOM   640  C CB  . HIS A 1 100 ? -5.39986  -9.15202  3.39043   1.000 36.28177 ? 87  HIS A CB  1 
ATOM   641  C CG  . HIS A 1 100 ? -6.50579  -8.37557  2.74803   1.000 36.27058 ? 87  HIS A CG  1 
ATOM   642  N ND1 . HIS A 1 100 ? -7.59047  -7.90050  3.45622   1.000 37.66193 ? 87  HIS A ND1 1 
ATOM   643  C CD2 . HIS A 1 100 ? -6.68282  -7.96900  1.46897   1.000 32.45289 ? 87  HIS A CD2 1 
ATOM   644  C CE1 . HIS A 1 100 ? -8.39766  -7.24908  2.63540   1.000 37.46253 ? 87  HIS A CE1 1 
ATOM   645  N NE2 . HIS A 1 100 ? -7.86214  -7.26375  1.42569   1.000 36.96831 ? 87  HIS A NE2 1 
ATOM   646  N N   . ASP A 1 101 ? -7.05294  -11.80605 1.78302   1.000 38.68056 ? 88  ASP A N   1 
ATOM   647  C CA  . ASP A 1 101 ? -7.34003  -12.46032 0.51607   1.000 36.04280 ? 88  ASP A CA  1 
ATOM   648  C C   . ASP A 1 101 ? -6.20195  -13.42182 0.17528   1.000 41.43846 ? 88  ASP A C   1 
ATOM   649  O O   . ASP A 1 101 ? -5.67788  -13.44741 -0.93355  1.000 37.69939 ? 88  ASP A O   1 
ATOM   650  C CB  . ASP A 1 101 ? -7.57486  -11.41963 -0.59400  1.000 39.66831 ? 88  ASP A CB  1 
ATOM   651  C CG  . ASP A 1 101 ? -7.74606  -12.04699 -1.99556  1.000 45.00970 ? 88  ASP A CG  1 
ATOM   652  O OD1 . ASP A 1 101 ? -8.25078  -13.19081 -2.08504  1.000 49.43681 ? 88  ASP A OD1 1 
ATOM   653  O OD2 . ASP A 1 101 ? -7.35951  -11.41403 -3.02022  1.000 46.45733 ? 88  ASP A OD2 1 
ATOM   654  N N   . GLY A 1 102 ? -5.77561  -14.17983 1.17454   1.000 42.26173 ? 89  GLY A N   1 
ATOM   655  C CA  . GLY A 1 102 ? -4.63682  -15.06234 1.00618   1.000 42.95983 ? 89  GLY A CA  1 
ATOM   656  C C   . GLY A 1 102 ? -3.40075  -14.53038 1.71383   1.000 41.24452 ? 89  GLY A C   1 
ATOM   657  O O   . GLY A 1 102 ? -3.45344  -13.62073 2.54734   1.000 38.96094 ? 89  GLY A O   1 
ATOM   658  N N   . TYR A 1 103 ? -2.26964  -15.10414 1.34087   1.000 41.53273 ? 90  TYR A N   1 
ATOM   659  C CA  . TYR A 1 103 ? -0.97584  -14.79765 1.93604   1.000 40.44325 ? 90  TYR A CA  1 
ATOM   660  C C   . TYR A 1 103 ? -0.24575  -13.76160 1.08579   1.000 37.52078 ? 90  TYR A C   1 
ATOM   661  O O   . TYR A 1 103 ? -0.10889  -13.93602 -0.12748  1.000 38.72928 ? 90  TYR A O   1 
ATOM   662  C CB  . TYR A 1 103 ? -0.14490  -16.07791 2.04604   1.000 40.33081 ? 90  TYR A CB  1 
ATOM   663  C CG  . TYR A 1 103 ? 1.18674   -15.90598 2.73716   1.000 41.19537 ? 90  TYR A CG  1 
ATOM   664  C CD1 . TYR A 1 103 ? 1.24981   -15.63102 4.10342   1.000 39.51020 ? 90  TYR A CD1 1 
ATOM   665  C CD2 . TYR A 1 103 ? 2.37623   -16.01948 2.02800   1.000 38.90503 ? 90  TYR A CD2 1 
ATOM   666  C CE1 . TYR A 1 103 ? 2.47072   -15.46983 4.75056   1.000 40.63027 ? 90  TYR A CE1 1 
ATOM   667  C CE2 . TYR A 1 103 ? 3.60060   -15.86029 2.65717   1.000 42.40931 ? 90  TYR A CE2 1 
ATOM   668  C CZ  . TYR A 1 103 ? 3.63669   -15.59358 4.01950   1.000 39.21018 ? 90  TYR A CZ  1 
ATOM   669  O OH  . TYR A 1 103 ? 4.84147   -15.42862 4.65494   1.000 47.29634 ? 90  TYR A OH  1 
ATOM   670  N N   . ASN A 1 104 ? 0.25638   -12.70498 1.72503   1.000 33.09026 ? 91  ASN A N   1 
ATOM   671  C CA  . ASN A 1 104 ? 0.93401   -11.62405 1.02299   1.000 30.65202 ? 91  ASN A CA  1 
ATOM   672  C C   . ASN A 1 104 ? 2.33249   -11.40321 1.58819   1.000 29.92053 ? 91  ASN A C   1 
ATOM   673  O O   . ASN A 1 104 ? 2.56543   -11.54711 2.79675   1.000 32.90383 ? 91  ASN A O   1 
ATOM   674  C CB  . ASN A 1 104 ? 0.13021   -10.30298 1.10421   1.000 29.99590 ? 91  ASN A CB  1 
ATOM   675  C CG  . ASN A 1 104 ? -1.30851  -10.46210 0.64640   1.000 32.45460 ? 91  ASN A CG  1 
ATOM   676  O OD1 . ASN A 1 104 ? -1.60599  -10.37991 -0.55022  1.000 29.22348 ? 91  ASN A OD1 1 
ATOM   677  N ND2 . ASN A 1 104 ? -2.22367  -10.63364 1.60730   1.000 33.85101 ? 91  ASN A ND2 1 
ATOM   678  N N   . LEU A 1 105 ? 3.25233   -11.03469 0.69364   1.000 31.96391 ? 92  LEU A N   1 
ATOM   679  C CA  . LEU A 1 105 ? 4.60997   -10.63464 1.02732   1.000 31.15323 ? 92  LEU A CA  1 
ATOM   680  C C   . LEU A 1 105 ? 4.84277   -9.22377  0.52285   1.000 33.31329 ? 92  LEU A C   1 
ATOM   681  O O   . LEU A 1 105 ? 4.64286   -8.94609  -0.66434  1.000 30.79777 ? 92  LEU A O   1 
ATOM   682  C CB  . LEU A 1 105 ? 5.63962   -11.56204 0.39514   1.000 31.11033 ? 92  LEU A CB  1 
ATOM   683  C CG  . LEU A 1 105 ? 5.57244   -12.97019 0.96254   1.000 38.18392 ? 92  LEU A CG  1 
ATOM   684  C CD1 . LEU A 1 105 ? 6.46738   -13.93343 0.12184   1.000 33.64699 ? 92  LEU A CD1 1 
ATOM   685  C CD2 . LEU A 1 105 ? 5.95659   -12.95687 2.42044   1.000 31.99111 ? 92  LEU A CD2 1 
ATOM   686  N N   . PHE A 1 106 ? 5.28768   -8.32713  1.40466   1.000 32.28332 ? 93  PHE A N   1 
ATOM   687  C CA  . PHE A 1 106 ? 5.49056   -6.97464  0.92850   1.000 31.92399 ? 93  PHE A CA  1 
ATOM   688  C C   . PHE A 1 106 ? 6.78807   -6.39456  1.47468   1.000 32.56338 ? 93  PHE A C   1 
ATOM   689  O O   . PHE A 1 106 ? 7.40977   -6.93174  2.40048   1.000 34.44963 ? 93  PHE A O   1 
ATOM   690  C CB  . PHE A 1 106 ? 4.25988   -6.11992  1.24502   1.000 24.83220 ? 93  PHE A CB  1 
ATOM   691  C CG  . PHE A 1 106 ? 4.07147   -5.80505  2.70724   1.000 29.72898 ? 93  PHE A CG  1 
ATOM   692  C CD1 . PHE A 1 106 ? 4.67100   -4.68854  3.27652   1.000 31.40232 ? 93  PHE A CD1 1 
ATOM   693  C CD2 . PHE A 1 106 ? 3.25876   -6.60256  3.49452   1.000 30.19569 ? 93  PHE A CD2 1 
ATOM   694  C CE1 . PHE A 1 106 ? 4.45122   -4.35853  4.64667   1.000 36.85345 ? 93  PHE A CE1 1 
ATOM   695  C CE2 . PHE A 1 106 ? 3.04219   -6.29211  4.87609   1.000 32.69944 ? 93  PHE A CE2 1 
ATOM   696  C CZ  . PHE A 1 106 ? 3.63557   -5.17265  5.43463   1.000 34.50810 ? 93  PHE A CZ  1 
ATOM   697  N N   . ARG A 1 107 ? 7.23369   -5.32813  0.82227   1.000 31.27539 ? 94  ARG A N   1 
ATOM   698  C CA  . ARG A 1 107 ? 8.45462   -4.64845  1.23094   1.000 31.93770 ? 94  ARG A CA  1 
ATOM   699  C C   . ARG A 1 107 ? 8.35388   -3.20051  0.78227   1.000 29.46367 ? 94  ARG A C   1 
ATOM   700  O O   . ARG A 1 107 ? 7.56509   -2.87048  -0.10194  1.000 30.61883 ? 94  ARG A O   1 
ATOM   701  C CB  . ARG A 1 107 ? 9.70504   -5.33982  0.65347   1.000 37.68388 ? 94  ARG A CB  1 
ATOM   702  C CG  . ARG A 1 107 ? 9.66981   -5.54266  -0.84817  1.000 33.90335 ? 94  ARG A CG  1 
ATOM   703  C CD  . ARG A 1 107 ? 10.88510  -6.40893  -1.34747  1.000 35.85639 ? 94  ARG A CD  1 
ATOM   704  N NE  . ARG A 1 107 ? 12.08116  -5.97942  -0.64806  1.000 40.14880 ? 94  ARG A NE  1 
ATOM   705  C CZ  . ARG A 1 107 ? 12.78614  -6.73853  0.18631   1.000 39.66819 ? 94  ARG A CZ  1 
ATOM   706  N NH1 . ARG A 1 107 ? 13.81729  -6.21112  0.81877   1.000 45.18349 ? 94  ARG A NH1 1 
ATOM   707  N NH2 . ARG A 1 107 ? 12.47391  -8.01818  0.37338   1.000 37.90331 ? 94  ARG A NH2 1 
ATOM   708  N N   . ILE A 1 108 ? 9.14458   -2.33258  1.42845   1.000 33.36507 ? 95  ILE A N   1 
ATOM   709  C CA  . ILE A 1 108 ? 9.24699   -0.93144  1.03102   1.000 30.37200 ? 95  ILE A CA  1 
ATOM   710  C C   . ILE A 1 108 ? 10.18957  -0.81829  -0.16162  1.000 34.42962 ? 95  ILE A C   1 
ATOM   711  O O   . ILE A 1 108 ? 11.29028  -1.37918  -0.14332  1.000 34.75667 ? 95  ILE A O   1 
ATOM   712  C CB  . ILE A 1 108 ? 9.74200   -0.05557  2.20180   1.000 33.69220 ? 95  ILE A CB  1 
ATOM   713  C CG1 . ILE A 1 108 ? 8.79081   -0.17535  3.40844   1.000 31.58763 ? 95  ILE A CG1 1 
ATOM   714  C CG2 . ILE A 1 108 ? 9.87255   1.40376   1.73982   1.000 32.02432 ? 95  ILE A CG2 1 
ATOM   715  C CD1 . ILE A 1 108 ? 9.44477   0.20478   4.74392   1.000 35.47170 ? 95  ILE A CD1 1 
ATOM   716  N N   . ILE A 1 109 ? 9.76069   -0.08463  -1.18592  1.000 31.36235 ? 96  ILE A N   1 
ATOM   717  C CA  . ILE A 1 109 ? 10.59948  0.23426   -2.34385  1.000 34.97692 ? 96  ILE A CA  1 
ATOM   718  C C   . ILE A 1 109 ? 11.42315  1.48118   -2.07983  1.000 39.52573 ? 96  ILE A C   1 
ATOM   719  O O   . ILE A 1 109 ? 12.64763  1.46477   -2.24572  1.000 37.35572 ? 96  ILE A O   1 
ATOM   720  C CB  . ILE A 1 109 ? 9.72127   0.39502   -3.60539  1.000 34.21540 ? 96  ILE A CB  1 
ATOM   721  C CG1 . ILE A 1 109 ? 9.03370   -0.93778  -3.96496  1.000 34.28200 ? 96  ILE A CG1 1 
ATOM   722  C CG2 . ILE A 1 109 ? 10.53329  0.90979   -4.78330  1.000 36.11428 ? 96  ILE A CG2 1 
ATOM   723  C CD1 . ILE A 1 109 ? 9.99352   -2.05273  -4.31908  1.000 36.69234 ? 96  ILE A CD1 1 
ATOM   724  N N   . GLU A 1 110 ? 10.76047  2.56224   -1.63819  1.000 36.23008 ? 97  GLU A N   1 
ATOM   725  C CA  . GLU A 1 110 ? 11.43094  3.77330   -1.17080  1.000 36.07568 ? 97  GLU A CA  1 
ATOM   726  C C   . GLU A 1 110 ? 10.43849  4.66515   -0.42235  1.000 39.00717 ? 97  GLU A C   1 
ATOM   727  O O   . GLU A 1 110 ? 9.21821   4.59284   -0.62205  1.000 33.52250 ? 97  GLU A O   1 
ATOM   728  C CB  . GLU A 1 110 ? 12.06796  4.57768   -2.29781  1.000 38.82859 ? 97  GLU A CB  1 
ATOM   729  C CG  . GLU A 1 110 ? 11.10173  5.27218   -3.25262  1.000 39.92810 ? 97  GLU A CG  1 
ATOM   730  C CD  . GLU A 1 110 ? 11.84668  6.06345   -4.30617  1.000 48.54119 ? 97  GLU A CD  1 
ATOM   731  O OE1 . GLU A 1 110 ? 11.59630  7.28399   -4.44853  1.000 48.01662 ? 97  GLU A OE1 1 
ATOM   732  O OE2 . GLU A 1 110 ? 12.70771  5.44418   -4.99807  1.000 47.18031 ? 97  GLU A OE2 1 
ATOM   733  N N   . THR A 1 111 ? 10.99073  5.55581   0.38802   1.000 37.83187 ? 98  THR A N   1 
ATOM   734  C CA  . THR A 1 111 ? 10.13915  6.48306   1.12780   1.000 36.64023 ? 98  THR A CA  1 
ATOM   735  C C   . THR A 1 111 ? 10.91041  7.73789   1.47794   1.000 38.89416 ? 98  THR A C   1 
ATOM   736  O O   . THR A 1 111 ? 12.08938  7.67213   1.82313   1.000 41.15742 ? 98  THR A O   1 
ATOM   737  C CB  . THR A 1 111 ? 9.59307   5.85893   2.41478   1.000 34.85126 ? 98  THR A CB  1 
ATOM   738  O OG1 . THR A 1 111 ? 8.86228   6.85687   3.18425   1.000 39.89424 ? 98  THR A OG1 1 
ATOM   739  C CG2 . THR A 1 111 ? 10.71297  5.28649   3.28660   1.000 36.31996 ? 98  THR A CG2 1 
ATOM   740  N N   . ALA A 1 112 ? 10.22992  8.87441   1.38575   1.000 41.94882 ? 99  ALA A N   1 
ATOM   741  C CA  . ALA A 1 112 ? 10.58281  10.05622  2.16832   1.000 39.78974 ? 99  ALA A CA  1 
ATOM   742  C C   . ALA A 1 112 ? 9.60383   10.06807  3.33824   1.000 39.20569 ? 99  ALA A C   1 
ATOM   743  O O   . ALA A 1 112 ? 8.40386   10.25894  3.12512   1.000 41.67800 ? 99  ALA A O   1 
ATOM   744  C CB  . ALA A 1 112 ? 10.47568  11.32421  1.32788   1.000 43.02351 ? 99  ALA A CB  1 
ATOM   745  N N   . TYR A 1 113 ? 10.12725  9.82274   4.54883   1.000 39.26995 ? 100 TYR A N   1 
ATOM   746  C CA  . TYR A 1 113 ? 9.33057   9.45467   5.72184   1.000 47.21132 ? 100 TYR A CA  1 
ATOM   747  C C   . TYR A 1 113 ? 8.19663   10.42088  6.00554   1.000 44.89549 ? 100 TYR A C   1 
ATOM   748  O O   . TYR A 1 113 ? 7.13198   9.99781   6.48306   1.000 41.04452 ? 100 TYR A O   1 
ATOM   749  C CB  . TYR A 1 113 ? 10.20422  9.38682   6.97125   1.000 45.53051 ? 100 TYR A CB  1 
ATOM   750  C CG  . TYR A 1 113 ? 11.24362  8.29354   7.01131   1.000 48.75988 ? 100 TYR A CG  1 
ATOM   751  C CD1 . TYR A 1 113 ? 10.89511  6.95743   6.82470   1.000 48.20486 ? 100 TYR A CD1 1 
ATOM   752  C CD2 . TYR A 1 113 ? 12.57952  8.59399   7.26139   1.000 51.38193 ? 100 TYR A CD2 1 
ATOM   753  C CE1 . TYR A 1 113 ? 11.85333  5.95215   6.87856   1.000 50.27497 ? 100 TYR A CE1 1 
ATOM   754  C CE2 . TYR A 1 113 ? 13.54175  7.60004   7.31987   1.000 53.00191 ? 100 TYR A CE2 1 
ATOM   755  C CZ  . TYR A 1 113 ? 13.17523  6.28011   7.12371   1.000 54.38064 ? 100 TYR A CZ  1 
ATOM   756  O OH  . TYR A 1 113 ? 14.12800  5.28963   7.18038   1.000 55.26826 ? 100 TYR A OH  1 
ATOM   757  N N   . GLU A 1 114 ? 8.41234   11.71497  5.75801   1.000 46.04633 ? 101 GLU A N   1 
ATOM   758  C CA  . GLU A 1 114 ? 7.44378   12.76354  6.05670   1.000 46.03844 ? 101 GLU A CA  1 
ATOM   759  C C   . GLU A 1 114 ? 6.67183   13.19181  4.81487   1.000 46.14469 ? 101 GLU A C   1 
ATOM   760  O O   . GLU A 1 114 ? 5.94017   14.18287  4.85374   1.000 45.55791 ? 101 GLU A O   1 
ATOM   761  C CB  . GLU A 1 114 ? 8.16207   13.96527  6.68734   1.000 50.36685 ? 101 GLU A CB  1 
ATOM   762  C CG  . GLU A 1 114 ? 7.95478   14.10189  8.18077   1.000 60.79471 ? 101 GLU A CG  1 
ATOM   763  C CD  . GLU A 1 114 ? 8.06330   15.55012  8.66292   1.000 69.74636 ? 101 GLU A CD  1 
ATOM   764  O OE1 . GLU A 1 114 ? 9.16373   16.13625  8.53106   1.000 76.34642 ? 101 GLU A OE1 1 
ATOM   765  O OE2 . GLU A 1 114 ? 7.04725   16.10757  9.14756   1.000 68.77513 ? 101 GLU A OE2 1 
ATOM   766  N N   . ASP A 1 115 ? 6.81004   12.45551  3.70830   1.000 43.17767 ? 102 ASP A N   1 
ATOM   767  C CA  . ASP A 1 115 ? 6.11582   12.81531  2.48259   1.000 42.50753 ? 102 ASP A CA  1 
ATOM   768  C C   . ASP A 1 115 ? 5.37220   11.63049  1.88198   1.000 41.07227 ? 102 ASP A C   1 
ATOM   769  O O   . ASP A 1 115 ? 4.16936   11.72976  1.60680   1.000 40.58050 ? 102 ASP A O   1 
ATOM   770  C CB  . ASP A 1 115 ? 7.10676   13.38627  1.45551   1.000 44.27900 ? 102 ASP A CB  1 
ATOM   771  C CG  . ASP A 1 115 ? 6.42051   13.95457  0.22467   1.000 47.53820 ? 102 ASP A CG  1 
ATOM   772  O OD1 . ASP A 1 115 ? 5.24033   14.34828  0.32395   1.000 54.33640 ? 102 ASP A OD1 1 
ATOM   773  O OD2 . ASP A 1 115 ? 7.06924   14.02231  -0.85234  1.000 59.06069 ? 102 ASP A OD2 1 
ATOM   774  N N   . TYR A 1 116 ? 6.08656   10.53539  1.60529   1.000 44.16034 ? 103 TYR A N   1 
ATOM   775  C CA  . TYR A 1 116 ? 5.48614   9.43747   0.85672   1.000 39.72986 ? 103 TYR A CA  1 
ATOM   776  C C   . TYR A 1 116 ? 6.23732   8.13055   1.09301   1.000 35.16925 ? 103 TYR A C   1 
ATOM   777  O O   . TYR A 1 116 ? 7.39883   8.11034   1.51873   1.000 37.66234 ? 103 TYR A O   1 
ATOM   778  C CB  . TYR A 1 116 ? 5.45465   9.74044   -0.64046  1.000 37.01012 ? 103 TYR A CB  1 
ATOM   779  C CG  . TYR A 1 116 ? 6.80919   9.59602   -1.30664  1.000 44.72655 ? 103 TYR A CG  1 
ATOM   780  C CD1 . TYR A 1 116 ? 7.73117   10.64511  -1.28502  1.000 45.23497 ? 103 TYR A CD1 1 
ATOM   781  C CD2 . TYR A 1 116 ? 7.17144   8.41337   -1.97673  1.000 43.06325 ? 103 TYR A CD2 1 
ATOM   782  C CE1 . TYR A 1 116 ? 8.96256   10.53485  -1.90914  1.000 42.63565 ? 103 TYR A CE1 1 
ATOM   783  C CE2 . TYR A 1 116 ? 8.41326   8.29553   -2.58331  1.000 42.25758 ? 103 TYR A CE2 1 
ATOM   784  C CZ  . TYR A 1 116 ? 9.30131   9.35755   -2.53956  1.000 48.34435 ? 103 TYR A CZ  1 
ATOM   785  O OH  . TYR A 1 116 ? 10.53147  9.25446   -3.15404  1.000 47.77937 ? 103 TYR A OH  1 
ATOM   786  N N   . ILE A 1 117 ? 5.55287   7.02833   0.79295   1.000 38.96285 ? 104 ILE A N   1 
ATOM   787  C CA  . ILE A 1 117 ? 6.15179   5.69231   0.84964   1.000 36.05085 ? 104 ILE A CA  1 
ATOM   788  C C   . ILE A 1 117 ? 5.58574   4.87833   -0.30271  1.000 32.41663 ? 104 ILE A C   1 
ATOM   789  O O   . ILE A 1 117 ? 4.41636   5.03858   -0.67245  1.000 33.21460 ? 104 ILE A O   1 
ATOM   790  C CB  . ILE A 1 117 ? 5.89538   5.00359   2.21378   1.000 34.85996 ? 104 ILE A CB  1 
ATOM   791  C CG1 . ILE A 1 117 ? 6.60820   3.64817   2.30967   1.000 32.51798 ? 104 ILE A CG1 1 
ATOM   792  C CG2 . ILE A 1 117 ? 4.39703   4.82265   2.43768   1.000 33.35097 ? 104 ILE A CG2 1 
ATOM   793  C CD1 . ILE A 1 117 ? 7.15861   3.31971   3.67464   1.000 36.49065 ? 104 ILE A CD1 1 
ATOM   794  N N   . ILE A 1 118 ? 6.41711   4.01832   -0.89964  1.000 30.69801 ? 105 ILE A N   1 
ATOM   795  C CA  . ILE A 1 118 ? 5.96689   3.10879   -1.95323  1.000 29.94067 ? 105 ILE A CA  1 
ATOM   796  C C   . ILE A 1 118 ? 6.13889   1.68971   -1.43276  1.000 31.78169 ? 105 ILE A C   1 
ATOM   797  O O   . ILE A 1 118 ? 7.22602   1.32957   -0.97309  1.000 31.80054 ? 105 ILE A O   1 
ATOM   798  C CB  . ILE A 1 118 ? 6.75846   3.32208   -3.26715  1.000 32.46282 ? 105 ILE A CB  1 
ATOM   799  C CG1 . ILE A 1 118 ? 6.43536   4.69563   -3.86435  1.000 33.43830 ? 105 ILE A CG1 1 
ATOM   800  C CG2 . ILE A 1 118 ? 6.43382   2.22214   -4.30986  1.000 31.48311 ? 105 ILE A CG2 1 
ATOM   801  C CD1 . ILE A 1 118 ? 7.37012   5.08243   -5.00622  1.000 34.73150 ? 105 ILE A CD1 1 
ATOM   802  N N   . PHE A 1 119 ? 5.06466   0.89900   -1.47875  1.000 32.28773 ? 106 PHE A N   1 
ATOM   803  C CA  . PHE A 1 119 ? 5.10152   -0.50064  -1.06283  1.000 32.88171 ? 106 PHE A CA  1 
ATOM   804  C C   . PHE A 1 119 ? 4.90767   -1.39685  -2.28025  1.000 30.22248 ? 106 PHE A C   1 
ATOM   805  O O   . PHE A 1 119 ? 4.06815   -1.11290  -3.14071  1.000 30.68111 ? 106 PHE A O   1 
ATOM   806  C CB  . PHE A 1 119 ? 4.00126   -0.83804  -0.04170  1.000 30.26497 ? 106 PHE A CB  1 
ATOM   807  C CG  . PHE A 1 119 ? 4.24914   -0.32930  1.36536   1.000 32.65202 ? 106 PHE A CG  1 
ATOM   808  C CD1 . PHE A 1 119 ? 5.11228   -0.99666  2.23232   1.000 29.26846 ? 106 PHE A CD1 1 
ATOM   809  C CD2 . PHE A 1 119 ? 3.58026   0.78728   1.83339   1.000 33.96894 ? 106 PHE A CD2 1 
ATOM   810  C CE1 . PHE A 1 119 ? 5.31840   -0.54830  3.52541   1.000 36.37277 ? 106 PHE A CE1 1 
ATOM   811  C CE2 . PHE A 1 119 ? 3.78747   1.23315   3.11718   1.000 31.39512 ? 106 PHE A CE2 1 
ATOM   812  C CZ  . PHE A 1 119 ? 4.65862   0.55673   3.96805   1.000 29.31814 ? 106 PHE A CZ  1 
ATOM   813  N N   . HIS A 1 120 ? 5.66758   -2.48743  -2.34115  1.000 30.75763 ? 107 HIS A N   1 
ATOM   814  C CA  . HIS A 1 120 ? 5.41142   -3.56549  -3.29107  1.000 26.61918 ? 107 HIS A CA  1 
ATOM   815  C C   . HIS A 1 120 ? 4.88483   -4.76944  -2.52372  1.000 31.01223 ? 107 HIS A C   1 
ATOM   816  O O   . HIS A 1 120 ? 5.41457   -5.10019  -1.46186  1.000 32.10691 ? 107 HIS A O   1 
ATOM   817  C CB  . HIS A 1 120 ? 6.68384   -3.98533  -4.03101  1.000 27.89731 ? 107 HIS A CB  1 
ATOM   818  C CG  . HIS A 1 120 ? 6.43906   -5.05428  -5.04813  1.000 29.34246 ? 107 HIS A CG  1 
ATOM   819  N ND1 . HIS A 1 120 ? 6.51257   -6.39970  -4.75016  1.000 32.55410 ? 107 HIS A ND1 1 
ATOM   820  C CD2 . HIS A 1 120 ? 6.11780   -4.97643  -6.35962  1.000 33.06135 ? 107 HIS A CD2 1 
ATOM   821  C CE1 . HIS A 1 120 ? 6.23724   -7.10507  -5.83612  1.000 29.74577 ? 107 HIS A CE1 1 
ATOM   822  N NE2 . HIS A 1 120 ? 5.98179   -6.26616  -6.82160  1.000 30.58800 ? 107 HIS A NE2 1 
ATOM   823  N N   . LEU A 1 121 ? 3.85945   -5.43483  -3.05929  1.000 27.39320 ? 108 LEU A N   1 
ATOM   824  C CA  . LEU A 1 121 ? 3.27655   -6.60486  -2.40582  1.000 27.77721 ? 108 LEU A CA  1 
ATOM   825  C C   . LEU A 1 121 ? 3.13064   -7.72410  -3.43598  1.000 32.90410 ? 108 LEU A C   1 
ATOM   826  O O   . LEU A 1 121 ? 2.88381   -7.44906  -4.60998  1.000 30.98623 ? 108 LEU A O   1 
ATOM   827  C CB  . LEU A 1 121 ? 1.90536   -6.23578  -1.76283  1.000 31.18205 ? 108 LEU A CB  1 
ATOM   828  C CG  . LEU A 1 121 ? 1.08043   -7.29057  -1.02488  1.000 31.64358 ? 108 LEU A CG  1 
ATOM   829  C CD1 . LEU A 1 121 ? 0.31376   -6.68671  0.18290   1.000 28.34976 ? 108 LEU A CD1 1 
ATOM   830  C CD2 . LEU A 1 121 ? 0.11509   -7.95600  -1.97148  1.000 35.13384 ? 108 LEU A CD2 1 
ATOM   831  N N   . ASN A 1 122 ? 3.33531   -8.97200  -2.99953  1.000 32.88812 ? 109 ASN A N   1 
ATOM   832  C CA  . ASN A 1 122 ? 3.00323   -10.16942 -3.77614  1.000 31.36796 ? 109 ASN A CA  1 
ATOM   833  C C   . ASN A 1 122 ? 1.91292   -10.95857 -3.06683  1.000 35.39082 ? 109 ASN A C   1 
ATOM   834  O O   . ASN A 1 122 ? 2.04290   -11.28068 -1.87812  1.000 34.91984 ? 109 ASN A O   1 
ATOM   835  C CB  . ASN A 1 122 ? 4.21242   -11.06328 -3.95217  1.000 34.29522 ? 109 ASN A CB  1 
ATOM   836  C CG  . ASN A 1 122 ? 5.23693   -10.42568 -4.77002  1.000 36.42501 ? 109 ASN A CG  1 
ATOM   837  O OD1 . ASN A 1 122 ? 4.98816   -10.07213 -5.93629  1.000 39.28686 ? 109 ASN A OD1 1 
ATOM   838  N ND2 . ASN A 1 122 ? 6.39363   -10.19681 -4.17515  1.000 34.95427 ? 109 ASN A ND2 1 
ATOM   839  N N   . ASN A 1 123 ? 0.85226   -11.28363 -3.80042  1.000 37.85309 ? 110 ASN A N   1 
ATOM   840  C CA  . ASN A 1 123 ? -0.19236  -12.15574 -3.29489  1.000 37.68099 ? 110 ASN A CA  1 
ATOM   841  C C   . ASN A 1 123 ? 0.07326   -13.55717 -3.81868  1.000 39.20045 ? 110 ASN A C   1 
ATOM   842  O O   . ASN A 1 123 ? 0.11826   -13.78217 -5.04348  1.000 37.78799 ? 110 ASN A O   1 
ATOM   843  C CB  . ASN A 1 123 ? -1.58051  -11.66233 -3.69317  1.000 37.31908 ? 110 ASN A CB  1 
ATOM   844  C CG  . ASN A 1 123 ? -2.69715  -12.47450 -3.05790  1.000 36.26372 ? 110 ASN A CG  1 
ATOM   845  O OD1 . ASN A 1 123 ? -3.14807  -13.46858 -3.62649  1.000 40.52535 ? 110 ASN A OD1 1 
ATOM   846  N ND2 . ASN A 1 123 ? -3.16253  -12.04967 -1.87330  1.000 38.77139 ? 110 ASN A ND2 1 
ATOM   847  N N   . VAL A 1 124 ? 0.29965   -14.47806 -2.88573  1.000 39.47699 ? 111 VAL A N   1 
ATOM   848  C CA  . VAL A 1 124 ? 0.69467   -15.84376 -3.19288  1.000 44.82247 ? 111 VAL A CA  1 
ATOM   849  C C   . VAL A 1 124 ? -0.52891  -16.72117 -2.97607  1.000 43.77258 ? 111 VAL A C   1 
ATOM   850  O O   . VAL A 1 124 ? -0.88239  -17.08703 -1.84609  1.000 46.88995 ? 111 VAL A O   1 
ATOM   851  C CB  . VAL A 1 124 ? 1.88435   -16.29918 -2.35034  1.000 46.01132 ? 111 VAL A CB  1 
ATOM   852  C CG1 . VAL A 1 124 ? 2.25814   -17.74378 -2.71682  1.000 48.92482 ? 111 VAL A CG1 1 
ATOM   853  C CG2 . VAL A 1 124 ? 3.04799   -15.37508 -2.59096  1.000 46.61900 ? 111 VAL A CG2 1 
ATOM   854  N N   . ASN A 1 125 ? -1.19482  -17.00705 -4.07214  1.000 41.15217 ? 112 ASN A N   1 
ATOM   855  C CA  . ASN A 1 125 ? -2.37595  -17.83221 -4.11682  1.000 43.94276 ? 112 ASN A CA  1 
ATOM   856  C C   . ASN A 1 125 ? -2.15460  -18.81436 -5.24481  1.000 48.71583 ? 112 ASN A C   1 
ATOM   857  O O   . ASN A 1 125 ? -1.23963  -18.65029 -6.06231  1.000 47.45364 ? 112 ASN A O   1 
ATOM   858  C CB  . ASN A 1 125 ? -3.61410  -16.97877 -4.36983  1.000 45.05779 ? 112 ASN A CB  1 
ATOM   859  C CG  . ASN A 1 125 ? -3.57957  -16.34019 -5.75731  1.000 40.66559 ? 112 ASN A CG  1 
ATOM   860  O OD1 . ASN A 1 125 ? -3.92982  -16.97275 -6.74751  1.000 39.84872 ? 112 ASN A OD1 1 
ATOM   861  N ND2 . ASN A 1 125 ? -3.11767  -15.09810 -5.83135  1.000 39.96016 ? 112 ASN A ND2 1 
ATOM   862  N N   . GLN A 1 126 ? -3.00246  -19.83457 -5.29918  1.000 51.78694 ? 113 GLN A N   1 
ATOM   863  C CA  . GLN A 1 126 ? -2.79258  -20.87122 -6.29772  1.000 51.83409 ? 113 GLN A CA  1 
ATOM   864  C C   . GLN A 1 126 ? -3.41415  -20.54894 -7.64665  1.000 48.41529 ? 113 GLN A C   1 
ATOM   865  O O   . GLN A 1 126 ? -2.89473  -21.00750 -8.66503  1.000 48.96410 ? 113 GLN A O   1 
ATOM   866  C CB  . GLN A 1 126 ? -3.34613  -22.21072 -5.83308  1.000 54.87092 ? 113 GLN A CB  1 
ATOM   867  C CG  . GLN A 1 126 ? -2.54032  -23.39510 -6.36865  1.000 56.77009 ? 113 GLN A CG  1 
ATOM   868  C CD  . GLN A 1 126 ? -2.84874  -24.06238 -7.70391  1.000 62.26179 ? 113 GLN A CD  1 
ATOM   869  O OE1 . GLN A 1 126 ? -3.34082  -23.43760 -8.66101  1.000 63.84761 ? 113 GLN A OE1 1 
ATOM   870  N NE2 . GLN A 1 126 ? -2.64845  -25.37276 -7.75885  1.000 55.75896 ? 113 GLN A NE2 1 
ATOM   871  N N   . GLU A 1 127 ? -4.45045  -19.71586 -7.69220  1.000 38.55264 ? 114 GLU A N   1 
ATOM   872  C CA  . GLU A 1 127 ? -5.07455  -19.37998 -8.96179  1.000 42.65819 ? 114 GLU A CA  1 
ATOM   873  C C   . GLU A 1 127 ? -4.12140  -18.59491 -9.85566  1.000 42.52784 ? 114 GLU A C   1 
ATOM   874  O O   . GLU A 1 127 ? -3.67972  -19.10207 -10.89208 1.000 42.69571 ? 114 GLU A O   1 
ATOM   875  C CB  . GLU A 1 127 ? -6.36381  -18.61196 -8.71319  1.000 39.12515 ? 114 GLU A CB  1 
ATOM   876  C CG  . GLU A 1 127 ? -7.35401  -19.47735 -7.96843  1.000 41.26843 ? 114 GLU A CG  1 
ATOM   877  C CD  . GLU A 1 127 ? -8.52997  -18.69630 -7.48028  1.000 37.46025 ? 114 GLU A CD  1 
ATOM   878  O OE1 . GLU A 1 127 ? -8.75778  -17.59961 -8.04102  1.000 39.64569 ? 114 GLU A OE1 1 
ATOM   879  O OE2 . GLU A 1 127 ? -9.20854  -19.19394 -6.55363  1.000 40.25178 ? 114 GLU A OE2 1 
ATOM   880  N N   . GLN A 1 128 ? -3.79527  -17.36451 -9.47834  1.000 37.18650 ? 115 GLN A N   1 
ATOM   881  C CA  . GLN A 1 128 ? -2.78100  -16.61780 -10.21597 1.000 40.49679 ? 115 GLN A CA  1 
ATOM   882  C C   . GLN A 1 128 ? -2.13961  -15.62880 -9.26127  1.000 37.58522 ? 115 GLN A C   1 
ATOM   883  O O   . GLN A 1 128 ? -2.82566  -14.72938 -8.77599  1.000 35.76553 ? 115 GLN A O   1 
ATOM   884  C CB  . GLN A 1 128 ? -3.39953  -15.89188 -11.39717 1.000 39.73381 ? 115 GLN A CB  1 
ATOM   885  C CG  . GLN A 1 128 ? -2.42286  -15.10444 -12.19620 1.000 39.81846 ? 115 GLN A CG  1 
ATOM   886  C CD  . GLN A 1 128 ? -3.07638  -14.55216 -13.43387 1.000 49.63297 ? 115 GLN A CD  1 
ATOM   887  O OE1 . GLN A 1 128 ? -4.04312  -15.13288 -13.94696 1.000 45.08628 ? 115 GLN A OE1 1 
ATOM   888  N NE2 . GLN A 1 128 ? -2.58128  -13.41222 -13.91153 1.000 48.32720 ? 115 GLN A NE2 1 
ATOM   889  N N   . GLU A 1 129 ? -0.84636  -15.79672 -8.98853  1.000 37.13026 ? 116 GLU A N   1 
ATOM   890  C CA  . GLU A 1 129 ? -0.12167  -14.80837 -8.19762  1.000 39.35729 ? 116 GLU A CA  1 
ATOM   891  C C   . GLU A 1 129 ? -0.13163  -13.45430 -8.90112  1.000 37.08332 ? 116 GLU A C   1 
ATOM   892  O O   . GLU A 1 129 ? -0.12035  -13.36973 -10.13292 1.000 38.74176 ? 116 GLU A O   1 
ATOM   893  C CB  . GLU A 1 129 ? 1.32288   -15.26335 -7.96793  1.000 41.01284 ? 116 GLU A CB  1 
ATOM   894  C CG  . GLU A 1 129 ? 1.47516   -16.34434 -6.90652  1.000 49.28071 ? 116 GLU A CG  1 
ATOM   895  C CD  . GLU A 1 129 ? 2.93328   -16.74039 -6.66678  1.000 56.78877 ? 116 GLU A CD  1 
ATOM   896  O OE1 . GLU A 1 129 ? 3.81884   -15.85023 -6.72218  1.000 58.57850 ? 116 GLU A OE1 1 
ATOM   897  O OE2 . GLU A 1 129 ? 3.18389   -17.94570 -6.42231  1.000 59.20487 ? 116 GLU A OE2 1 
ATOM   898  N N   . PHE A 1 130 ? -0.10843  -12.38295 -8.11160  1.000 34.73180 ? 117 PHE A N   1 
ATOM   899  C CA  . PHE A 1 130 ? -0.13499  -11.04394 -8.68598  1.000 35.74878 ? 117 PHE A CA  1 
ATOM   900  C C   . PHE A 1 130 ? 0.63458   -10.09362 -7.77959  1.000 36.15090 ? 117 PHE A C   1 
ATOM   901  O O   . PHE A 1 130 ? 0.84483   -10.37185 -6.59503  1.000 31.58148 ? 117 PHE A O   1 
ATOM   902  C CB  . PHE A 1 130 ? -1.57735  -10.54588 -8.93062  1.000 29.58518 ? 117 PHE A CB  1 
ATOM   903  C CG  . PHE A 1 130 ? -2.42717  -10.41850 -7.68843  1.000 35.29382 ? 117 PHE A CG  1 
ATOM   904  C CD1 . PHE A 1 130 ? -3.27556  -11.45073 -7.31097  1.000 32.48913 ? 117 PHE A CD1 1 
ATOM   905  C CD2 . PHE A 1 130 ? -2.41476  -9.25439  -6.92902  1.000 30.02319 ? 117 PHE A CD2 1 
ATOM   906  C CE1 . PHE A 1 130 ? -4.08501  -11.35171 -6.17586  1.000 34.93196 ? 117 PHE A CE1 1 
ATOM   907  C CE2 . PHE A 1 130 ? -3.25075  -9.13236  -5.78061  1.000 31.79730 ? 117 PHE A CE2 1 
ATOM   908  C CZ  . PHE A 1 130 ? -4.08197  -10.17440 -5.41389  1.000 34.54214 ? 117 PHE A CZ  1 
ATOM   909  N N   . GLN A 1 131 ? 1.09474   -8.98462  -8.35823  1.000 33.89696 ? 118 GLN A N   1 
ATOM   910  C CA  . GLN A 1 131 ? 1.79728   -7.98665  -7.57387  1.000 32.79923 ? 118 GLN A CA  1 
ATOM   911  C C   . GLN A 1 131 ? 0.90676   -6.76911  -7.38577  1.000 30.45336 ? 118 GLN A C   1 
ATOM   912  O O   . GLN A 1 131 ? 0.02987   -6.47716  -8.20189  1.000 32.27592 ? 118 GLN A O   1 
ATOM   913  C CB  . GLN A 1 131 ? 3.14436   -7.55390  -8.18349  1.000 34.75956 ? 118 GLN A CB  1 
ATOM   914  C CG  . GLN A 1 131 ? 3.32204   -7.76402  -9.61143  1.000 45.47567 ? 118 GLN A CG  1 
ATOM   915  C CD  . GLN A 1 131 ? 4.73873   -7.44537  -10.10186 1.000 40.26068 ? 118 GLN A CD  1 
ATOM   916  O OE1 . GLN A 1 131 ? 5.59597   -6.92829  -9.36404  1.000 33.30935 ? 118 GLN A OE1 1 
ATOM   917  N NE2 . GLN A 1 131 ? 4.97845   -7.74228  -11.35703 1.000 46.64278 ? 118 GLN A NE2 1 
ATOM   918  N N   . LEU A 1 132 ? 1.12464   -6.08807  -6.27816  1.000 30.75338 ? 119 LEU A N   1 
ATOM   919  C CA  . LEU A 1 132 ? 0.44287   -4.84195  -5.98779  1.000 32.18598 ? 119 LEU A CA  1 
ATOM   920  C C   . LEU A 1 132 ? 1.50332   -3.77863  -5.77065  1.000 31.30430 ? 119 LEU A C   1 
ATOM   921  O O   . LEU A 1 132 ? 2.52959   -4.04004  -5.13941  1.000 30.74449 ? 119 LEU A O   1 
ATOM   922  C CB  . LEU A 1 132 ? -0.44822  -4.98202  -4.75281  1.000 30.71813 ? 119 LEU A CB  1 
ATOM   923  C CG  . LEU A 1 132 ? -1.21517  -3.80452  -4.16488  1.000 39.51259 ? 119 LEU A CG  1 
ATOM   924  C CD1 . LEU A 1 132 ? -2.40675  -3.49200  -5.02239  1.000 38.06585 ? 119 LEU A CD1 1 
ATOM   925  C CD2 . LEU A 1 132 ? -1.69252  -4.17847  -2.79203  1.000 35.78030 ? 119 LEU A CD2 1 
ATOM   926  N N   . MET A 1 133 ? 1.25398   -2.57960  -6.29225  1.000 32.62021 ? 120 MET A N   1 
ATOM   927  C CA  . MET A 1 133 ? 2.09493   -1.42833  -6.00552  1.000 29.80845 ? 120 MET A CA  1 
ATOM   928  C C   . MET A 1 133 ? 1.23375   -0.33873  -5.38746  1.000 28.08320 ? 120 MET A C   1 
ATOM   929  O O   . MET A 1 133 ? 0.11292   -0.10927  -5.84092  1.000 30.41501 ? 120 MET A O   1 
ATOM   930  C CB  . MET A 1 133 ? 2.78599   -0.92993  -7.28059  1.000 32.75429 ? 120 MET A CB  1 
ATOM   931  C CG  . MET A 1 133 ? 4.07298   -1.69492  -7.59517  1.000 32.21564 ? 120 MET A CG  1 
ATOM   932  S SD  . MET A 1 133 ? 5.43877   -1.23040  -6.48467  1.000 33.51311 ? 120 MET A SD  1 
ATOM   933  C CE  . MET A 1 133 ? 6.16973   0.15130   -7.38487  1.000 33.77822 ? 120 MET A CE  1 
ATOM   934  N N   . GLU A 1 134 ? 1.73693   0.24237   -4.29473  1.000 29.23357 ? 121 GLU A N   1 
ATOM   935  C CA  . GLU A 1 134 ? 0.95504   1.29047   -3.59570  1.000 30.53720 ? 121 GLU A CA  1 
ATOM   936  C C   . GLU A 1 134 ? 1.78627   2.54355   -3.31311  1.000 30.63920 ? 121 GLU A C   1 
ATOM   937  O O   . GLU A 1 134 ? 2.93864   2.41163   -2.85517  1.000 29.80935 ? 121 GLU A O   1 
ATOM   938  C CB  . GLU A 1 134 ? 0.42495   0.84701   -2.27182  1.000 32.36036 ? 121 GLU A CB  1 
ATOM   939  C CG  . GLU A 1 134 ? -0.75025  -0.04334  -2.47295  1.000 33.71124 ? 121 GLU A CG  1 
ATOM   940  C CD  . GLU A 1 134 ? -0.78399  -0.82036  -1.21921  1.000 38.81708 ? 121 GLU A CD  1 
ATOM   941  O OE1 . GLU A 1 134 ? -1.82882  -0.79688  -0.53935  1.000 43.09700 ? 121 GLU A OE1 1 
ATOM   942  O OE2 . GLU A 1 134 ? 0.23413   -1.46449  -0.89805  1.000 38.75517 ? 121 GLU A OE2 1 
ATOM   943  N N   . LEU A 1 135 ? 1.19469   3.71109   -3.58456  1.000 29.00926 ? 122 LEU A N   1 
ATOM   944  C CA  . LEU A 1 135 ? 1.79594   4.99209   -3.22319  1.000 29.83219 ? 122 LEU A CA  1 
ATOM   945  C C   . LEU A 1 135 ? 0.96627   5.62462   -2.10995  1.000 29.97697 ? 122 LEU A C   1 
ATOM   946  O O   . LEU A 1 135 ? -0.20633  5.93402   -2.32385  1.000 31.79232 ? 122 LEU A O   1 
ATOM   947  C CB  . LEU A 1 135 ? 1.83757   5.93554   -4.42124  1.000 31.50174 ? 122 LEU A CB  1 
ATOM   948  C CG  . LEU A 1 135 ? 2.35276   7.32446   -4.05735  1.000 35.42335 ? 122 LEU A CG  1 
ATOM   949  C CD1 . LEU A 1 135 ? 3.76296   7.26928   -3.56171  1.000 31.79431 ? 122 LEU A CD1 1 
ATOM   950  C CD2 . LEU A 1 135 ? 2.24042   8.21733   -5.27298  1.000 34.50247 ? 122 LEU A CD2 1 
ATOM   951  N N   . TYR A 1 136 ? 1.57331   5.79997   -0.93993  1.000 30.76481 ? 123 TYR A N   1 
ATOM   952  C CA  . TYR A 1 136 ? 0.96106   6.52601   0.17181   1.000 35.33031 ? 123 TYR A CA  1 
ATOM   953  C C   . TYR A 1 136 ? 1.60025   7.90201   0.31418   1.000 35.84317 ? 123 TYR A C   1 
ATOM   954  O O   . TYR A 1 136 ? 2.79084   8.08020   0.05788   1.000 33.17723 ? 123 TYR A O   1 
ATOM   955  C CB  . TYR A 1 136 ? 1.14173   5.79483   1.50763   1.000 30.64324 ? 123 TYR A CB  1 
ATOM   956  C CG  . TYR A 1 136 ? 0.57914   4.38454   1.60754   1.000 31.73836 ? 123 TYR A CG  1 
ATOM   957  C CD1 . TYR A 1 136 ? -0.29592  3.86469   0.64766   1.000 28.03562 ? 123 TYR A CD1 1 
ATOM   958  C CD2 . TYR A 1 136 ? 0.88579   3.59963   2.71614   1.000 31.04422 ? 123 TYR A CD2 1 
ATOM   959  C CE1 . TYR A 1 136 ? -0.82553  2.55859   0.79632   1.000 31.43694 ? 123 TYR A CE1 1 
ATOM   960  C CE2 . TYR A 1 136 ? 0.35335   2.33858   2.88527   1.000 34.30606 ? 123 TYR A CE2 1 
ATOM   961  C CZ  . TYR A 1 136 ? -0.48742  1.81376   1.92320   1.000 32.95392 ? 123 TYR A CZ  1 
ATOM   962  O OH  . TYR A 1 136 ? -1.00124  0.54647   2.14184   1.000 33.30557 ? 123 TYR A OH  1 
ATOM   963  N N   . GLY A 1 137 ? 0.82480   8.86181   0.80725   1.000 36.32707 ? 124 GLY A N   1 
ATOM   964  C CA  . GLY A 1 137 ? 1.36920   10.14773  1.18529   1.000 34.21146 ? 124 GLY A CA  1 
ATOM   965  C C   . GLY A 1 137 ? 0.97944   10.49110  2.60149   1.000 36.85755 ? 124 GLY A C   1 
ATOM   966  O O   . GLY A 1 137 ? -0.02112  10.00792  3.12431   1.000 32.18604 ? 124 GLY A O   1 
ATOM   967  N N   . ARG A 1 138 ? 1.82271   11.29403  3.24360   1.000 37.89118 ? 125 ARG A N   1 
ATOM   968  C CA  . ARG A 1 138 ? 1.43479   11.87905  4.52600   1.000 39.07196 ? 125 ARG A CA  1 
ATOM   969  C C   . ARG A 1 138 ? 0.20442   12.76733  4.37932   1.000 41.00405 ? 125 ARG A C   1 
ATOM   970  O O   . ARG A 1 138 ? -0.52720  12.98390  5.35516   1.000 41.49471 ? 125 ARG A O   1 
ATOM   971  C CB  . ARG A 1 138 ? 2.59353   12.67284  5.12937   1.000 36.20828 ? 125 ARG A CB  1 
ATOM   972  C CG  . ARG A 1 138 ? 3.75101   11.84240  5.63676   1.000 37.87147 ? 125 ARG A CG  1 
ATOM   973  C CD  . ARG A 1 138 ? 3.32253   10.73837  6.57463   1.000 34.06434 ? 125 ARG A CD  1 
ATOM   974  N NE  . ARG A 1 138 ? 4.45904   10.06624  7.18390   1.000 34.97871 ? 125 ARG A NE  1 
ATOM   975  C CZ  . ARG A 1 138 ? 4.39558   9.25280   8.24676   1.000 39.31256 ? 125 ARG A CZ  1 
ATOM   976  N NH1 . ARG A 1 138 ? 3.23546   9.00024   8.86173   1.000 40.75359 ? 125 ARG A NH1 1 
ATOM   977  N NH2 . ARG A 1 138 ? 5.49982   8.70193   8.72497   1.000 37.85304 ? 125 ARG A NH2 1 
ATOM   978  N N   . LYS A 1 139 ? -0.03971  13.29113  3.18845   1.000 38.87349 ? 126 LYS A N   1 
ATOM   979  C CA  . LYS A 1 139 ? -1.25531  14.02306  2.88684   1.000 40.75575 ? 126 LYS A CA  1 
ATOM   980  C C   . LYS A 1 139 ? -2.03307  13.36462  1.76334   1.000 40.75726 ? 126 LYS A C   1 
ATOM   981  O O   . LYS A 1 139 ? -1.48063  12.57903  0.98235   1.000 42.87315 ? 126 LYS A O   1 
ATOM   982  C CB  . LYS A 1 139 ? -0.94755  15.47495  2.51196   1.000 46.77760 ? 126 LYS A CB  1 
ATOM   983  C CG  . LYS A 1 139 ? 0.13854   16.07975  3.36196   1.000 46.31283 ? 126 LYS A CG  1 
ATOM   984  C CD  . LYS A 1 139 ? 0.19781   17.53551  3.06242   1.000 48.71776 ? 126 LYS A CD  1 
ATOM   985  C CE  . LYS A 1 139 ? 1.60520   18.06749  3.12127   1.000 57.78974 ? 126 LYS A CE  1 
ATOM   986  N NZ  . LYS A 1 139 ? 1.63641   19.36825  2.38045   1.000 58.72431 ? 126 LYS A NZ  1 
ATOM   987  N N   . PRO A 1 140 ? -3.29317  13.68976  1.62756   1.000 36.41614 ? 127 PRO A N   1 
ATOM   988  C CA  . PRO A 1 140 ? -4.11020  13.06317  0.57853   1.000 44.34172 ? 127 PRO A CA  1 
ATOM   989  C C   . PRO A 1 140 ? -3.56249  13.22505  -0.84466  1.000 42.01652 ? 127 PRO A C   1 
ATOM   990  O O   . PRO A 1 140 ? -4.18374  12.74550  -1.79966  1.000 43.22214 ? 127 PRO A O   1 
ATOM   991  C CB  . PRO A 1 140 ? -5.47532  13.75789  0.74393   1.000 42.10714 ? 127 PRO A CB  1 
ATOM   992  C CG  . PRO A 1 140 ? -5.34068  14.68980  1.89514   1.000 43.24348 ? 127 PRO A CG  1 
ATOM   993  C CD  . PRO A 1 140 ? -4.12800  14.32858  2.66694   1.000 38.60370 ? 127 PRO A CD  1 
ATOM   994  N N   . ASP A 1 141 ? -2.40605  13.87480  -1.00371  1.000 47.93259 ? 128 ASP A N   1 
ATOM   995  C CA  . ASP A 1 141 ? -1.77666  14.00029  -2.31511  1.000 44.58766 ? 128 ASP A CA  1 
ATOM   996  C C   . ASP A 1 141 ? -0.28897  14.27626  -2.16018  1.000 45.73534 ? 128 ASP A C   1 
ATOM   997  O O   . ASP A 1 141 ? 0.18904   14.63387  -1.08115  1.000 48.03743 ? 128 ASP A O   1 
ATOM   998  C CB  . ASP A 1 141 ? -2.43226  15.09952  -3.15576  1.000 49.14901 ? 128 ASP A CB  1 
ATOM   999  C CG  . ASP A 1 141 ? -2.36569  14.79936  -4.62536  1.000 51.01088 ? 128 ASP A CG  1 
ATOM   1000 O OD1 . ASP A 1 141 ? -1.43478  14.04261  -5.00606  1.000 50.33327 ? 128 ASP A OD1 1 
ATOM   1001 O OD2 . ASP A 1 141 ? -3.24007  15.29253  -5.38426  1.000 51.12566 ? 128 ASP A OD2 1 
ATOM   1002 N N   . VAL A 1 142 ? 0.45839   14.08550  -3.26051  1.000 46.55867 ? 129 VAL A N   1 
ATOM   1003 C CA  . VAL A 1 142 ? 1.89536   14.32227  -3.28484  1.000 48.13509 ? 129 VAL A CA  1 
ATOM   1004 C C   . VAL A 1 142 ? 2.25879   14.99784  -4.60162  1.000 45.84167 ? 129 VAL A C   1 
ATOM   1005 O O   . VAL A 1 142 ? 1.40104   15.24185  -5.45606  1.000 48.57669 ? 129 VAL A O   1 
ATOM   1006 C CB  . VAL A 1 142 ? 2.71565   13.02640  -3.11784  1.000 50.25369 ? 129 VAL A CB  1 
ATOM   1007 C CG1 . VAL A 1 142 ? 2.43397   12.36943  -1.77762  1.000 45.50071 ? 129 VAL A CG1 1 
ATOM   1008 C CG2 . VAL A 1 142 ? 2.44045   12.07964  -4.28980  1.000 44.13176 ? 129 VAL A CG2 1 
ATOM   1009 N N   . SER A 1 143 ? 3.55676   15.29945  -4.75344  1.000 46.61243 ? 130 SER A N   1 
ATOM   1010 C CA  . SER A 1 143 ? 4.16381   15.85965  -5.96471  1.000 52.36121 ? 130 SER A CA  1 
ATOM   1011 C C   . SER A 1 143 ? 3.74175   15.09010  -7.20721  1.000 54.12046 ? 130 SER A C   1 
ATOM   1012 O O   . SER A 1 143 ? 3.59433   13.86147  -7.15659  1.000 54.14880 ? 130 SER A O   1 
ATOM   1013 C CB  . SER A 1 143 ? 5.69227   15.81223  -5.89174  1.000 52.87763 ? 130 SER A CB  1 
ATOM   1014 O OG  . SER A 1 143 ? 6.16908   16.11866  -4.58635  1.000 60.92170 ? 130 SER A OG  1 
ATOM   1015 N N   . PRO A 1 144 ? 3.55151   15.76018  -8.34260  1.000 55.50479 ? 131 PRO A N   1 
ATOM   1016 C CA  . PRO A 1 144 ? 3.53777   15.02369  -9.61424  1.000 55.48255 ? 131 PRO A CA  1 
ATOM   1017 C C   . PRO A 1 144 ? 4.87638   14.36145  -9.88752  1.000 53.67227 ? 131 PRO A C   1 
ATOM   1018 O O   . PRO A 1 144 ? 4.92398   13.34057  -10.58798 1.000 50.34653 ? 131 PRO A O   1 
ATOM   1019 C CB  . PRO A 1 144 ? 3.19692   16.10774  -10.64877 1.000 56.62896 ? 131 PRO A CB  1 
ATOM   1020 C CG  . PRO A 1 144 ? 2.55818   17.23149  -9.83183  1.000 53.69590 ? 131 PRO A CG  1 
ATOM   1021 C CD  . PRO A 1 144 ? 3.32490   17.19992  -8.53604  1.000 55.81989 ? 131 PRO A CD  1 
ATOM   1022 N N   . LYS A 1 145 ? 5.95475   14.89463  -9.30236  1.000 55.48435 ? 132 LYS A N   1 
ATOM   1023 C CA  . LYS A 1 145 ? 7.26002   14.24976  -9.37334  1.000 54.02297 ? 132 LYS A CA  1 
ATOM   1024 C C   . LYS A 1 145 ? 7.23638   12.89062  -8.69098  1.000 53.95645 ? 132 LYS A C   1 
ATOM   1025 O O   . LYS A 1 145 ? 7.83267   11.92292  -9.18752  1.000 48.52396 ? 132 LYS A O   1 
ATOM   1026 C CB  . LYS A 1 145 ? 8.31443   15.14422  -8.71702  1.000 58.54943 ? 132 LYS A CB  1 
ATOM   1027 C CG  . LYS A 1 145 ? 8.19802   16.63738  -9.06208  1.000 66.69823 ? 132 LYS A CG  1 
ATOM   1028 C CD  . LYS A 1 145 ? 8.34369   16.88159  -10.57811 1.000 65.83915 ? 132 LYS A CD  1 
ATOM   1029 C CE  . LYS A 1 145 ? 8.02471   18.33106  -10.95943 1.000 64.88276 ? 132 LYS A CE  1 
ATOM   1030 N NZ  . LYS A 1 145 ? 6.58549   18.67117  -10.71699 1.000 65.73950 ? 132 LYS A NZ  1 
ATOM   1031 N N   . VAL A 1 146 ? 6.58366   12.81094  -7.52806  1.000 51.11713 ? 133 VAL A N   1 
ATOM   1032 C CA  . VAL A 1 146 ? 6.50972   11.55458  -6.78961  1.000 47.24359 ? 133 VAL A CA  1 
ATOM   1033 C C   . VAL A 1 146 ? 5.62298   10.56529  -7.52273  1.000 45.63190 ? 133 VAL A C   1 
ATOM   1034 O O   . VAL A 1 146 ? 5.96461   9.38392   -7.65579  1.000 47.27289 ? 133 VAL A O   1 
ATOM   1035 C CB  . VAL A 1 146 ? 6.01217   11.79949  -5.35106  1.000 46.89681 ? 133 VAL A CB  1 
ATOM   1036 C CG1 . VAL A 1 146 ? 5.72721   10.47393  -4.64859  1.000 44.72301 ? 133 VAL A CG1 1 
ATOM   1037 C CG2 . VAL A 1 146 ? 7.04005   12.57656  -4.55371  1.000 51.22658 ? 133 VAL A CG2 1 
ATOM   1038 N N   . LYS A 1 147 ? 4.49442   11.03250  -8.04893  1.000 41.50033 ? 134 LYS A N   1 
ATOM   1039 C CA  . LYS A 1 147 ? 3.61444   10.14472  -8.78678  1.000 43.28451 ? 134 LYS A CA  1 
ATOM   1040 C C   . LYS A 1 147 ? 4.30956   9.61183   -10.03644 1.000 47.27478 ? 134 LYS A C   1 
ATOM   1041 O O   . LYS A 1 147 ? 4.15526   8.43738   -10.39478 1.000 45.02782 ? 134 LYS A O   1 
ATOM   1042 C CB  . LYS A 1 147 ? 2.32860   10.88161  -9.12788  1.000 44.12936 ? 134 LYS A CB  1 
ATOM   1043 C CG  . LYS A 1 147 ? 1.58469   11.36938  -7.85504  1.000 43.78063 ? 134 LYS A CG  1 
ATOM   1044 C CD  . LYS A 1 147 ? 0.19023   11.85205  -8.19970  1.000 50.06731 ? 134 LYS A CD  1 
ATOM   1045 C CE  . LYS A 1 147 ? -0.11431  13.20080  -7.56841  1.000 52.90473 ? 134 LYS A CE  1 
ATOM   1046 N NZ  . LYS A 1 147 ? -1.46260  13.68683  -7.98919  1.000 49.91681 ? 134 LYS A NZ  1 
ATOM   1047 N N   . GLU A 1 148 ? 5.10647   10.45998  -10.69203 1.000 44.84063 ? 135 GLU A N   1 
ATOM   1048 C CA  . GLU A 1 148 ? 5.85828   10.03655  -11.86999 1.000 46.32865 ? 135 GLU A CA  1 
ATOM   1049 C C   . GLU A 1 148 ? 6.86540   8.93831   -11.51739 1.000 43.12002 ? 135 GLU A C   1 
ATOM   1050 O O   . GLU A 1 148 ? 6.92214   7.89714   -12.18211 1.000 46.50633 ? 135 GLU A O   1 
ATOM   1051 C CB  . GLU A 1 148 ? 6.55093   11.25294  -12.48443 1.000 50.58474 ? 135 GLU A CB  1 
ATOM   1052 C CG  . GLU A 1 148 ? 7.45874   10.91855  -13.63469 1.000 56.57987 ? 135 GLU A CG  1 
ATOM   1053 C CD  . GLU A 1 148 ? 8.24379   12.12241  -14.13443 1.000 62.16442 ? 135 GLU A CD  1 
ATOM   1054 O OE1 . GLU A 1 148 ? 9.48764   12.12977  -13.99012 1.000 64.88909 ? 135 GLU A OE1 1 
ATOM   1055 O OE2 . GLU A 1 148 ? 7.61821   13.04880  -14.68882 1.000 64.41283 ? 135 GLU A OE2 1 
ATOM   1056 N N   . LYS A 1 149 ? 7.66642   9.16539   -10.46934 1.000 42.35055 ? 136 LYS A N   1 
ATOM   1057 C CA  . LYS A 1 149 ? 8.55323   8.15234   -9.89633  1.000 45.58813 ? 136 LYS A CA  1 
ATOM   1058 C C   . LYS A 1 149 ? 7.82108   6.82321   -9.67696  1.000 47.05615 ? 136 LYS A C   1 
ATOM   1059 O O   . LYS A 1 149 ? 8.32645   5.76293   -10.07489 1.000 40.68442 ? 136 LYS A O   1 
ATOM   1060 C CB  . LYS A 1 149 ? 9.13895   8.71719   -8.59514  1.000 46.46819 ? 136 LYS A CB  1 
ATOM   1061 C CG  . LYS A 1 149 ? 10.21914  8.01435   -7.77055  1.000 47.79175 ? 136 LYS A CG  1 
ATOM   1062 C CD  . LYS A 1 149 ? 11.35141  7.38053   -8.51337  1.000 53.62756 ? 136 LYS A CD  1 
ATOM   1063 C CE  . LYS A 1 149 ? 12.20902  6.74576   -7.44151  1.000 55.34318 ? 136 LYS A CE  1 
ATOM   1064 N NZ  . LYS A 1 149 ? 13.30646  5.96316   -8.07702  1.000 58.31835 ? 136 LYS A NZ  1 
ATOM   1065 N N   . PHE A 1 150 ? 6.59497   6.86628   -9.12339  1.000 40.61862 ? 137 PHE A N   1 
ATOM   1066 C CA  . PHE A 1 150 ? 5.81712   5.63778   -8.89570  1.000 41.28282 ? 137 PHE A CA  1 
ATOM   1067 C C   . PHE A 1 150 ? 5.39936   4.97443   -10.20853 1.000 41.37244 ? 137 PHE A C   1 
ATOM   1068 O O   . PHE A 1 150 ? 5.58504   3.75807   -10.38893 1.000 40.12110 ? 137 PHE A O   1 
ATOM   1069 C CB  . PHE A 1 150 ? 4.58307   5.94730   -8.02240  1.000 36.29652 ? 137 PHE A CB  1 
ATOM   1070 C CG  . PHE A 1 150 ? 3.64607   4.76671   -7.81008  1.000 33.39800 ? 137 PHE A CG  1 
ATOM   1071 C CD1 . PHE A 1 150 ? 3.86841   3.85917   -6.77168  1.000 35.06749 ? 137 PHE A CD1 1 
ATOM   1072 C CD2 . PHE A 1 150 ? 2.51930   4.59724   -8.60567  1.000 36.82990 ? 137 PHE A CD2 1 
ATOM   1073 C CE1 . PHE A 1 150 ? 2.99141   2.76817   -6.56264  1.000 28.93675 ? 137 PHE A CE1 1 
ATOM   1074 C CE2 . PHE A 1 150 ? 1.65791   3.51327   -8.39843  1.000 34.05992 ? 137 PHE A CE2 1 
ATOM   1075 C CZ  . PHE A 1 150 ? 1.90488   2.62012   -7.35027  1.000 31.90628 ? 137 PHE A CZ  1 
ATOM   1076 N N   . VAL A 1 151 ? 4.82571   5.74942   -11.13986 1.000 42.69307 ? 138 VAL A N   1 
ATOM   1077 C CA  . VAL A 1 151 ? 4.44332   5.20325   -12.44605 1.000 41.77155 ? 138 VAL A CA  1 
ATOM   1078 C C   . VAL A 1 151 ? 5.63222   4.51793   -13.11237 1.000 43.40679 ? 138 VAL A C   1 
ATOM   1079 O O   . VAL A 1 151 ? 5.49981   3.43180   -13.68711 1.000 39.16754 ? 138 VAL A O   1 
ATOM   1080 C CB  . VAL A 1 151 ? 3.84428   6.30893   -13.34503 1.000 39.51364 ? 138 VAL A CB  1 
ATOM   1081 C CG1 . VAL A 1 151 ? 3.62200   5.80213   -14.77058 1.000 43.52753 ? 138 VAL A CG1 1 
ATOM   1082 C CG2 . VAL A 1 151 ? 2.50628   6.79694   -12.77908 1.000 40.04711 ? 138 VAL A CG2 1 
ATOM   1083 N N   . ARG A 1 152 ? 6.81744   5.11831   -13.00133 1.000 43.33676 ? 139 ARG A N   1 
ATOM   1084 C CA  . ARG A 1 152 ? 8.00482   4.55035   -13.62644 1.000 44.98945 ? 139 ARG A CA  1 
ATOM   1085 C C   . ARG A 1 152 ? 8.34529   3.20026   -13.02373 1.000 42.61774 ? 139 ARG A C   1 
ATOM   1086 O O   . ARG A 1 152 ? 8.64065   2.23821   -13.75627 1.000 38.28874 ? 139 ARG A O   1 
ATOM   1087 C CB  . ARG A 1 152 ? 9.17198   5.52011   -13.47377 1.000 45.29048 ? 139 ARG A CB  1 
ATOM   1088 C CG  . ARG A 1 152 ? 9.27521   6.49319   -14.62639 1.000 48.94291 ? 139 ARG A CG  1 
ATOM   1089 C CD  . ARG A 1 152 ? 10.68072  7.05197   -14.64845 1.000 60.95249 ? 139 ARG A CD  1 
ATOM   1090 N NE  . ARG A 1 152 ? 10.91477  7.91254   -13.49115 1.000 60.98898 ? 139 ARG A NE  1 
ATOM   1091 C CZ  . ARG A 1 152 ? 10.62074  9.20749   -13.48467 1.000 63.86148 ? 139 ARG A CZ  1 
ATOM   1092 N NH1 . ARG A 1 152 ? 10.12885  9.75322   -14.59539 1.000 65.55708 ? 139 ARG A NH1 1 
ATOM   1093 N NH2 . ARG A 1 152 ? 10.84504  9.95760   -12.40946 1.000 60.37674 ? 139 ARG A NH2 1 
ATOM   1094 N N   . TYR A 1 153 ? 8.30823   3.11803   -11.69121 1.000 37.84073 ? 140 TYR A N   1 
ATOM   1095 C CA  . TYR A 1 153 ? 8.51238   1.84822   -11.01016 1.000 37.44412 ? 140 TYR A CA  1 
ATOM   1096 C C   . TYR A 1 153 ? 7.51090   0.81250   -11.48983 1.000 37.83201 ? 140 TYR A C   1 
ATOM   1097 O O   . TYR A 1 153 ? 7.89011   -0.31548  -11.83754 1.000 36.39217 ? 140 TYR A O   1 
ATOM   1098 C CB  . TYR A 1 153 ? 8.39189   2.03652   -9.50480  1.000 36.77707 ? 140 TYR A CB  1 
ATOM   1099 C CG  . TYR A 1 153 ? 9.64434   2.41865   -8.76495  1.000 40.33827 ? 140 TYR A CG  1 
ATOM   1100 C CD1 . TYR A 1 153 ? 10.85907  1.76610   -8.98356  1.000 44.12375 ? 140 TYR A CD1 1 
ATOM   1101 C CD2 . TYR A 1 153 ? 9.60193   3.43190   -7.81682  1.000 41.65287 ? 140 TYR A CD2 1 
ATOM   1102 C CE1 . TYR A 1 153 ? 12.00038  2.11746   -8.26827  1.000 44.74537 ? 140 TYR A CE1 1 
ATOM   1103 C CE2 . TYR A 1 153 ? 10.71370  3.78602   -7.10797  1.000 41.49011 ? 140 TYR A CE2 1 
ATOM   1104 C CZ  . TYR A 1 153 ? 11.90897  3.14151   -7.32488  1.000 46.66141 ? 140 TYR A CZ  1 
ATOM   1105 O OH  . TYR A 1 153 ? 13.00445  3.54327   -6.59309  1.000 47.62521 ? 140 TYR A OH  1 
ATOM   1106 N N   . CYS A 1 154 ? 6.21897   1.17403   -11.50754 1.000 32.52021 ? 141 CYS A N   1 
ATOM   1107 C CA  . CYS A 1 154 ? 5.19689   0.26482   -12.02386 1.000 33.97246 ? 141 CYS A CA  1 
ATOM   1108 C C   . CYS A 1 154 ? 5.54326   -0.26838  -13.40999 1.000 37.35723 ? 141 CYS A C   1 
ATOM   1109 O O   . CYS A 1 154 ? 5.43130   -1.47358  -13.65984 1.000 39.74346 ? 141 CYS A O   1 
ATOM   1110 C CB  . CYS A 1 154 ? 3.84338   0.94535   -12.05210 1.000 39.06440 ? 141 CYS A CB  1 
ATOM   1111 S SG  . CYS A 1 154 ? 3.26889   1.15982   -10.40479 1.000 34.52343 ? 141 CYS A SG  1 
ATOM   1112 N N   . GLN A 1 155 ? 5.94822   0.60955   -14.33390 1.000 36.31684 ? 142 GLN A N   1 
ATOM   1113 C CA  . GLN A 1 155 ? 6.24208   0.14500   -15.69555 1.000 41.75693 ? 142 GLN A CA  1 
ATOM   1114 C C   . GLN A 1 155 ? 7.49663   -0.72112  -15.72813 1.000 40.01430 ? 142 GLN A C   1 
ATOM   1115 O O   . GLN A 1 155 ? 7.56162   -1.70019  -16.48711 1.000 41.38980 ? 142 GLN A O   1 
ATOM   1116 C CB  . GLN A 1 155 ? 6.38704   1.34028   -16.63943 1.000 43.70628 ? 142 GLN A CB  1 
ATOM   1117 C CG  . GLN A 1 155 ? 5.09574   2.13892   -16.80891 1.000 47.75424 ? 142 GLN A CG  1 
ATOM   1118 C CD  . GLN A 1 155 ? 5.28274   3.46064   -17.54765 1.000 50.37094 ? 142 GLN A CD  1 
ATOM   1119 O OE1 . GLN A 1 155 ? 4.52135   3.77378   -18.45831 1.000 54.70076 ? 142 GLN A OE1 1 
ATOM   1120 N NE2 . GLN A 1 155 ? 6.28330   4.24679   -17.14493 1.000 49.76320 ? 142 GLN A NE2 1 
ATOM   1121 N N   . GLY A 1 156 ? 8.50160   -0.36466  -14.92402 1.000 39.15427 ? 143 GLY A N   1 
ATOM   1122 C CA  . GLY A 1 156 ? 9.66709   -1.21846  -14.75588 1.000 38.29584 ? 143 GLY A CA  1 
ATOM   1123 C C   . GLY A 1 156 ? 9.31801   -2.59449  -14.22175 1.000 38.92695 ? 143 GLY A C   1 
ATOM   1124 O O   . GLY A 1 156 ? 10.00130  -3.57463  -14.51635 1.000 38.38501 ? 143 GLY A O   1 
ATOM   1125 N N   . MET A 1 157 ? 8.26168   -2.69483  -13.43254 1.000 35.70265 ? 144 MET A N   1 
ATOM   1126 C CA  . MET A 1 157 ? 7.78893   -3.98759  -12.95835 1.000 35.78335 ? 144 MET A CA  1 
ATOM   1127 C C   . MET A 1 157 ? 6.79930   -4.63947  -13.91925 1.000 39.10127 ? 144 MET A C   1 
ATOM   1128 O O   . MET A 1 157 ? 6.14224   -5.62475  -13.54362 1.000 41.22837 ? 144 MET A O   1 
ATOM   1129 C CB  . MET A 1 157 ? 7.17200   -3.81912  -11.57552 1.000 35.55942 ? 144 MET A CB  1 
ATOM   1130 C CG  . MET A 1 157 ? 8.19553   -3.32286  -10.59225 1.000 33.46755 ? 144 MET A CG  1 
ATOM   1131 S SD  . MET A 1 157 ? 7.39905   -2.72197  -9.11290  1.000 33.24670 ? 144 MET A SD  1 
ATOM   1132 C CE  . MET A 1 157 ? 8.83425   -2.11001  -8.24385  1.000 34.73716 ? 144 MET A CE  1 
ATOM   1133 N N   . GLU A 1 158 ? 6.68475   -4.10337  -15.13820 1.000 38.01517 ? 145 GLU A N   1 
ATOM   1134 C CA  . GLU A 1 158 ? 5.80402   -4.60986  -16.18990 1.000 40.32283 ? 145 GLU A CA  1 
ATOM   1135 C C   . GLU A 1 158 ? 4.33173   -4.54896  -15.79872 1.000 42.82879 ? 145 GLU A C   1 
ATOM   1136 O O   . GLU A 1 158 ? 3.53164   -5.37628  -16.24314 1.000 41.84024 ? 145 GLU A O   1 
ATOM   1137 C CB  . GLU A 1 158 ? 6.18728   -6.03199  -16.60235 1.000 42.75101 ? 145 GLU A CB  1 
ATOM   1138 C CG  . GLU A 1 158 ? 7.60418   -6.12482  -17.09554 1.000 46.91253 ? 145 GLU A CG  1 
ATOM   1139 C CD  . GLU A 1 158 ? 8.04529   -7.55015  -17.32481 1.000 50.29117 ? 145 GLU A CD  1 
ATOM   1140 O OE1 . GLU A 1 158 ? 7.40694   -8.48298  -16.76882 1.000 54.16372 ? 145 GLU A OE1 1 
ATOM   1141 O OE2 . GLU A 1 158 ? 9.03141   -7.72412  -18.05732 1.000 51.57612 ? 145 GLU A OE2 1 
ATOM   1142 N N   . ILE A 1 159 ? 3.94375   -3.57959  -14.97749 1.000 37.96050 ? 146 ILE A N   1 
ATOM   1143 C CA  . ILE A 1 159 ? 2.54754   -3.23246  -14.77179 1.000 38.66712 ? 146 ILE A CA  1 
ATOM   1144 C C   . ILE A 1 159 ? 2.14746   -2.24931  -15.84408 1.000 41.70165 ? 146 ILE A C   1 
ATOM   1145 O O   . ILE A 1 159 ? 2.81856   -1.20174  -15.99128 1.000 46.27470 ? 146 ILE A O   1 
ATOM   1146 C CB  . ILE A 1 159 ? 2.31828   -2.66699  -13.36457 1.000 35.30064 ? 146 ILE A CB  1 
ATOM   1147 C CG1 . ILE A 1 159 ? 2.83012   -3.68552  -12.34007 1.000 34.28532 ? 146 ILE A CG1 1 
ATOM   1148 C CG2 . ILE A 1 159 ? 0.82487   -2.37226  -13.12132 1.000 39.53110 ? 146 ILE A CG2 1 
ATOM   1149 C CD1 . ILE A 1 159 ? 2.63377   -3.29377  -10.87393 1.000 39.01675 ? 146 ILE A CD1 1 
ATOM   1150 N N   . PRO A 1 160 ? 1.11731   -2.49453  -16.64174 1.000 41.61782 ? 147 PRO A N   1 
ATOM   1151 C CA  . PRO A 1 160 ? 0.73330   -1.54141  -17.67636 1.000 47.48532 ? 147 PRO A CA  1 
ATOM   1152 C C   . PRO A 1 160 ? 0.11460   -0.29280  -17.06456 1.000 46.93830 ? 147 PRO A C   1 
ATOM   1153 O O   . PRO A 1 160 ? -0.41890  -0.31906  -15.95561 1.000 44.45402 ? 147 PRO A O   1 
ATOM   1154 C CB  . PRO A 1 160 ? -0.27614  -2.31303  -18.53180 1.000 48.22716 ? 147 PRO A CB  1 
ATOM   1155 C CG  . PRO A 1 160 ? -0.81555  -3.34013  -17.64048 1.000 47.14393 ? 147 PRO A CG  1 
ATOM   1156 C CD  . PRO A 1 160 ? 0.29166   -3.71724  -16.67821 1.000 45.09484 ? 147 PRO A CD  1 
ATOM   1157 N N   . LYS A 1 161 ? 0.21565   0.81569   -17.80479 1.000 49.58447 ? 148 LYS A N   1 
ATOM   1158 C CA  . LYS A 1 161 ? -0.29737  2.09082   -17.32084 1.000 47.60430 ? 148 LYS A CA  1 
ATOM   1159 C C   . LYS A 1 161 ? -1.80562  2.03407   -17.09744 1.000 45.41075 ? 148 LYS A C   1 
ATOM   1160 O O   . LYS A 1 161 ? -2.31836  2.67111   -16.17441 1.000 50.14387 ? 148 LYS A O   1 
ATOM   1161 C CB  . LYS A 1 161 ? 0.06803   3.21572   -18.29626 1.000 51.82941 ? 148 LYS A CB  1 
ATOM   1162 C CG  . LYS A 1 161 ? -0.37035  2.94789   -19.73627 1.000 59.03822 ? 148 LYS A CG  1 
ATOM   1163 C CD  . LYS A 1 161 ? 0.06848   4.03993   -20.70475 1.000 61.01339 ? 148 LYS A CD  1 
ATOM   1164 C CE  . LYS A 1 161 ? 0.67723   3.43471   -21.96451 1.000 60.18959 ? 148 LYS A CE  1 
ATOM   1165 N NZ  . LYS A 1 161 ? 1.56027   4.41355   -22.67436 1.000 69.19080 ? 148 LYS A NZ  1 
ATOM   1166 N N   . GLU A 1 162 ? -2.53474  1.27099   -17.92340 1.000 46.51920 ? 149 GLU A N   1 
ATOM   1167 C CA  . GLU A 1 162 ? -3.97007  1.09265   -17.69651 1.000 46.52600 ? 149 GLU A CA  1 
ATOM   1168 C C   . GLU A 1 162 ? -4.26036  0.50200   -16.32501 1.000 46.61817 ? 149 GLU A C   1 
ATOM   1169 O O   . GLU A 1 162 ? -5.36270  0.69558   -15.79407 1.000 47.37119 ? 149 GLU A O   1 
ATOM   1170 C CB  . GLU A 1 162 ? -4.60363  0.17603   -18.74892 1.000 44.96761 ? 149 GLU A CB  1 
ATOM   1171 C CG  . GLU A 1 162 ? -4.11042  0.36448   -20.15495 1.000 56.11181 ? 149 GLU A CG  1 
ATOM   1172 C CD  . GLU A 1 162 ? -2.83637  -0.39652  -20.39786 1.000 56.61841 ? 149 GLU A CD  1 
ATOM   1173 O OE1 . GLU A 1 162 ? -1.75601  0.20982   -20.21401 1.000 57.37773 ? 149 GLU A OE1 1 
ATOM   1174 O OE2 . GLU A 1 162 ? -2.91750  -1.59810  -20.74578 1.000 62.66337 ? 149 GLU A OE2 1 
ATOM   1175 N N   . ASN A 1 163 ? -3.29316  -0.19918  -15.73882 1.000 44.27355 ? 150 ASN A N   1 
ATOM   1176 C CA  . ASN A 1 163 ? -3.46259  -0.85791  -14.44965 1.000 40.07485 ? 150 ASN A CA  1 
ATOM   1177 C C   . ASN A 1 163 ? -2.95110  -0.02368  -13.27868 1.000 40.81619 ? 150 ASN A C   1 
ATOM   1178 O O   . ASN A 1 163 ? -2.78873  -0.55766  -12.17100 1.000 37.96486 ? 150 ASN A O   1 
ATOM   1179 C CB  . ASN A 1 163 ? -2.77738  -2.22430  -14.49105 1.000 38.98673 ? 150 ASN A CB  1 
ATOM   1180 C CG  . ASN A 1 163 ? -3.58955  -3.23622  -15.24542 1.000 40.41893 ? 150 ASN A CG  1 
ATOM   1181 O OD1 . ASN A 1 163 ? -4.40653  -2.87596  -16.10448 1.000 41.90369 ? 150 ASN A OD1 1 
ATOM   1182 N ND2 . ASN A 1 163 ? -3.39423  -4.51313  -14.92844 1.000 36.69967 ? 150 ASN A ND2 1 
ATOM   1183 N N   . ILE A 1 164 ? -2.71609  1.27539   -13.48360 1.000 40.30012 ? 151 ILE A N   1 
ATOM   1184 C CA  . ILE A 1 164 ? -2.35716  2.19949   -12.41079 1.000 40.15725 ? 151 ILE A CA  1 
ATOM   1185 C C   . ILE A 1 164 ? -3.56357  3.10665   -12.16945 1.000 45.04501 ? 151 ILE A C   1 
ATOM   1186 O O   . ILE A 1 164 ? -4.03140  3.78795   -13.08763 1.000 46.65003 ? 151 ILE A O   1 
ATOM   1187 C CB  . ILE A 1 164 ? -1.09942  3.01023   -12.76060 1.000 43.81549 ? 151 ILE A CB  1 
ATOM   1188 C CG1 . ILE A 1 164 ? 0.03977   2.07175   -13.16439 1.000 41.62799 ? 151 ILE A CG1 1 
ATOM   1189 C CG2 . ILE A 1 164 ? -0.68047  3.88552   -11.60571 1.000 42.49284 ? 151 ILE A CG2 1 
ATOM   1190 C CD1 . ILE A 1 164 ? 1.25638   2.78459   -13.77019 1.000 45.94761 ? 151 ILE A CD1 1 
ATOM   1191 N N   . LEU A 1 165 ? -4.08889  3.09831   -10.94786 1.000 41.07515 ? 152 LEU A N   1 
ATOM   1192 C CA  . LEU A 1 165 ? -5.29266  3.84882   -10.61304 1.000 43.07464 ? 152 LEU A CA  1 
ATOM   1193 C C   . LEU A 1 165 ? -4.94426  5.02053   -9.71147  1.000 43.98243 ? 152 LEU A C   1 
ATOM   1194 O O   . LEU A 1 165 ? -4.22979  4.85526   -8.71354  1.000 44.34508 ? 152 LEU A O   1 
ATOM   1195 C CB  . LEU A 1 165 ? -6.32828  2.95184   -9.93570  1.000 43.59449 ? 152 LEU A CB  1 
ATOM   1196 C CG  . LEU A 1 165 ? -6.87895  1.80585   -10.78379 1.000 43.64553 ? 152 LEU A CG  1 
ATOM   1197 C CD1 . LEU A 1 165 ? -7.93390  1.02184   -10.02435 1.000 44.05387 ? 152 LEU A CD1 1 
ATOM   1198 C CD2 . LEU A 1 165 ? -7.43503  2.33163   -12.09435 1.000 46.74347 ? 152 LEU A CD2 1 
ATOM   1199 N N   . ASP A 1 166 ? -5.45065  6.20539   -10.06071 1.000 45.68220 ? 153 ASP A N   1 
ATOM   1200 C CA  . ASP A 1 166 ? -5.30346  7.38672   -9.21888  1.000 44.88376 ? 153 ASP A CA  1 
ATOM   1201 C C   . ASP A 1 166 ? -6.50824  7.45325   -8.28560  1.000 44.61346 ? 153 ASP A C   1 
ATOM   1202 O O   . ASP A 1 166 ? -7.64789  7.59558   -8.74593  1.000 47.19933 ? 153 ASP A O   1 
ATOM   1203 C CB  . ASP A 1 166 ? -5.18753  8.65974   -10.06223 1.000 46.18729 ? 153 ASP A CB  1 
ATOM   1204 C CG  . ASP A 1 166 ? -4.96977  9.91125   -9.21682  1.000 51.45232 ? 153 ASP A CG  1 
ATOM   1205 O OD1 . ASP A 1 166 ? -5.74567  10.13286  -8.26748  1.000 49.74829 ? 153 ASP A OD1 1 
ATOM   1206 O OD2 . ASP A 1 166 ? -4.01952  10.67904  -9.50225  1.000 55.24094 ? 153 ASP A OD2 1 
ATOM   1207 N N   . LEU A 1 167 ? -6.26085  7.33951   -6.98577  1.000 38.34930 ? 154 LEU A N   1 
ATOM   1208 C CA  . LEU A 1 167 ? -7.36072  7.34800   -6.02105  1.000 42.43264 ? 154 LEU A CA  1 
ATOM   1209 C C   . LEU A 1 167 ? -7.69001  8.73530   -5.49196  1.000 45.76785 ? 154 LEU A C   1 
ATOM   1210 O O   . LEU A 1 167 ? -8.69022  8.87523   -4.77688  1.000 44.27724 ? 154 LEU A O   1 
ATOM   1211 C CB  . LEU A 1 167 ? -7.05884  6.44091   -4.81962  1.000 35.81154 ? 154 LEU A CB  1 
ATOM   1212 C CG  . LEU A 1 167 ? -6.69895  4.98316   -5.14658  1.000 35.18504 ? 154 LEU A CG  1 
ATOM   1213 C CD1 . LEU A 1 167 ? -6.22026  4.30160   -3.88567  1.000 37.68707 ? 154 LEU A CD1 1 
ATOM   1214 C CD2 . LEU A 1 167 ? -7.89792  4.26227   -5.71692  1.000 37.48613 ? 154 LEU A CD2 1 
ATOM   1215 N N   . THR A 1 168 ? -6.88066  9.75594   -5.80046  1.000 47.75156 ? 155 THR A N   1 
ATOM   1216 C CA  . THR A 1 168 ? -7.21565  11.09935  -5.33484  1.000 44.88252 ? 155 THR A CA  1 
ATOM   1217 C C   . THR A 1 168 ? -8.51619  11.59943  -5.93672  1.000 47.96067 ? 155 THR A C   1 
ATOM   1218 O O   . THR A 1 168 ? -9.04796  12.61131  -5.46408  1.000 46.94724 ? 155 THR A O   1 
ATOM   1219 C CB  . THR A 1 168 ? -6.10685  12.10440  -5.66491  1.000 45.42502 ? 155 THR A CB  1 
ATOM   1220 O OG1 . THR A 1 168 ? -5.97989  12.21945  -7.08056  1.000 47.13129 ? 155 THR A OG1 1 
ATOM   1221 C CG2 . THR A 1 168 ? -4.76855  11.70149  -5.05375  1.000 44.39673 ? 155 THR A CG2 1 
ATOM   1222 N N   . GLN A 1 169 ? -9.04029  10.89702  -6.94100  1.000 46.16209 ? 156 GLN A N   1 
ATOM   1223 C CA  . GLN A 1 169 ? -10.25319 11.24091  -7.66885  1.000 50.58672 ? 156 GLN A CA  1 
ATOM   1224 C C   . GLN A 1 169 ? -11.50091 10.60137  -7.10202  1.000 46.37113 ? 156 GLN A C   1 
ATOM   1225 O O   . GLN A 1 169 ? -12.60932 11.03006  -7.44318  1.000 52.20814 ? 156 GLN A O   1 
ATOM   1226 C CB  . GLN A 1 169 ? -10.12259 10.80061  -9.13671  1.000 52.89267 ? 156 GLN A CB  1 
ATOM   1227 C CG  . GLN A 1 169 ? -9.48909  11.84597  -10.01231 1.000 58.78688 ? 156 GLN A CG  1 
ATOM   1228 C CD  . GLN A 1 169 ? -9.70022  13.23688  -9.43820  1.000 57.13339 ? 156 GLN A CD  1 
ATOM   1229 O OE1 . GLN A 1 169 ? -10.76545 13.83332  -9.59752  1.000 61.92132 ? 156 GLN A OE1 1 
ATOM   1230 N NE2 . GLN A 1 169 ? -8.68788  13.75472  -8.75581  1.000 55.47040 ? 156 GLN A NE2 1 
ATOM   1231 N N   . VAL A 1 170 ? -11.34802 9.59080   -6.25243  1.000 45.33452 ? 157 VAL A N   1 
ATOM   1232 C CA  . VAL A 1 170 ? -12.42424 8.67844   -5.90668  1.000 45.95727 ? 157 VAL A CA  1 
ATOM   1233 C C   . VAL A 1 170 ? -12.64283 8.72404   -4.40455  1.000 41.82093 ? 157 VAL A C   1 
ATOM   1234 O O   . VAL A 1 170 ? -11.86083 9.30702   -3.65233  1.000 41.34929 ? 157 VAL A O   1 
ATOM   1235 C CB  . VAL A 1 170 ? -12.12571 7.23456   -6.35626  1.000 46.31555 ? 157 VAL A CB  1 
ATOM   1236 C CG1 . VAL A 1 170 ? -11.61333 7.22395   -7.78414  1.000 49.71966 ? 157 VAL A CG1 1 
ATOM   1237 C CG2 . VAL A 1 170 ? -11.10798 6.59663   -5.43664  1.000 43.58854 ? 157 VAL A CG2 1 
ATOM   1238 N N   . ASP A 1 171 ? -13.70521 8.06347   -3.97449  1.000 42.79394 ? 158 ASP A N   1 
ATOM   1239 C CA  . ASP A 1 171 ? -13.95004 7.90632   -2.54805  1.000 42.38950 ? 158 ASP A CA  1 
ATOM   1240 C C   . ASP A 1 171 ? -12.88840 6.98174   -1.98434  1.000 42.61478 ? 158 ASP A C   1 
ATOM   1241 O O   . ASP A 1 171 ? -12.83439 5.79838   -2.33668  1.000 47.15688 ? 158 ASP A O   1 
ATOM   1242 C CB  . ASP A 1 171 ? -15.34249 7.34205   -2.30421  1.000 41.49785 ? 158 ASP A CB  1 
ATOM   1243 C CG  . ASP A 1 171 ? -15.66492 7.19605   -0.82639  1.000 43.40084 ? 158 ASP A CG  1 
ATOM   1244 O OD1 . ASP A 1 171 ? -14.82891 7.56091   0.02769   1.000 42.99717 ? 158 ASP A OD1 1 
ATOM   1245 O OD2 . ASP A 1 171 ? -16.77270 6.71824   -0.53188  1.000 48.07598 ? 158 ASP A OD2 1 
ATOM   1246 N N   . ARG A 1 172 ? -12.01759 7.51954   -1.14067  1.000 39.23444 ? 159 ARG A N   1 
ATOM   1247 C CA  . ARG A 1 172 ? -11.06277 6.70306   -0.41271  1.000 39.91184 ? 159 ARG A CA  1 
ATOM   1248 C C   . ARG A 1 172 ? -11.33462 6.76035   1.07342   1.000 35.66096 ? 159 ARG A C   1 
ATOM   1249 O O   . ARG A 1 172 ? -10.40547 6.72238   1.87812   1.000 37.73241 ? 159 ARG A O   1 
ATOM   1250 C CB  . ARG A 1 172 ? -9.61910  7.10906   -0.69915  1.000 43.86510 ? 159 ARG A CB  1 
ATOM   1251 C CG  . ARG A 1 172 ? -9.43792  8.45615   -1.31298  1.000 47.01735 ? 159 ARG A CG  1 
ATOM   1252 C CD  . ARG A 1 172 ? -7.96302  8.72822   -1.49152  1.000 39.26641 ? 159 ARG A CD  1 
ATOM   1253 N NE  . ARG A 1 172 ? -7.71600  10.15038  -1.70152  1.000 39.86472 ? 159 ARG A NE  1 
ATOM   1254 C CZ  . ARG A 1 172 ? -6.53180  10.74985  -1.56381  1.000 42.28791 ? 159 ARG A CZ  1 
ATOM   1255 N NH1 . ARG A 1 172 ? -5.44344  10.08014  -1.19914  1.000 43.96234 ? 159 ARG A NH1 1 
ATOM   1256 N NH2 . ARG A 1 172 ? -6.43448  12.05077  -1.80611  1.000 47.51429 ? 159 ARG A NH2 1 
ATOM   1257 N N   . CYS A 1 173 ? -12.60768 6.89395   1.43283   1.000 38.35282 ? 160 CYS A N   1 
ATOM   1258 C CA  . CYS A 1 173 ? -13.04580 6.82194   2.82006   1.000 38.18195 ? 160 CYS A CA  1 
ATOM   1259 C C   . CYS A 1 173 ? -12.45277 7.94069   3.67877   1.000 40.73373 ? 160 CYS A C   1 
ATOM   1260 O O   . CYS A 1 173 ? -12.39897 7.81741   4.91790   1.000 38.14176 ? 160 CYS A O   1 
ATOM   1261 C CB  . CYS A 1 173 ? -12.71550 5.44263   3.39686   1.000 38.25521 ? 160 CYS A CB  1 
ATOM   1262 S SG  . CYS A 1 173 ? -13.87885 4.17375   2.76918   1.000 38.85611 ? 160 CYS A SG  1 
ATOM   1263 N N   . LEU A 1 174 ? -11.99388 9.03792   3.04963   1.000 39.62114 ? 161 LEU A N   1 
ATOM   1264 C CA  . LEU A 1 174 ? -11.37498 10.09946  3.83869   1.000 37.23847 ? 161 LEU A CA  1 
ATOM   1265 C C   . LEU A 1 174 ? -12.36355 10.63390  4.85335   1.000 37.68029 ? 161 LEU A C   1 
ATOM   1266 O O   . LEU A 1 174 ? -11.97451 10.98030  5.96888   1.000 42.97130 ? 161 LEU A O   1 
ATOM   1267 C CB  . LEU A 1 174 ? -10.86236 11.23369  2.94496   1.000 37.98833 ? 161 LEU A CB  1 
ATOM   1268 C CG  . LEU A 1 174 ? -9.70828  10.90157  1.96310   1.000 38.78723 ? 161 LEU A CG  1 
ATOM   1269 C CD1 . LEU A 1 174 ? -9.31423  12.17734  1.24811   1.000 41.83459 ? 161 LEU A CD1 1 
ATOM   1270 C CD2 . LEU A 1 174 ? -8.52262  10.36312  2.71364   1.000 39.70396 ? 161 LEU A CD2 1 
ATOM   1271 N N   . GLN A 1 175 ? -13.64942 10.65421  4.48738   1.000 37.98402 ? 162 GLN A N   1 
ATOM   1272 C CA  . GLN A 1 175 ? -14.72420 11.11728  5.35867   1.000 40.20381 ? 162 GLN A CA  1 
ATOM   1273 C C   . GLN A 1 175 ? -14.95016 10.20235  6.55298   1.000 44.22843 ? 162 GLN A C   1 
ATOM   1274 O O   . GLN A 1 175 ? -15.72982 10.56347  7.44126   1.000 45.96973 ? 162 GLN A O   1 
ATOM   1275 C CB  . GLN A 1 175 ? -16.00955 11.25556  4.53343   1.000 42.00376 ? 162 GLN A CB  1 
ATOM   1276 C CG  . GLN A 1 175 ? -16.58241 9.90483   4.04942   1.000 43.78696 ? 162 GLN A CG  1 
ATOM   1277 C CD  . GLN A 1 175 ? -15.83496 9.29985   2.83400   1.000 44.54479 ? 162 GLN A CD  1 
ATOM   1278 O OE1 . GLN A 1 175 ? -14.71392 9.69661   2.50980   1.000 49.22614 ? 162 GLN A OE1 1 
ATOM   1279 N NE2 . GLN A 1 175 ? -16.48073 8.36009   2.14960   1.000 44.78866 ? 162 GLN A NE2 1 
ATOM   1280 N N   . ALA A 1 176 ? -14.26049 9.05750   6.63429   1.000 40.07003 ? 163 ALA A N   1 
ATOM   1281 C CA  . ALA A 1 176 ? -14.52740 8.08148   7.68978   1.000 41.27558 ? 163 ALA A CA  1 
ATOM   1282 C C   . ALA A 1 176 ? -13.30764 7.72518   8.52922   1.000 42.02502 ? 163 ALA A C   1 
ATOM   1283 O O   . ALA A 1 176 ? -13.41464 6.86078   9.41573   1.000 40.31738 ? 163 ALA A O   1 
ATOM   1284 C CB  . ALA A 1 176 ? -15.11107 6.79698   7.09927   1.000 42.27340 ? 163 ALA A CB  1 
ATOM   1285 N N   . ARG A 1 177 ? -12.16697 8.38087   8.30527   1.000 37.07230 ? 164 ARG A N   1 
ATOM   1286 C CA  . ARG A 1 177 ? -10.92078 7.92660   8.91852   1.000 44.06816 ? 164 ARG A CA  1 
ATOM   1287 C C   . ARG A 1 177 ? -10.94716 8.03308   10.43647  1.000 49.00498 ? 164 ARG A C   1 
ATOM   1288 O O   . ARG A 1 177 ? -10.34783 7.19323   11.12449  1.000 50.91479 ? 164 ARG A O   1 
ATOM   1289 C CB  . ARG A 1 177 ? -9.74830  8.72517   8.37346   1.000 42.89489 ? 164 ARG A CB  1 
ATOM   1290 C CG  . ARG A 1 177 ? -9.53322  8.54026   6.87100   1.000 36.98114 ? 164 ARG A CG  1 
ATOM   1291 C CD  . ARG A 1 177 ? -8.53630  9.55422   6.38538   1.000 37.26177 ? 164 ARG A CD  1 
ATOM   1292 N NE  . ARG A 1 177 ? -7.26450  9.47810   7.11780   1.000 34.54109 ? 164 ARG A NE  1 
ATOM   1293 C CZ  . ARG A 1 177 ? -6.26106  8.67232   6.75417   1.000 38.04615 ? 164 ARG A CZ  1 
ATOM   1294 N NH1 . ARG A 1 177 ? -6.41187  7.87879   5.69292   1.000 35.62874 ? 164 ARG A NH1 1 
ATOM   1295 N NH2 . ARG A 1 177 ? -5.12009  8.65055   7.44496   1.000 34.46729 ? 164 ARG A NH2 1 
ATOM   1296 N N   . GLN A 1 178 ? -11.61762 9.06483   10.95857  1.000 48.77383 ? 165 GLN A N   1 
ATOM   1297 C CA  . GLN A 1 178 ? -11.72158 9.40139   12.38826  1.000 54.57958 ? 165 GLN A CA  1 
ATOM   1298 C C   . GLN A 1 178 ? -10.37182 9.40486   13.09497  1.000 58.09893 ? 165 GLN A C   1 
ATOM   1299 O O   . GLN A 1 178 ? -9.67264  10.42630  13.12450  1.000 60.90359 ? 165 GLN A O   1 
ATOM   1300 C CB  . GLN A 1 178 ? -12.70687 8.45550   13.08629  1.000 54.65367 ? 165 GLN A CB  1 
ATOM   1301 C CG  . GLN A 1 178 ? -14.07306 8.50181   12.43202  1.000 52.79220 ? 165 GLN A CG  1 
ATOM   1302 C CD  . GLN A 1 178 ? -14.97030 7.37028   12.84504  1.000 56.59787 ? 165 GLN A CD  1 
ATOM   1303 O OE1 . GLN A 1 178 ? -15.61256 6.73641   12.00001  1.000 53.00823 ? 165 GLN A OE1 1 
ATOM   1304 N NE2 . GLN A 1 178 ? -15.03061 7.10673   14.15525  1.000 55.97946 ? 165 GLN A NE2 1 
HETATM 1305 C C7  . LWE B 2 .   ? -2.87770  -4.17956  1.63932   1.000 36.89503 ? 201 LWE A C7  1 
HETATM 1306 C C8  . LWE B 2 .   ? -3.73765  -3.19407  0.99538   1.000 40.08039 ? 201 LWE A C8  1 
HETATM 1307 C C9  . LWE B 2 .   ? -3.69553  -5.17294  2.38882   1.000 44.52869 ? 201 LWE A C9  1 
HETATM 1308 C C1  . LWE B 2 .   ? 1.18174   -2.90215  2.70692   1.000 42.47599 ? 201 LWE A C1  1 
HETATM 1309 C C5  . LWE B 2 .   ? -0.69974  -2.99852  1.46537   1.000 34.18590 ? 201 LWE A C5  1 
HETATM 1310 C C6  . LWE B 2 .   ? 0.28906   -2.09717  2.06074   1.000 43.62719 ? 201 LWE A C6  1 
HETATM 1311 C C4  . LWE B 2 .   ? -1.73011  -3.49990  2.41880   1.000 50.86937 ? 201 LWE A C4  1 
HETATM 1312 C C3  . LWE B 2 .   ? -0.84962  -4.31286  3.37767   1.000 44.17502 ? 201 LWE A C3  1 
HETATM 1313 C C2  . LWE B 2 .   ? 0.44918   -3.63327  3.82670   1.000 39.48754 ? 201 LWE A C2  1 
HETATM 1314 C C   . LWE B 2 .   ? 2.36786   -2.12133  3.19188   1.000 45.77034 ? 201 LWE A C   1 
HETATM 1315 O O   . LWE B 2 .   ? -0.54495  -3.45633  0.38307   1.000 53.81551 ? 201 LWE A O   1 
HETATM 1316 O O   . HOH C 3 .   ? -2.35294  -17.53201 -0.09138  1.000 42.12797 ? 301 HOH A O   1 
HETATM 1317 O O   . HOH C 3 .   ? -8.82481  6.23748   -10.29154 1.000 51.17475 ? 302 HOH A O   1 
HETATM 1318 O O   . HOH C 3 .   ? 11.00027  -3.00505  3.38054   1.000 37.91542 ? 303 HOH A O   1 
HETATM 1319 O O   . HOH C 3 .   ? 11.88803  -10.18343 -0.86028  1.000 42.21880 ? 304 HOH A O   1 
HETATM 1320 O O   . HOH C 3 .   ? -13.12730 -7.12996  -15.52510 1.000 39.87307 ? 305 HOH A O   1 
HETATM 1321 O O   . HOH C 3 .   ? -13.70779 -4.63067  10.18821  1.000 39.66401 ? 306 HOH A O   1 
HETATM 1322 O O   . HOH C 3 .   ? -5.20729  -20.70153 -12.22840 1.000 40.85712 ? 307 HOH A O   1 
HETATM 1323 O O   . HOH C 3 .   ? 13.10752  10.75205  4.70698   1.000 47.35190 ? 308 HOH A O   1 
HETATM 1324 O O   . HOH C 3 .   ? 0.42447   -17.37595 -10.62426 1.000 50.15000 ? 309 HOH A O   1 
HETATM 1325 O O   . HOH C 3 .   ? 3.36870   -9.02131  17.13004  1.000 38.65738 ? 310 HOH A O   1 
HETATM 1326 O O   . HOH C 3 .   ? -19.33084 -2.20035  8.42025   1.000 43.11381 ? 311 HOH A O   1 
HETATM 1327 O O   . HOH C 3 .   ? -5.31299  -4.14724  -18.26485 1.000 50.37411 ? 312 HOH A O   1 
HETATM 1328 O O   . HOH C 3 .   ? -8.45599  7.23716   3.62896   1.000 37.60404 ? 313 HOH A O   1 
HETATM 1329 O O   . HOH C 3 .   ? -1.87533  -10.96605 8.97052   1.000 41.07367 ? 314 HOH A O   1 
HETATM 1330 O O   . HOH C 3 .   ? -5.46259  -14.17377 -8.68166  1.000 40.16545 ? 315 HOH A O   1 
HETATM 1331 O O   . HOH C 3 .   ? 14.99646  -0.11301  -2.92299  1.000 42.45496 ? 316 HOH A O   1 
HETATM 1332 O O   . HOH C 3 .   ? -13.63925 10.74747  10.32844  1.000 48.29999 ? 317 HOH A O   1 
HETATM 1333 O O   . HOH C 3 .   ? 1.38233   -14.59918 -12.02289 1.000 50.91913 ? 318 HOH A O   1 
HETATM 1334 O O   . HOH C 3 .   ? -12.60541 9.71582   0.33533   1.000 39.70362 ? 319 HOH A O   1 
HETATM 1335 O O   . HOH C 3 .   ? -0.26993  11.93619  7.85650   1.000 40.94290 ? 320 HOH A O   1 
HETATM 1336 O O   . HOH C 3 .   ? -15.64523 -5.60410  1.86484   1.000 43.48623 ? 321 HOH A O   1 
HETATM 1337 O O   . HOH C 3 .   ? 7.26708   -16.49711 3.94511   1.000 50.50086 ? 322 HOH A O   1 
HETATM 1338 O O   . HOH C 3 .   ? 2.51299   13.93164  1.61785   1.000 41.22126 ? 323 HOH A O   1 
HETATM 1339 O O   . HOH C 3 .   ? 9.98528   -13.53142 -1.21957  1.000 42.84835 ? 324 HOH A O   1 
HETATM 1340 O O   . HOH C 3 .   ? -3.87151  1.41842   -0.70475  1.000 31.39163 ? 325 HOH A O   1 
HETATM 1341 O O   . HOH C 3 .   ? 0.66063   10.85379  11.53904  1.000 46.66883 ? 326 HOH A O   1 
HETATM 1342 O O   . HOH C 3 .   ? -16.72433 -0.93111  -3.27134  1.000 44.98268 ? 327 HOH A O   1 
HETATM 1343 O O   . HOH C 3 .   ? 6.60307   -14.43841 9.09561   1.000 50.49426 ? 328 HOH A O   1 
HETATM 1344 O O   . HOH C 3 .   ? -0.59798  -11.81900 -12.71994 1.000 45.78213 ? 329 HOH A O   1 
HETATM 1345 O O   . HOH C 3 .   ? -18.13469 4.38868   8.67560   1.000 49.54215 ? 330 HOH A O   1 
HETATM 1346 O O   . HOH C 3 .   ? -6.61059  -9.15070  10.14017  1.000 48.16636 ? 331 HOH A O   1 
HETATM 1347 O O   . HOH C 3 .   ? -13.65760 -8.53231  -3.11296  1.000 40.41684 ? 332 HOH A O   1 
HETATM 1348 O O   . HOH C 3 .   ? 17.34155  -10.94613 2.56837   1.000 44.91038 ? 333 HOH A O   1 
HETATM 1349 O O   . HOH C 3 .   ? -2.28996  0.66370   13.30706  1.000 31.07524 ? 334 HOH A O   1 
HETATM 1350 O O   . HOH C 3 .   ? -13.17300 -1.10035  -0.56641  1.000 44.80116 ? 335 HOH A O   1 
HETATM 1351 O O   . HOH C 3 .   ? -7.21045  6.42050   -12.28721 1.000 46.83328 ? 336 HOH A O   1 
HETATM 1352 O O   . HOH C 3 .   ? 12.95953  -2.95671  1.56409   1.000 45.17974 ? 337 HOH A O   1 
HETATM 1353 O O   . HOH C 3 .   ? 6.94816   -7.67940  -2.21419  1.000 33.24254 ? 338 HOH A O   1 
HETATM 1354 O O   . HOH C 3 .   ? -3.85565  -9.79215  10.66977  1.000 40.28992 ? 339 HOH A O   1 
HETATM 1355 O O   . HOH C 3 .   ? 19.86855  4.09796   2.74630   1.000 49.97916 ? 340 HOH A O   1 
HETATM 1356 O O   . HOH C 3 .   ? -6.43407  6.20318   2.42518   1.000 34.10847 ? 341 HOH A O   1 
HETATM 1357 O O   . HOH C 3 .   ? -7.28249  3.85588   13.17018  1.000 43.84437 ? 342 HOH A O   1 
HETATM 1358 O O   . HOH C 3 .   ? -13.70332 0.59324   -10.51520 1.000 42.03168 ? 343 HOH A O   1 
HETATM 1359 O O   . HOH C 3 .   ? -0.83259  -7.18355  -16.51259 1.000 42.26127 ? 344 HOH A O   1 
HETATM 1360 O O   . HOH C 3 .   ? 17.91871  4.85026   8.00727   1.000 57.16751 ? 345 HOH A O   1 
HETATM 1361 O O   . HOH C 3 .   ? -5.07148  14.89582  -7.90922  1.000 50.15887 ? 346 HOH A O   1 
HETATM 1362 O O   . HOH C 3 .   ? -9.82002  -6.39845  11.33941  1.000 40.38102 ? 347 HOH A O   1 
HETATM 1363 O O   . HOH C 3 .   ? -15.68732 6.81683   -5.82738  1.000 53.61235 ? 348 HOH A O   1 
HETATM 1364 O O   . HOH C 3 .   ? -2.34481  3.50317   -2.15707  1.000 38.59743 ? 349 HOH A O   1 
HETATM 1365 O O   . HOH C 3 .   ? -12.47878 -4.61060  -0.70313  1.000 43.58594 ? 350 HOH A O   1 
HETATM 1366 O O   . HOH C 3 .   ? 8.73035   -7.28381  21.68058  1.000 49.22847 ? 351 HOH A O   1 
HETATM 1367 O O   . HOH C 3 .   ? -13.72181 5.38019   16.27676  1.000 54.81833 ? 352 HOH A O   1 
HETATM 1368 O O   . HOH C 3 .   ? -1.43132  7.89359   13.69811  1.000 46.15193 ? 353 HOH A O   1 
HETATM 1369 O O   . HOH C 3 .   ? -10.23090 11.74216  -2.75478  1.000 41.83849 ? 354 HOH A O   1 
HETATM 1370 O O   . HOH C 3 .   ? -9.11164  -11.99802 4.05454   1.000 44.32195 ? 355 HOH A O   1 
HETATM 1371 O O   . HOH C 3 .   ? 3.19532   -11.26254 -10.59555 1.000 49.73494 ? 356 HOH A O   1 
HETATM 1372 O O   . HOH C 3 .   ? -13.82700 4.15523   -4.86317  1.000 48.00834 ? 357 HOH A O   1 
HETATM 1373 O O   . HOH C 3 .   ? -14.20231 1.62913   -3.49685  1.000 50.42886 ? 358 HOH A O   1 
HETATM 1374 O O   . HOH C 3 .   ? -6.51548  -16.76706 -12.50582 1.000 41.85224 ? 359 HOH A O   1 
HETATM 1375 O O   . HOH C 3 .   ? -14.41754 -6.31835  -0.96453  1.000 44.62846 ? 360 HOH A O   1 
HETATM 1376 O O   . HOH C 3 .   ? 12.11336  -2.65574  5.81698   1.000 46.49866 ? 361 HOH A O   1 
HETATM 1377 O O   . HOH C 3 .   ? 12.22946  0.88354   -12.92562 1.000 44.43337 ? 362 HOH A O   1 
# 
